data_6DTK
#
_entry.id   6DTK
#
_cell.length_a   162.699
_cell.length_b   201.671
_cell.length_c   143.834
_cell.angle_alpha   90.00
_cell.angle_beta   90.00
_cell.angle_gamma   90.00
#
_symmetry.space_group_name_H-M   'C 2 2 21'
#
loop_
_entity.id
_entity.type
_entity.pdbx_description
1 polymer 'Superoxide dismutase C111S/D83S-C111S HETERODIMER'
2 non-polymer 'ZINC ION'
3 non-polymer 'COPPER (II) ION'
4 non-polymer 'MALONATE ION'
5 water water
#
_entity_poly.entity_id   1
_entity_poly.type   'polypeptide(L)'
_entity_poly.pdbx_seq_one_letter_code
;MATKAVCVLKGDGPVQGIINFEQKESNGPVKVWGSIKGLTEGLHGFHVHEFGDNTAGCTSAGPHFNPLSRKHGGPKDEER
HVGSLGNVTADKDGVADVSIEDSVISLSGDHSIIGRTLVVHEKADDLGKGGNEESTKTGNAGSRLACGVIGIAQGAAASG
GGGGSGGGGSATKAVCVLKGDGPVQGIINFEQKESNGPVKVWGSIKGLTEGLHGFHVHEFGDNTAGCTSAGPHFNPLSRK
HGGPKDEERHVGSLGNVTADKDGVADVSIEDSVISLSGDHSIIGRTLVVHEKADDLGKGGNEESTKTGNAGSRLACGVIG
IAQ
;
_entity_poly.pdbx_strand_id   A,C,E,G,I
#
loop_
_chem_comp.id
_chem_comp.type
_chem_comp.name
_chem_comp.formula
CU non-polymer 'COPPER (II) ION' 'Cu 2'
MLI non-polymer 'MALONATE ION' 'C3 H2 O4 -2'
ZN non-polymer 'ZINC ION' 'Zn 2'
#
# COMPACT_ATOMS: atom_id res chain seq x y z
N ALA A 2 -4.66 -57.84 -23.70
CA ALA A 2 -3.45 -58.18 -22.89
C ALA A 2 -3.85 -58.59 -21.47
N THR A 3 -2.87 -59.09 -20.70
CA THR A 3 -3.12 -59.52 -19.34
C THR A 3 -2.73 -58.42 -18.36
N LYS A 4 -1.99 -57.39 -18.81
CA LYS A 4 -1.60 -56.26 -17.97
C LYS A 4 -1.74 -54.95 -18.74
N ALA A 5 -2.24 -53.93 -18.02
CA ALA A 5 -2.36 -52.59 -18.56
C ALA A 5 -1.99 -51.60 -17.46
N VAL A 6 -1.79 -50.35 -17.89
CA VAL A 6 -1.34 -49.30 -17.01
C VAL A 6 -1.84 -47.97 -17.57
N CYS A 7 -2.03 -47.02 -16.66
CA CYS A 7 -2.51 -45.71 -16.96
C CYS A 7 -1.75 -44.72 -16.06
N VAL A 8 -1.19 -43.69 -16.69
CA VAL A 8 -0.66 -42.52 -16.01
C VAL A 8 -1.72 -41.41 -16.05
N LEU A 9 -2.22 -41.00 -14.89
CA LEU A 9 -3.23 -39.95 -14.79
C LEU A 9 -2.51 -38.60 -14.61
N LYS A 10 -2.92 -37.62 -15.42
CA LYS A 10 -2.46 -36.24 -15.34
C LYS A 10 -3.66 -35.33 -15.64
N GLY A 11 -3.60 -34.10 -15.12
CA GLY A 11 -4.61 -33.08 -15.46
C GLY A 11 -4.03 -31.68 -15.40
N ASP A 12 -4.92 -30.69 -15.40
CA ASP A 12 -4.56 -29.28 -15.45
C ASP A 12 -4.12 -28.82 -14.06
N GLY A 13 -4.58 -29.52 -13.02
CA GLY A 13 -4.21 -29.26 -11.65
C GLY A 13 -3.15 -30.25 -11.15
N PRO A 14 -3.12 -30.47 -9.81
CA PRO A 14 -2.11 -31.30 -9.17
C PRO A 14 -2.40 -32.81 -9.08
N VAL A 15 -3.55 -33.26 -9.56
CA VAL A 15 -3.90 -34.68 -9.47
C VAL A 15 -3.03 -35.48 -10.45
N GLN A 16 -2.33 -36.48 -9.92
CA GLN A 16 -1.56 -37.39 -10.72
C GLN A 16 -1.46 -38.75 -10.02
N GLY A 17 -1.31 -39.78 -10.85
CA GLY A 17 -1.20 -41.12 -10.36
C GLY A 17 -0.87 -42.11 -11.45
N ILE A 18 -0.63 -43.33 -11.01
CA ILE A 18 -0.41 -44.48 -11.83
C ILE A 18 -1.37 -45.58 -11.36
N ILE A 19 -2.16 -46.12 -12.30
CA ILE A 19 -3.07 -47.21 -12.00
C ILE A 19 -2.70 -48.40 -12.86
N ASN A 20 -2.55 -49.57 -12.21
CA ASN A 20 -2.22 -50.84 -12.85
C ASN A 20 -3.48 -51.70 -12.99
N PHE A 21 -3.52 -52.50 -14.05
CA PHE A 21 -4.58 -53.45 -14.30
C PHE A 21 -3.96 -54.82 -14.61
N GLU A 22 -4.57 -55.88 -14.08
CA GLU A 22 -4.12 -57.24 -14.32
C GLU A 22 -5.33 -58.15 -14.48
N GLN A 23 -5.35 -58.90 -15.59
CA GLN A 23 -6.39 -59.88 -15.88
C GLN A 23 -5.74 -61.19 -16.34
N LYS A 24 -5.61 -62.14 -15.41
CA LYS A 24 -4.90 -63.42 -15.62
C LYS A 24 -5.70 -64.36 -16.54
N GLU A 25 -7.01 -64.49 -16.29
CA GLU A 25 -7.90 -65.31 -17.11
C GLU A 25 -8.64 -64.37 -18.07
N SER A 26 -8.70 -64.75 -19.35
CA SER A 26 -8.93 -63.82 -20.47
C SER A 26 -10.31 -63.14 -20.38
N ASN A 27 -11.27 -63.75 -19.67
CA ASN A 27 -12.51 -63.04 -19.33
C ASN A 27 -12.88 -63.34 -17.88
N GLY A 28 -11.86 -63.35 -17.01
CA GLY A 28 -12.02 -63.29 -15.56
C GLY A 28 -11.99 -61.85 -15.05
N PRO A 29 -11.94 -61.63 -13.72
CA PRO A 29 -12.00 -60.29 -13.16
C PRO A 29 -10.66 -59.54 -13.35
N VAL A 30 -10.74 -58.21 -13.39
CA VAL A 30 -9.58 -57.34 -13.56
C VAL A 30 -9.22 -56.77 -12.18
N LYS A 31 -8.00 -57.04 -11.73
CA LYS A 31 -7.41 -56.39 -10.58
C LYS A 31 -6.98 -54.97 -11.01
N VAL A 32 -7.40 -53.97 -10.24
CA VAL A 32 -7.08 -52.56 -10.48
C VAL A 32 -6.42 -52.00 -9.21
N TRP A 33 -5.19 -51.51 -9.32
CA TRP A 33 -4.51 -51.00 -8.14
C TRP A 33 -3.48 -49.93 -8.49
N GLY A 34 -3.22 -49.06 -7.50
CA GLY A 34 -2.19 -48.07 -7.59
C GLY A 34 -2.47 -46.93 -6.64
N SER A 35 -2.06 -45.74 -7.04
CA SER A 35 -2.02 -44.60 -6.19
C SER A 35 -2.31 -43.33 -7.01
N ILE A 36 -3.18 -42.46 -6.47
CA ILE A 36 -3.43 -41.12 -7.00
C ILE A 36 -3.18 -40.11 -5.88
N LYS A 37 -2.42 -39.05 -6.17
CA LYS A 37 -2.16 -38.00 -5.20
C LYS A 37 -2.70 -36.67 -5.72
N GLY A 38 -2.67 -35.64 -4.87
CA GLY A 38 -3.17 -34.32 -5.19
C GLY A 38 -4.67 -34.19 -5.13
N LEU A 39 -5.34 -35.12 -4.43
CA LEU A 39 -6.81 -35.10 -4.32
C LEU A 39 -7.20 -34.44 -2.99
N THR A 40 -8.42 -33.89 -2.94
CA THR A 40 -9.04 -33.51 -1.67
C THR A 40 -9.43 -34.80 -0.92
N GLU A 41 -9.26 -34.79 0.40
CA GLU A 41 -9.68 -35.89 1.28
C GLU A 41 -11.14 -36.23 0.97
N GLY A 42 -11.45 -37.53 0.90
CA GLY A 42 -12.82 -37.97 0.61
C GLY A 42 -12.92 -38.75 -0.68
N LEU A 43 -14.17 -38.94 -1.12
CA LEU A 43 -14.52 -39.85 -2.21
C LEU A 43 -14.48 -39.10 -3.54
N HIS A 44 -13.97 -39.79 -4.57
CA HIS A 44 -13.85 -39.25 -5.91
C HIS A 44 -14.32 -40.28 -6.93
N GLY A 45 -15.22 -39.87 -7.82
CA GLY A 45 -15.67 -40.70 -8.95
C GLY A 45 -14.48 -41.23 -9.74
N PHE A 46 -14.59 -42.46 -10.26
CA PHE A 46 -13.48 -43.18 -10.86
C PHE A 46 -14.03 -44.07 -11.98
N HIS A 47 -13.83 -43.63 -13.23
CA HIS A 47 -14.53 -44.19 -14.36
C HIS A 47 -13.61 -44.39 -15.55
N VAL A 48 -13.99 -45.35 -16.39
CA VAL A 48 -13.49 -45.48 -17.73
C VAL A 48 -14.45 -44.76 -18.66
N HIS A 49 -13.90 -43.81 -19.41
CA HIS A 49 -14.61 -43.10 -20.44
C HIS A 49 -14.22 -43.70 -21.79
N GLU A 50 -15.05 -43.39 -22.80
CA GLU A 50 -15.14 -44.21 -23.99
C GLU A 50 -13.90 -44.10 -24.88
N PHE A 51 -13.41 -42.87 -25.08
CA PHE A 51 -12.33 -42.59 -26.03
C PHE A 51 -11.03 -42.31 -25.27
N GLY A 52 -9.92 -42.85 -25.80
CA GLY A 52 -8.57 -42.49 -25.39
C GLY A 52 -8.08 -41.28 -26.18
N ASP A 53 -8.91 -40.23 -26.20
CA ASP A 53 -8.65 -39.02 -26.89
C ASP A 53 -8.47 -37.92 -25.86
N ASN A 54 -7.22 -37.46 -25.71
CA ASN A 54 -6.83 -36.46 -24.73
C ASN A 54 -6.38 -35.19 -25.46
N THR A 55 -6.88 -34.98 -26.68
CA THR A 55 -6.50 -33.83 -27.48
C THR A 55 -7.17 -32.55 -26.96
N ALA A 56 -8.22 -32.67 -26.15
CA ALA A 56 -8.83 -31.55 -25.42
C ALA A 56 -8.92 -31.91 -23.94
N GLY A 57 -7.78 -32.18 -23.32
CA GLY A 57 -7.71 -32.67 -21.96
C GLY A 57 -8.60 -33.88 -21.74
N CYS A 58 -9.31 -33.91 -20.62
CA CYS A 58 -10.14 -35.02 -20.24
C CYS A 58 -11.51 -34.94 -20.94
N THR A 59 -11.86 -33.77 -21.50
CA THR A 59 -13.18 -33.56 -22.12
C THR A 59 -13.36 -34.44 -23.35
N SER A 60 -12.29 -34.61 -24.12
CA SER A 60 -12.36 -35.34 -25.38
C SER A 60 -12.45 -36.86 -25.15
N ALA A 61 -12.32 -37.31 -23.90
CA ALA A 61 -12.58 -38.72 -23.53
C ALA A 61 -14.05 -39.13 -23.73
N GLY A 62 -14.95 -38.16 -23.95
CA GLY A 62 -16.37 -38.43 -24.14
C GLY A 62 -17.03 -38.98 -22.88
N PRO A 63 -18.16 -39.71 -23.03
CA PRO A 63 -18.93 -40.18 -21.88
C PRO A 63 -18.35 -41.46 -21.29
N HIS A 64 -19.00 -41.99 -20.26
CA HIS A 64 -18.62 -43.27 -19.67
C HIS A 64 -18.64 -44.37 -20.75
N PHE A 65 -17.69 -45.29 -20.66
CA PHE A 65 -17.66 -46.45 -21.55
C PHE A 65 -18.87 -47.34 -21.23
N ASN A 66 -19.75 -47.53 -22.23
CA ASN A 66 -21.11 -48.06 -22.03
C ASN A 66 -21.61 -48.76 -23.30
N PRO A 67 -20.99 -49.88 -23.72
CA PRO A 67 -21.42 -50.55 -24.94
C PRO A 67 -22.89 -51.03 -24.88
N LEU A 68 -23.39 -51.31 -23.67
CA LEU A 68 -24.74 -51.91 -23.46
C LEU A 68 -25.87 -50.88 -23.44
N SER A 69 -25.56 -49.57 -23.50
CA SER A 69 -26.57 -48.49 -23.45
C SER A 69 -27.48 -48.66 -22.21
N ARG A 70 -26.88 -48.99 -21.06
CA ARG A 70 -27.59 -49.05 -19.77
C ARG A 70 -27.46 -47.72 -19.03
N LYS A 71 -28.23 -47.56 -17.95
CA LYS A 71 -28.12 -46.37 -17.08
C LYS A 71 -26.89 -46.54 -16.18
N HIS A 72 -26.33 -45.40 -15.75
CA HIS A 72 -25.17 -45.35 -14.84
C HIS A 72 -25.52 -46.07 -13.53
N GLY A 73 -24.55 -46.84 -13.01
CA GLY A 73 -24.67 -47.50 -11.72
C GLY A 73 -23.33 -47.58 -11.02
N GLY A 74 -23.32 -48.22 -9.84
CA GLY A 74 -22.08 -48.57 -9.17
C GLY A 74 -21.51 -49.86 -9.75
N PRO A 75 -20.30 -50.28 -9.33
CA PRO A 75 -19.68 -51.52 -9.85
C PRO A 75 -20.51 -52.79 -9.57
N LYS A 76 -20.58 -53.23 -8.31
CA LYS A 76 -21.26 -54.47 -7.93
C LYS A 76 -22.78 -54.22 -7.95
N ASP A 77 -23.34 -54.15 -9.17
CA ASP A 77 -24.68 -53.61 -9.43
C ASP A 77 -25.02 -53.84 -10.91
N GLU A 78 -26.18 -54.45 -11.16
CA GLU A 78 -26.52 -55.08 -12.45
C GLU A 78 -26.73 -54.01 -13.54
N GLU A 79 -27.51 -52.96 -13.24
CA GLU A 79 -27.67 -51.81 -14.15
C GLU A 79 -26.57 -50.77 -13.89
N ARG A 80 -25.56 -50.78 -14.77
CA ARG A 80 -24.41 -49.87 -14.70
C ARG A 80 -23.83 -49.70 -16.11
N HIS A 81 -22.87 -48.77 -16.24
CA HIS A 81 -22.00 -48.67 -17.42
C HIS A 81 -20.85 -49.68 -17.23
N VAL A 82 -20.29 -50.15 -18.34
CA VAL A 82 -19.10 -50.98 -18.21
C VAL A 82 -18.05 -50.18 -17.43
N GLY A 83 -17.93 -48.88 -17.73
CA GLY A 83 -16.88 -47.99 -17.16
C GLY A 83 -17.15 -47.43 -15.77
N SER A 84 -18.24 -47.84 -15.11
CA SER A 84 -18.57 -47.40 -13.74
C SER A 84 -17.76 -48.18 -12.72
N ASP A 84 -18.19 -47.91 -15.08
CA ASP A 84 -18.56 -47.41 -13.77
C ASP A 84 -17.78 -48.17 -12.68
N LEU A 85 -16.61 -47.64 -12.30
CA LEU A 85 -15.76 -48.31 -11.29
C LEU A 85 -16.00 -47.74 -9.88
N GLY A 86 -17.02 -46.90 -9.69
CA GLY A 86 -17.37 -46.44 -8.34
C GLY A 86 -16.48 -45.29 -7.89
N ASN A 87 -16.00 -45.36 -6.65
CA ASN A 87 -15.33 -44.26 -5.99
C ASN A 87 -14.00 -44.72 -5.44
N VAL A 88 -13.00 -43.83 -5.49
CA VAL A 88 -11.79 -43.99 -4.72
C VAL A 88 -11.86 -42.99 -3.56
N THR A 89 -11.13 -43.30 -2.49
CA THR A 89 -11.10 -42.52 -1.26
C THR A 89 -9.70 -41.97 -1.04
N ALA A 90 -9.59 -40.65 -1.02
CA ALA A 90 -8.33 -40.01 -0.70
C ALA A 90 -8.30 -39.76 0.80
N ASP A 91 -7.16 -40.07 1.41
CA ASP A 91 -6.86 -39.89 2.82
C ASP A 91 -6.54 -38.41 3.08
N LYS A 92 -6.13 -38.10 4.31
CA LYS A 92 -5.85 -36.73 4.72
C LYS A 92 -4.56 -36.19 4.05
N ASP A 93 -3.72 -37.05 3.46
CA ASP A 93 -2.54 -36.58 2.70
C ASP A 93 -2.90 -36.35 1.23
N GLY A 94 -4.19 -36.45 0.89
CA GLY A 94 -4.66 -36.30 -0.48
C GLY A 94 -4.32 -37.48 -1.38
N VAL A 95 -4.05 -38.65 -0.77
CA VAL A 95 -3.64 -39.84 -1.50
C VAL A 95 -4.77 -40.88 -1.47
N ALA A 96 -5.14 -41.38 -2.66
CA ALA A 96 -6.06 -42.49 -2.82
C ALA A 96 -5.26 -43.73 -3.21
N ASP A 97 -5.21 -44.70 -2.28
CA ASP A 97 -4.62 -46.00 -2.57
C ASP A 97 -5.74 -46.87 -3.14
N VAL A 98 -5.59 -47.27 -4.40
CA VAL A 98 -6.66 -47.94 -5.13
C VAL A 98 -6.39 -49.45 -5.08
N SER A 99 -7.44 -50.21 -4.79
CA SER A 99 -7.44 -51.67 -4.82
C SER A 99 -8.86 -52.15 -5.12
N ILE A 100 -9.08 -52.49 -6.38
CA ILE A 100 -10.37 -52.85 -6.92
C ILE A 100 -10.21 -54.21 -7.60
N GLU A 101 -11.30 -54.95 -7.60
CA GLU A 101 -11.47 -56.09 -8.44
C GLU A 101 -12.82 -55.91 -9.13
N ASP A 102 -12.83 -56.01 -10.46
CA ASP A 102 -14.04 -55.77 -11.21
C ASP A 102 -14.15 -56.81 -12.31
N SER A 103 -15.38 -57.32 -12.50
CA SER A 103 -15.69 -58.42 -13.42
C SER A 103 -16.31 -57.91 -14.72
N VAL A 104 -16.78 -56.66 -14.75
CA VAL A 104 -17.48 -56.12 -15.90
C VAL A 104 -16.51 -55.54 -16.94
N ILE A 105 -15.45 -54.85 -16.48
CA ILE A 105 -14.41 -54.36 -17.39
C ILE A 105 -13.57 -55.56 -17.81
N SER A 106 -12.95 -55.48 -19.00
CA SER A 106 -11.94 -56.45 -19.40
C SER A 106 -10.73 -55.75 -20.04
N LEU A 107 -9.63 -56.49 -20.18
CA LEU A 107 -8.46 -56.08 -20.94
C LEU A 107 -8.44 -56.74 -22.33
N SER A 108 -9.53 -57.43 -22.69
CA SER A 108 -9.67 -58.02 -24.02
C SER A 108 -11.15 -58.15 -24.35
N GLY A 109 -11.44 -58.26 -25.65
CA GLY A 109 -12.78 -58.38 -26.21
C GLY A 109 -13.38 -57.01 -26.51
N ASP A 110 -14.65 -57.01 -26.94
CA ASP A 110 -15.33 -55.75 -27.31
C ASP A 110 -15.61 -54.89 -26.07
N HIS A 111 -15.49 -55.48 -24.86
CA HIS A 111 -15.56 -54.79 -23.54
C HIS A 111 -14.18 -54.40 -22.97
N SER A 112 -13.16 -54.39 -23.82
CA SER A 112 -11.80 -54.04 -23.41
C SER A 112 -11.72 -52.53 -23.14
N ILE A 113 -11.04 -52.17 -22.05
CA ILE A 113 -10.77 -50.78 -21.71
C ILE A 113 -9.40 -50.31 -22.25
N ILE A 114 -8.66 -51.18 -22.95
CA ILE A 114 -7.38 -50.80 -23.55
C ILE A 114 -7.64 -49.75 -24.62
N GLY A 115 -6.90 -48.63 -24.58
CA GLY A 115 -7.04 -47.55 -25.54
C GLY A 115 -8.17 -46.59 -25.20
N ARG A 116 -8.81 -46.78 -24.05
CA ARG A 116 -9.83 -45.87 -23.54
C ARG A 116 -9.19 -45.01 -22.43
N THR A 117 -9.96 -44.10 -21.81
CA THR A 117 -9.44 -43.16 -20.80
C THR A 117 -9.97 -43.49 -19.41
N LEU A 118 -9.06 -43.58 -18.44
CA LEU A 118 -9.39 -43.60 -17.03
C LEU A 118 -9.47 -42.15 -16.53
N VAL A 119 -10.54 -41.82 -15.80
CA VAL A 119 -10.80 -40.49 -15.27
C VAL A 119 -11.03 -40.56 -13.76
N VAL A 120 -10.41 -39.63 -13.03
CA VAL A 120 -10.77 -39.39 -11.66
C VAL A 120 -11.44 -38.02 -11.57
N HIS A 121 -12.54 -37.96 -10.79
CA HIS A 121 -13.47 -36.84 -10.76
C HIS A 121 -13.32 -36.03 -9.47
N GLU A 122 -13.85 -34.81 -9.55
CA GLU A 122 -13.84 -33.82 -8.48
C GLU A 122 -14.63 -34.35 -7.27
N LYS A 123 -15.80 -34.94 -7.52
CA LYS A 123 -16.74 -35.27 -6.47
C LYS A 123 -17.02 -36.77 -6.46
N ALA A 124 -17.73 -37.21 -5.42
CA ALA A 124 -18.13 -38.60 -5.28
C ALA A 124 -19.14 -38.95 -6.39
N ASP A 125 -19.04 -40.18 -6.87
CA ASP A 125 -20.02 -40.79 -7.70
C ASP A 125 -21.15 -41.26 -6.78
N ASP A 126 -22.37 -40.75 -6.99
CA ASP A 126 -23.55 -41.15 -6.17
C ASP A 126 -24.04 -42.55 -6.57
N LEU A 127 -23.46 -43.12 -7.65
CA LEU A 127 -23.66 -44.51 -8.12
C LEU A 127 -25.06 -44.70 -8.72
N GLY A 128 -25.69 -43.62 -9.21
CA GLY A 128 -26.97 -43.67 -9.93
C GLY A 128 -28.20 -43.44 -9.06
N LYS A 129 -28.02 -43.26 -7.74
CA LYS A 129 -29.14 -43.19 -6.77
C LYS A 129 -29.37 -41.75 -6.30
N GLY A 130 -29.15 -40.78 -7.20
CA GLY A 130 -29.40 -39.36 -6.95
C GLY A 130 -30.83 -38.96 -7.23
N GLY A 131 -31.57 -39.81 -7.96
CA GLY A 131 -32.97 -39.59 -8.30
C GLY A 131 -33.13 -38.88 -9.64
N ASN A 132 -32.38 -37.78 -9.80
CA ASN A 132 -32.40 -36.92 -11.00
C ASN A 132 -31.78 -37.65 -12.22
N GLU A 133 -31.75 -36.94 -13.36
CA GLU A 133 -31.34 -37.48 -14.66
C GLU A 133 -29.81 -37.56 -14.75
N GLU A 134 -29.12 -36.50 -14.30
CA GLU A 134 -27.66 -36.40 -14.30
C GLU A 134 -27.03 -37.61 -13.57
N SER A 135 -27.70 -38.08 -12.51
CA SER A 135 -27.25 -39.23 -11.70
C SER A 135 -27.17 -40.52 -12.55
N THR A 136 -28.05 -40.65 -13.56
CA THR A 136 -28.13 -41.88 -14.37
C THR A 136 -27.22 -41.78 -15.61
N LYS A 137 -26.30 -40.80 -15.63
CA LYS A 137 -25.37 -40.62 -16.76
C LYS A 137 -23.92 -40.48 -16.24
N THR A 138 -23.69 -39.67 -15.18
CA THR A 138 -22.33 -39.39 -14.64
C THR A 138 -22.20 -39.74 -13.14
N GLY A 139 -23.32 -39.97 -12.45
CA GLY A 139 -23.33 -40.10 -10.98
C GLY A 139 -23.12 -38.78 -10.26
N ASN A 140 -23.33 -37.67 -10.98
CA ASN A 140 -23.13 -36.31 -10.45
C ASN A 140 -21.70 -36.14 -9.92
N ALA A 141 -20.70 -36.69 -10.63
CA ALA A 141 -19.31 -36.81 -10.13
C ALA A 141 -18.49 -35.52 -10.41
N GLY A 142 -19.03 -34.63 -11.25
CA GLY A 142 -18.44 -33.30 -11.46
C GLY A 142 -17.24 -33.33 -12.40
N SER A 143 -16.33 -32.36 -12.21
CA SER A 143 -15.19 -32.11 -13.08
C SER A 143 -14.28 -33.34 -13.18
N ARG A 144 -13.63 -33.45 -14.35
CA ARG A 144 -12.60 -34.42 -14.60
C ARG A 144 -11.24 -33.82 -14.17
N LEU A 145 -10.69 -34.35 -13.08
CA LEU A 145 -9.49 -33.75 -12.46
C LEU A 145 -8.22 -34.23 -13.15
N ALA A 146 -8.23 -35.49 -13.60
CA ALA A 146 -7.08 -36.10 -14.22
C ALA A 146 -7.54 -37.32 -14.99
N CYS A 147 -6.79 -37.64 -16.04
CA CYS A 147 -7.09 -38.75 -16.88
C CYS A 147 -5.82 -39.23 -17.59
N GLY A 148 -5.93 -40.42 -18.19
CA GLY A 148 -4.89 -40.97 -19.01
C GLY A 148 -5.46 -42.06 -19.89
N VAL A 149 -4.77 -42.33 -20.99
CA VAL A 149 -5.11 -43.44 -21.84
C VAL A 149 -4.55 -44.74 -21.21
N ILE A 150 -5.40 -45.77 -21.20
CA ILE A 150 -5.05 -47.09 -20.67
C ILE A 150 -4.24 -47.85 -21.72
N GLY A 151 -2.99 -48.17 -21.37
CA GLY A 151 -2.05 -48.76 -22.30
C GLY A 151 -1.70 -50.19 -21.92
N ILE A 152 -1.21 -50.94 -22.90
CA ILE A 152 -0.72 -52.31 -22.67
C ILE A 152 0.60 -52.21 -21.88
N ALA A 153 0.67 -52.94 -20.77
CA ALA A 153 1.86 -53.01 -19.95
C ALA A 153 2.53 -54.37 -20.15
N GLN A 154 3.80 -54.49 -19.77
CA GLN A 154 4.61 -55.69 -20.03
C GLN A 154 3.95 -56.95 -19.46
N GLY A 155 3.23 -57.67 -20.34
CA GLY A 155 2.64 -58.98 -20.06
C GLY A 155 2.07 -59.57 -21.35
N ALA A 156 0.84 -60.09 -21.26
CA ALA A 156 0.04 -60.66 -22.38
C ALA A 156 0.68 -61.93 -22.91
N GLY A 167 -2.67 -58.67 -27.71
CA GLY A 167 -3.74 -58.10 -26.84
C GLY A 167 -4.10 -56.68 -27.23
N GLY A 168 -5.21 -56.17 -26.68
CA GLY A 168 -5.51 -54.75 -26.72
C GLY A 168 -6.94 -54.43 -27.09
N GLY A 169 -7.11 -53.61 -28.14
CA GLY A 169 -8.40 -52.93 -28.46
C GLY A 169 -8.61 -52.58 -29.94
N SER A 170 -9.79 -52.01 -30.23
CA SER A 170 -10.41 -52.02 -31.57
C SER A 170 -11.17 -50.74 -31.90
N ALA A 171 -10.95 -50.19 -33.10
CA ALA A 171 -11.51 -48.90 -33.54
C ALA A 171 -11.22 -48.66 -35.03
N THR A 172 -11.90 -47.65 -35.61
CA THR A 172 -11.65 -47.17 -36.98
C THR A 172 -10.90 -45.83 -37.01
N LYS A 173 -10.82 -45.12 -35.87
CA LYS A 173 -9.97 -43.90 -35.73
C LYS A 173 -9.26 -43.98 -34.40
N ALA A 174 -8.00 -43.52 -34.37
CA ALA A 174 -7.27 -43.43 -33.13
C ALA A 174 -6.49 -42.12 -33.09
N VAL A 175 -5.96 -41.78 -31.92
CA VAL A 175 -5.28 -40.54 -31.80
C VAL A 175 -4.21 -40.71 -30.73
N CYS A 176 -3.17 -39.89 -30.86
CA CYS A 176 -2.05 -39.94 -29.96
C CYS A 176 -1.60 -38.51 -29.67
N VAL A 177 -1.49 -38.18 -28.39
CA VAL A 177 -0.90 -36.90 -27.96
C VAL A 177 0.55 -37.17 -27.57
N LEU A 178 1.51 -36.66 -28.34
CA LEU A 178 2.93 -36.86 -28.07
C LEU A 178 3.44 -35.75 -27.13
N LYS A 179 4.14 -36.15 -26.07
CA LYS A 179 4.80 -35.25 -25.11
C LYS A 179 6.13 -35.90 -24.69
N GLY A 180 7.09 -35.08 -24.27
CA GLY A 180 8.34 -35.61 -23.69
C GLY A 180 8.95 -34.69 -22.65
N ASP A 181 10.23 -34.94 -22.32
CA ASP A 181 10.99 -34.14 -21.35
C ASP A 181 11.19 -32.72 -21.90
N GLY A 182 11.54 -32.65 -23.18
CA GLY A 182 11.90 -31.43 -23.84
C GLY A 182 10.73 -30.73 -24.50
N PRO A 183 11.00 -29.95 -25.56
CA PRO A 183 9.97 -29.16 -26.24
C PRO A 183 9.15 -29.88 -27.31
N VAL A 184 9.43 -31.15 -27.59
CA VAL A 184 8.71 -31.82 -28.67
C VAL A 184 7.32 -32.17 -28.17
N GLN A 185 6.32 -31.84 -28.98
CA GLN A 185 4.94 -32.19 -28.67
C GLN A 185 4.12 -32.19 -29.95
N GLY A 186 3.05 -32.98 -29.95
CA GLY A 186 2.20 -32.97 -31.10
C GLY A 186 1.04 -33.92 -30.95
N ILE A 187 0.25 -33.97 -32.02
CA ILE A 187 -0.92 -34.78 -32.10
C ILE A 187 -0.90 -35.53 -33.43
N ILE A 188 -1.13 -36.83 -33.33
CA ILE A 188 -1.13 -37.70 -34.51
C ILE A 188 -2.45 -38.46 -34.53
N ASN A 189 -3.08 -38.43 -35.70
CA ASN A 189 -4.35 -39.05 -35.99
C ASN A 189 -4.12 -40.32 -36.81
N PHE A 190 -4.90 -41.35 -36.51
CA PHE A 190 -4.89 -42.61 -37.26
C PHE A 190 -6.32 -42.89 -37.76
N GLU A 191 -6.45 -43.27 -39.04
CA GLU A 191 -7.76 -43.60 -39.62
C GLU A 191 -7.60 -44.86 -40.49
N GLN A 192 -8.47 -45.84 -40.23
CA GLN A 192 -8.53 -47.09 -40.97
C GLN A 192 -10.00 -47.40 -41.33
N LYS A 193 -10.45 -46.91 -42.48
CA LYS A 193 -11.88 -46.94 -42.85
C LYS A 193 -12.33 -48.35 -43.26
N GLU A 194 -11.41 -49.25 -43.65
CA GLU A 194 -11.71 -50.67 -43.85
C GLU A 194 -10.71 -51.51 -43.04
N SER A 195 -11.20 -52.64 -42.51
CA SER A 195 -10.69 -53.26 -41.27
C SER A 195 -9.56 -54.27 -41.52
N ASN A 196 -8.95 -54.24 -42.71
CA ASN A 196 -7.58 -54.69 -42.84
C ASN A 196 -6.92 -53.90 -43.98
N GLY A 197 -7.49 -52.72 -44.26
CA GLY A 197 -6.97 -51.82 -45.25
C GLY A 197 -5.86 -50.97 -44.64
N PRO A 198 -5.33 -49.99 -45.40
CA PRO A 198 -4.26 -49.13 -44.88
C PRO A 198 -4.75 -48.21 -43.75
N VAL A 199 -3.80 -47.85 -42.88
CA VAL A 199 -4.02 -46.84 -41.84
C VAL A 199 -3.38 -45.54 -42.34
N LYS A 200 -4.18 -44.48 -42.43
CA LYS A 200 -3.68 -43.14 -42.71
C LYS A 200 -3.19 -42.57 -41.39
N VAL A 201 -2.03 -41.92 -41.43
CA VAL A 201 -1.40 -41.41 -40.22
C VAL A 201 -1.09 -39.95 -40.51
N TRP A 202 -1.69 -39.03 -39.75
CA TRP A 202 -1.48 -37.62 -40.08
C TRP A 202 -1.55 -36.75 -38.82
N GLY A 203 -0.84 -35.63 -38.86
CA GLY A 203 -0.87 -34.66 -37.78
C GLY A 203 0.37 -33.80 -37.79
N SER A 204 0.67 -33.19 -36.64
CA SER A 204 1.76 -32.25 -36.51
C SER A 204 2.49 -32.51 -35.21
N ILE A 205 3.82 -32.41 -35.29
CA ILE A 205 4.72 -32.47 -34.17
C ILE A 205 5.62 -31.24 -34.26
N LYS A 206 5.79 -30.51 -33.16
CA LYS A 206 6.60 -29.33 -33.19
C LYS A 206 7.73 -29.49 -32.19
N GLY A 207 8.69 -28.55 -32.24
CA GLY A 207 9.79 -28.52 -31.31
C GLY A 207 10.93 -29.44 -31.73
N LEU A 208 10.92 -29.90 -32.99
CA LEU A 208 11.95 -30.82 -33.50
C LEU A 208 13.06 -30.03 -34.17
N THR A 209 14.25 -30.62 -34.25
CA THR A 209 15.31 -30.13 -35.12
C THR A 209 14.93 -30.41 -36.57
N GLU A 210 15.29 -29.48 -37.45
CA GLU A 210 15.05 -29.63 -38.86
C GLU A 210 15.62 -30.96 -39.36
N GLY A 211 14.86 -31.66 -40.20
CA GLY A 211 15.32 -32.88 -40.86
C GLY A 211 14.57 -34.12 -40.40
N LEU A 212 15.24 -35.28 -40.57
CA LEU A 212 14.61 -36.61 -40.42
C LEU A 212 14.61 -37.05 -38.96
N HIS A 213 13.49 -37.63 -38.54
CA HIS A 213 13.30 -38.17 -37.22
C HIS A 213 12.59 -39.52 -37.32
N GLY A 214 13.17 -40.54 -36.66
CA GLY A 214 12.57 -41.87 -36.59
C GLY A 214 11.20 -41.80 -35.92
N PHE A 215 10.29 -42.64 -36.38
CA PHE A 215 8.89 -42.58 -36.03
C PHE A 215 8.36 -44.01 -35.95
N HIS A 216 8.05 -44.50 -34.75
CA HIS A 216 7.70 -45.93 -34.58
C HIS A 216 6.62 -46.13 -33.52
N VAL A 217 5.90 -47.25 -33.67
CA VAL A 217 5.06 -47.76 -32.62
C VAL A 217 5.88 -48.74 -31.79
N HIS A 218 5.94 -48.48 -30.47
CA HIS A 218 6.62 -49.34 -29.50
C HIS A 218 5.58 -50.21 -28.81
N GLU A 219 6.07 -51.28 -28.20
CA GLU A 219 5.22 -52.37 -27.81
C GLU A 219 4.25 -51.99 -26.68
N PHE A 220 4.74 -51.25 -25.66
CA PHE A 220 3.95 -51.02 -24.44
C PHE A 220 3.40 -49.59 -24.44
N GLY A 221 2.13 -49.47 -24.05
CA GLY A 221 1.47 -48.20 -23.76
C GLY A 221 1.73 -47.82 -22.32
N ASP A 222 3.00 -47.92 -21.92
CA ASP A 222 3.44 -47.73 -20.56
C ASP A 222 4.35 -46.49 -20.54
N ASN A 223 3.88 -45.40 -19.95
CA ASN A 223 4.65 -44.17 -19.91
C ASN A 223 4.96 -43.84 -18.44
N THR A 224 5.07 -44.86 -17.60
CA THR A 224 5.26 -44.64 -16.18
C THR A 224 6.65 -44.06 -15.90
N ALA A 225 7.64 -44.39 -16.77
CA ALA A 225 9.00 -43.84 -16.69
C ALA A 225 9.29 -42.99 -17.93
N GLY A 226 8.30 -42.23 -18.40
CA GLY A 226 8.42 -41.53 -19.66
C GLY A 226 8.44 -42.51 -20.82
N CYS A 227 9.13 -42.12 -21.89
CA CYS A 227 9.15 -42.86 -23.14
C CYS A 227 9.94 -44.16 -23.00
N THR A 228 10.83 -44.22 -22.00
CA THR A 228 11.69 -45.41 -21.74
C THR A 228 10.84 -46.66 -21.48
N SER A 229 9.71 -46.50 -20.79
CA SER A 229 8.94 -47.66 -20.35
C SER A 229 8.09 -48.24 -21.50
N ALA A 230 8.10 -47.59 -22.67
CA ALA A 230 7.32 -48.04 -23.84
C ALA A 230 7.92 -49.31 -24.45
N GLY A 231 9.17 -49.61 -24.07
CA GLY A 231 9.84 -50.83 -24.46
C GLY A 231 10.33 -50.75 -25.90
N PRO A 232 10.59 -51.90 -26.56
CA PRO A 232 11.13 -51.90 -27.92
C PRO A 232 10.04 -51.66 -28.97
N HIS A 233 10.43 -51.67 -30.23
CA HIS A 233 9.49 -51.59 -31.33
C HIS A 233 8.47 -52.73 -31.27
N PHE A 234 7.21 -52.41 -31.57
CA PHE A 234 6.17 -53.40 -31.59
C PHE A 234 6.49 -54.41 -32.71
N ASN A 235 6.77 -55.67 -32.32
CA ASN A 235 7.37 -56.63 -33.24
C ASN A 235 6.79 -58.03 -33.00
N PRO A 236 5.49 -58.23 -33.25
CA PRO A 236 4.86 -59.53 -32.95
C PRO A 236 5.38 -60.68 -33.84
N LEU A 237 5.89 -60.39 -35.04
CA LEU A 237 6.39 -61.40 -35.98
C LEU A 237 7.90 -61.67 -35.81
N SER A 238 8.53 -61.07 -34.78
CA SER A 238 9.95 -61.28 -34.45
C SER A 238 10.87 -61.07 -35.67
N ARG A 239 10.68 -59.97 -36.38
CA ARG A 239 11.57 -59.64 -37.48
C ARG A 239 12.59 -58.59 -37.05
N LYS A 240 13.54 -58.35 -37.93
CA LYS A 240 14.49 -57.28 -37.81
C LYS A 240 13.81 -55.97 -38.20
N HIS A 241 14.39 -54.87 -37.71
CA HIS A 241 13.95 -53.51 -38.01
C HIS A 241 14.17 -53.21 -39.49
N GLY A 242 13.21 -52.54 -40.11
CA GLY A 242 13.37 -52.07 -41.46
C GLY A 242 12.61 -50.78 -41.70
N GLY A 243 12.57 -50.36 -42.96
CA GLY A 243 11.75 -49.28 -43.41
C GLY A 243 10.32 -49.76 -43.62
N PRO A 244 9.33 -48.84 -43.69
CA PRO A 244 7.95 -49.25 -43.88
C PRO A 244 7.69 -50.04 -45.17
N LYS A 245 8.50 -49.82 -46.21
CA LYS A 245 8.31 -50.46 -47.53
C LYS A 245 8.95 -51.84 -47.58
N ASP A 246 9.66 -52.27 -46.53
CA ASP A 246 10.38 -53.54 -46.56
C ASP A 246 9.48 -54.67 -46.06
N GLU A 247 9.78 -55.88 -46.54
CA GLU A 247 9.14 -57.11 -46.07
C GLU A 247 9.66 -57.40 -44.66
N GLU A 248 10.98 -57.30 -44.50
CA GLU A 248 11.62 -57.47 -43.20
C GLU A 248 11.50 -56.13 -42.45
N ARG A 249 10.51 -56.04 -41.56
CA ARG A 249 10.32 -54.87 -40.70
C ARG A 249 9.58 -55.30 -39.45
N HIS A 250 9.65 -54.45 -38.43
CA HIS A 250 8.75 -54.53 -37.29
C HIS A 250 7.38 -54.00 -37.73
N VAL A 251 6.31 -54.49 -37.11
CA VAL A 251 5.00 -53.90 -37.34
C VAL A 251 5.06 -52.39 -37.07
N GLY A 252 5.76 -51.99 -36.00
CA GLY A 252 5.78 -50.57 -35.58
C GLY A 252 6.71 -49.66 -36.39
N SER A 253 7.36 -50.16 -37.44
CA SER A 253 8.43 -49.38 -38.09
C SER A 253 7.88 -48.53 -39.24
N ASP A 253 7.29 -50.19 -37.47
CA ASP A 253 8.28 -49.48 -38.25
C ASP A 253 7.63 -48.55 -39.29
N LEU A 254 7.44 -47.29 -38.90
CA LEU A 254 6.82 -46.34 -39.80
C LEU A 254 7.84 -45.40 -40.49
N GLY A 255 9.13 -45.61 -40.29
CA GLY A 255 10.11 -44.86 -41.04
C GLY A 255 10.45 -43.55 -40.35
N ASN A 256 10.61 -42.51 -41.17
CA ASN A 256 11.01 -41.20 -40.75
C ASN A 256 9.84 -40.22 -40.99
N VAL A 257 9.80 -39.18 -40.16
CA VAL A 257 9.06 -37.94 -40.44
C VAL A 257 10.09 -36.82 -40.55
N THR A 258 9.72 -35.75 -41.27
CA THR A 258 10.60 -34.67 -41.57
C THR A 258 10.07 -33.38 -40.95
N ALA A 259 10.93 -32.74 -40.13
CA ALA A 259 10.69 -31.46 -39.55
C ALA A 259 11.24 -30.39 -40.50
N ASP A 260 10.47 -29.31 -40.69
CA ASP A 260 10.83 -28.19 -41.55
C ASP A 260 11.74 -27.24 -40.75
N LYS A 261 12.13 -26.12 -41.36
CA LYS A 261 13.09 -25.17 -40.73
C LYS A 261 12.50 -24.54 -39.46
N ASP A 262 11.18 -24.61 -39.27
CA ASP A 262 10.52 -24.10 -38.06
C ASP A 262 10.40 -25.17 -36.97
N GLY A 263 10.89 -26.38 -37.25
CA GLY A 263 10.87 -27.48 -36.28
C GLY A 263 9.55 -28.24 -36.29
N VAL A 264 8.78 -28.11 -37.38
CA VAL A 264 7.46 -28.72 -37.46
C VAL A 264 7.49 -29.87 -38.47
N ALA A 265 7.04 -31.04 -38.03
CA ALA A 265 6.82 -32.18 -38.92
C ALA A 265 5.32 -32.31 -39.16
N ASP A 266 4.89 -31.98 -40.38
CA ASP A 266 3.51 -32.22 -40.81
C ASP A 266 3.47 -33.65 -41.36
N VAL A 267 3.15 -34.59 -40.47
CA VAL A 267 3.16 -36.02 -40.77
C VAL A 267 2.02 -36.37 -41.74
N SER A 268 2.39 -37.09 -42.80
CA SER A 268 1.40 -37.66 -43.71
C SER A 268 1.92 -39.00 -44.22
N ILE A 269 1.39 -40.09 -43.66
CA ILE A 269 1.88 -41.44 -43.88
C ILE A 269 0.66 -42.34 -44.12
N GLU A 270 0.86 -43.38 -44.95
CA GLU A 270 -0.13 -44.45 -45.11
C GLU A 270 0.61 -45.79 -44.98
N ASP A 271 0.16 -46.63 -44.06
CA ASP A 271 0.81 -47.89 -43.81
C ASP A 271 -0.24 -49.00 -43.79
N SER A 272 0.11 -50.15 -44.37
CA SER A 272 -0.79 -51.31 -44.44
C SER A 272 -0.34 -52.44 -43.50
N VAL A 273 0.74 -52.25 -42.72
CA VAL A 273 1.18 -53.31 -41.82
C VAL A 273 0.60 -53.09 -40.42
N ILE A 274 0.59 -51.82 -39.97
CA ILE A 274 -0.10 -51.52 -38.74
C ILE A 274 -1.59 -51.68 -38.98
N SER A 275 -2.32 -51.83 -37.88
CA SER A 275 -3.77 -51.93 -37.87
C SER A 275 -4.32 -51.29 -36.58
N LEU A 276 -5.60 -50.88 -36.63
CA LEU A 276 -6.32 -50.43 -35.45
C LEU A 276 -7.22 -51.52 -34.88
N SER A 277 -7.11 -52.75 -35.39
CA SER A 277 -7.76 -53.91 -34.78
C SER A 277 -7.01 -55.19 -35.12
N GLY A 278 -7.36 -56.26 -34.42
CA GLY A 278 -6.72 -57.56 -34.58
C GLY A 278 -5.42 -57.62 -33.82
N ASP A 279 -4.59 -58.62 -34.14
CA ASP A 279 -3.42 -58.91 -33.30
C ASP A 279 -2.26 -57.95 -33.62
N HIS A 280 -2.30 -57.25 -34.75
CA HIS A 280 -1.35 -56.19 -35.08
C HIS A 280 -1.90 -54.80 -34.74
N SER A 281 -2.91 -54.75 -33.88
CA SER A 281 -3.48 -53.48 -33.43
C SER A 281 -2.43 -52.69 -32.62
N ILE A 282 -2.37 -51.39 -32.90
CA ILE A 282 -1.48 -50.45 -32.20
C ILE A 282 -2.24 -49.67 -31.11
N ILE A 283 -3.53 -49.98 -30.91
CA ILE A 283 -4.32 -49.36 -29.85
C ILE A 283 -3.72 -49.79 -28.53
N GLY A 284 -3.44 -48.81 -27.66
CA GLY A 284 -2.94 -49.08 -26.33
C GLY A 284 -1.42 -49.30 -26.31
N ARG A 285 -0.77 -49.04 -27.45
CA ARG A 285 0.70 -49.08 -27.57
C ARG A 285 1.19 -47.63 -27.67
N THR A 286 2.51 -47.42 -27.77
CA THR A 286 3.08 -46.06 -27.69
C THR A 286 3.64 -45.68 -29.06
N LEU A 287 3.30 -44.48 -29.52
CA LEU A 287 3.94 -43.88 -30.64
C LEU A 287 5.12 -43.03 -30.13
N VAL A 288 6.29 -43.17 -30.76
CA VAL A 288 7.52 -42.48 -30.34
C VAL A 288 8.10 -41.71 -31.51
N VAL A 289 8.49 -40.45 -31.28
CA VAL A 289 9.32 -39.76 -32.22
C VAL A 289 10.73 -39.61 -31.63
N HIS A 290 11.73 -39.78 -32.51
CA HIS A 290 13.13 -39.97 -32.12
C HIS A 290 14.01 -38.76 -32.45
N GLU A 291 15.16 -38.73 -31.77
CA GLU A 291 16.21 -37.72 -31.85
C GLU A 291 16.80 -37.63 -33.26
N LYS A 292 17.05 -38.79 -33.87
CA LYS A 292 17.84 -38.91 -35.10
C LYS A 292 17.03 -39.61 -36.20
N ALA A 293 17.54 -39.53 -37.42
CA ALA A 293 17.03 -40.27 -38.57
C ALA A 293 17.08 -41.78 -38.31
N ASP A 294 16.03 -42.46 -38.78
CA ASP A 294 15.95 -43.91 -38.81
C ASP A 294 16.70 -44.34 -40.09
N ASP A 295 17.69 -45.22 -39.95
CA ASP A 295 18.49 -45.71 -41.10
C ASP A 295 17.75 -46.84 -41.84
N LEU A 296 16.56 -47.18 -41.36
CA LEU A 296 15.61 -48.09 -42.00
C LEU A 296 16.24 -49.49 -42.09
N GLY A 297 17.10 -49.77 -41.13
CA GLY A 297 17.72 -51.08 -40.99
C GLY A 297 18.87 -51.30 -41.96
N LYS A 298 19.39 -50.22 -42.56
CA LYS A 298 20.46 -50.29 -43.55
C LYS A 298 21.81 -49.78 -43.01
N GLY A 299 21.96 -49.73 -41.69
CA GLY A 299 23.14 -49.19 -41.06
C GLY A 299 24.28 -50.19 -40.85
N GLY A 300 23.99 -51.49 -41.03
CA GLY A 300 25.03 -52.53 -40.99
C GLY A 300 25.49 -52.90 -39.60
N ASN A 301 24.96 -52.25 -38.56
CA ASN A 301 25.38 -52.57 -37.19
C ASN A 301 24.20 -53.20 -36.48
N GLU A 302 24.46 -53.77 -35.31
CA GLU A 302 23.44 -54.45 -34.55
C GLU A 302 22.28 -53.50 -34.23
N GLU A 303 22.61 -52.25 -33.86
CA GLU A 303 21.62 -51.23 -33.45
C GLU A 303 20.66 -50.95 -34.62
N SER A 304 21.17 -50.94 -35.85
CA SER A 304 20.36 -50.70 -37.04
C SER A 304 19.20 -51.70 -37.11
N THR A 305 19.49 -52.97 -36.77
CA THR A 305 18.54 -54.09 -36.88
C THR A 305 17.50 -54.06 -35.75
N LYS A 306 17.73 -53.20 -34.74
CA LYS A 306 16.81 -53.07 -33.59
C LYS A 306 16.01 -51.76 -33.65
N THR A 307 16.69 -50.63 -33.85
CA THR A 307 16.10 -49.33 -33.66
C THR A 307 16.36 -48.41 -34.84
N GLY A 308 17.12 -48.88 -35.84
CA GLY A 308 17.48 -48.01 -36.94
C GLY A 308 18.46 -46.91 -36.56
N ASN A 309 19.13 -47.01 -35.40
CA ASN A 309 20.09 -45.97 -34.93
C ASN A 309 19.37 -44.61 -34.78
N ALA A 310 18.07 -44.63 -34.46
CA ALA A 310 17.24 -43.38 -34.38
C ALA A 310 17.48 -42.61 -33.06
N GLY A 311 18.20 -43.22 -32.11
CA GLY A 311 18.64 -42.52 -30.92
C GLY A 311 17.49 -42.32 -29.92
N SER A 312 17.56 -41.26 -29.12
CA SER A 312 16.71 -41.17 -27.96
C SER A 312 15.26 -40.81 -28.36
N ARG A 313 14.36 -41.02 -27.40
CA ARG A 313 12.96 -40.84 -27.56
C ARG A 313 12.60 -39.43 -27.08
N LEU A 314 12.29 -38.54 -28.03
CA LEU A 314 12.04 -37.14 -27.71
C LEU A 314 10.64 -36.93 -27.16
N ALA A 315 9.67 -37.68 -27.67
CA ALA A 315 8.31 -37.55 -27.22
C ALA A 315 7.55 -38.81 -27.59
N CYS A 316 6.50 -39.06 -26.81
CA CYS A 316 5.70 -40.21 -27.03
C CYS A 316 4.32 -40.01 -26.42
N GLY A 317 3.43 -40.94 -26.78
CA GLY A 317 2.13 -41.05 -26.14
C GLY A 317 1.45 -42.37 -26.48
N VAL A 318 0.43 -42.66 -25.69
CA VAL A 318 -0.34 -43.87 -25.82
C VAL A 318 -1.42 -43.65 -26.87
N ILE A 319 -1.55 -44.62 -27.78
CA ILE A 319 -2.47 -44.55 -28.91
C ILE A 319 -3.85 -44.98 -28.39
N GLY A 320 -4.80 -44.05 -28.47
CA GLY A 320 -6.12 -44.20 -27.92
C GLY A 320 -7.18 -44.28 -29.00
N ILE A 321 -8.28 -44.96 -28.66
CA ILE A 321 -9.47 -45.00 -29.51
C ILE A 321 -10.06 -43.58 -29.60
N ALA A 322 -10.27 -43.13 -30.85
CA ALA A 322 -10.83 -41.83 -31.15
C ALA A 322 -12.27 -41.90 -31.70
N GLN A 323 -12.58 -42.98 -32.44
CA GLN A 323 -13.62 -43.00 -33.52
C GLN A 323 -15.01 -42.65 -33.00
N ALA B 2 -6.81 28.48 -0.56
CA ALA B 2 -5.32 28.57 -0.80
C ALA B 2 -4.60 27.33 -0.24
N THR B 3 -3.31 27.22 -0.59
CA THR B 3 -2.44 26.09 -0.29
C THR B 3 -1.54 26.40 0.92
N LYS B 4 -1.23 27.69 1.10
CA LYS B 4 -0.50 28.20 2.24
C LYS B 4 -1.27 29.40 2.81
N ALA B 5 -1.24 29.53 4.13
CA ALA B 5 -1.76 30.71 4.82
C ALA B 5 -0.82 31.06 5.97
N VAL B 6 -0.99 32.27 6.50
CA VAL B 6 -0.17 32.78 7.56
C VAL B 6 -1.01 33.73 8.42
N CYS B 7 -0.61 33.84 9.68
CA CYS B 7 -1.31 34.67 10.61
C CYS B 7 -0.27 35.34 11.50
N VAL B 8 -0.37 36.66 11.61
CA VAL B 8 0.42 37.43 12.53
C VAL B 8 -0.44 37.74 13.75
N LEU B 9 -0.04 37.22 14.92
CA LEU B 9 -0.80 37.36 16.17
C LEU B 9 -0.23 38.53 16.95
N LYS B 10 -1.12 39.48 17.32
CA LYS B 10 -0.77 40.65 18.13
C LYS B 10 -1.85 40.88 19.18
N GLY B 11 -1.50 41.64 20.22
CA GLY B 11 -2.46 41.99 21.26
C GLY B 11 -2.11 43.26 21.98
N ASP B 12 -2.99 43.64 22.92
CA ASP B 12 -2.77 44.73 23.86
C ASP B 12 -1.44 44.50 24.59
N GLY B 13 -1.30 43.29 25.16
CA GLY B 13 -0.14 42.88 25.95
C GLY B 13 1.08 42.62 25.08
N PRO B 14 2.10 41.92 25.61
CA PRO B 14 3.32 41.65 24.85
C PRO B 14 3.28 40.35 24.03
N VAL B 15 2.11 39.70 23.96
CA VAL B 15 1.95 38.46 23.19
C VAL B 15 2.01 38.77 21.69
N GLN B 16 2.95 38.16 20.99
CA GLN B 16 3.00 38.22 19.52
C GLN B 16 3.53 36.90 18.96
N GLY B 17 3.12 36.57 17.73
CA GLY B 17 3.61 35.40 17.05
C GLY B 17 3.32 35.40 15.57
N ILE B 18 3.87 34.41 14.88
CA ILE B 18 3.55 34.11 13.52
C ILE B 18 3.24 32.62 13.44
N ILE B 19 2.11 32.31 12.82
CA ILE B 19 1.66 30.96 12.63
C ILE B 19 1.41 30.75 11.13
N ASN B 20 1.96 29.66 10.61
CA ASN B 20 1.86 29.25 9.23
C ASN B 20 0.89 28.07 9.10
N PHE B 21 0.25 27.98 7.93
CA PHE B 21 -0.63 26.90 7.56
C PHE B 21 -0.22 26.40 6.18
N GLU B 22 -0.37 25.08 5.97
CA GLU B 22 -0.10 24.52 4.68
C GLU B 22 -0.97 23.28 4.47
N GLN B 23 -1.51 23.17 3.25
CA GLN B 23 -2.42 22.10 2.87
C GLN B 23 -2.16 21.75 1.40
N LYS B 24 -1.65 20.53 1.16
CA LYS B 24 -1.21 20.08 -0.16
C LYS B 24 -2.41 19.90 -1.10
N GLU B 25 -3.54 19.39 -0.57
CA GLU B 25 -4.82 19.53 -1.26
C GLU B 25 -5.97 19.42 -0.25
N SER B 26 -7.18 19.75 -0.74
CA SER B 26 -8.32 20.17 0.07
C SER B 26 -8.91 19.00 0.87
N ASN B 27 -8.69 17.78 0.41
CA ASN B 27 -8.99 16.60 1.21
C ASN B 27 -8.02 16.56 2.41
N GLY B 28 -6.73 16.85 2.13
CA GLY B 28 -5.60 16.58 3.02
C GLY B 28 -5.67 17.35 4.34
N PRO B 29 -4.90 16.91 5.36
CA PRO B 29 -4.79 17.66 6.61
C PRO B 29 -3.99 18.98 6.42
N VAL B 30 -4.12 19.87 7.40
CA VAL B 30 -3.47 21.17 7.41
C VAL B 30 -2.36 21.15 8.46
N LYS B 31 -1.12 21.38 8.00
CA LYS B 31 0.03 21.61 8.86
C LYS B 31 -0.02 23.04 9.41
N VAL B 32 0.09 23.16 10.73
CA VAL B 32 0.05 24.42 11.46
C VAL B 32 1.33 24.54 12.30
N TRP B 33 2.14 25.57 12.05
CA TRP B 33 3.37 25.68 12.79
C TRP B 33 3.85 27.12 12.88
N GLY B 34 4.63 27.37 13.93
CA GLY B 34 5.28 28.63 14.13
C GLY B 34 5.55 28.86 15.59
N SER B 35 5.49 30.12 16.02
CA SER B 35 5.97 30.48 17.33
C SER B 35 5.17 31.68 17.85
N ILE B 36 4.87 31.63 19.15
CA ILE B 36 4.21 32.71 19.89
C ILE B 36 5.07 33.00 21.12
N LYS B 37 5.42 34.27 21.32
CA LYS B 37 6.22 34.68 22.46
C LYS B 37 5.42 35.64 23.33
N GLY B 38 5.99 35.99 24.49
CA GLY B 38 5.38 36.86 25.49
C GLY B 38 4.23 36.21 26.25
N LEU B 39 4.16 34.88 26.28
CA LEU B 39 3.09 34.18 27.03
C LEU B 39 3.54 33.90 28.47
N THR B 40 2.57 33.68 29.36
CA THR B 40 2.84 33.06 30.65
C THR B 40 3.12 31.57 30.44
N GLU B 41 4.06 31.01 31.22
CA GLU B 41 4.31 29.57 31.30
C GLU B 41 3.01 28.77 31.25
N GLY B 42 2.94 27.74 30.40
CA GLY B 42 1.89 26.72 30.52
C GLY B 42 1.01 26.66 29.30
N LEU B 43 -0.15 25.98 29.46
CA LEU B 43 -1.04 25.71 28.35
C LEU B 43 -1.89 26.98 28.07
N HIS B 44 -2.08 27.29 26.79
CA HIS B 44 -2.96 28.38 26.34
C HIS B 44 -3.88 27.87 25.24
N GLY B 45 -5.19 28.10 25.42
CA GLY B 45 -6.16 27.79 24.39
C GLY B 45 -5.79 28.47 23.08
N PHE B 46 -6.11 27.78 21.98
CA PHE B 46 -5.63 28.12 20.67
C PHE B 46 -6.71 27.67 19.68
N HIS B 47 -7.48 28.64 19.14
CA HIS B 47 -8.65 28.33 18.31
C HIS B 47 -8.80 29.28 17.12
N VAL B 48 -9.49 28.79 16.10
CA VAL B 48 -9.96 29.61 14.98
C VAL B 48 -11.35 30.14 15.33
N HIS B 49 -11.47 31.47 15.43
CA HIS B 49 -12.77 32.16 15.65
C HIS B 49 -13.44 32.48 14.31
N GLU B 50 -14.77 32.66 14.34
CA GLU B 50 -15.59 32.69 13.13
C GLU B 50 -15.19 33.87 12.21
N PHE B 51 -15.00 35.04 12.80
CA PHE B 51 -14.92 36.30 12.05
C PHE B 51 -13.48 36.83 12.04
N GLY B 52 -13.02 37.23 10.84
CA GLY B 52 -11.76 37.93 10.58
C GLY B 52 -11.88 39.42 10.82
N ASP B 53 -12.47 39.75 11.97
CA ASP B 53 -12.85 41.08 12.34
C ASP B 53 -12.11 41.44 13.62
N ASN B 54 -11.16 42.37 13.52
CA ASN B 54 -10.39 42.79 14.67
C ASN B 54 -10.62 44.28 14.93
N THR B 55 -11.79 44.80 14.51
CA THR B 55 -12.15 46.24 14.69
C THR B 55 -12.11 46.63 16.18
N ALA B 56 -12.64 45.77 17.06
CA ALA B 56 -12.62 45.97 18.53
C ALA B 56 -11.61 45.03 19.20
N GLY B 57 -10.43 44.88 18.59
CA GLY B 57 -9.45 43.87 18.99
C GLY B 57 -9.98 42.47 18.73
N CYS B 58 -9.51 41.51 19.54
CA CYS B 58 -9.85 40.08 19.38
C CYS B 58 -11.32 39.81 19.72
N THR B 59 -11.94 40.67 20.53
CA THR B 59 -13.38 40.54 20.88
C THR B 59 -14.27 40.42 19.63
N SER B 60 -14.00 41.26 18.61
CA SER B 60 -14.84 41.28 17.41
C SER B 60 -14.74 39.97 16.62
N ALA B 61 -13.78 39.09 16.94
CA ALA B 61 -13.59 37.81 16.21
C ALA B 61 -14.79 36.86 16.38
N GLY B 62 -15.60 37.12 17.42
CA GLY B 62 -16.79 36.32 17.71
C GLY B 62 -16.42 35.00 18.38
N PRO B 63 -17.31 33.97 18.25
CA PRO B 63 -17.08 32.66 18.87
C PRO B 63 -16.18 31.75 18.02
N HIS B 64 -15.94 30.54 18.51
CA HIS B 64 -15.15 29.55 17.78
C HIS B 64 -15.82 29.31 16.43
N PHE B 65 -15.04 29.24 15.35
CA PHE B 65 -15.55 28.76 14.08
C PHE B 65 -16.18 27.38 14.30
N ASN B 66 -17.52 27.31 14.11
CA ASN B 66 -18.31 26.16 14.50
C ASN B 66 -19.39 25.93 13.44
N PRO B 67 -19.03 25.64 12.18
CA PRO B 67 -20.02 25.39 11.13
C PRO B 67 -20.83 24.08 11.20
N LEU B 68 -20.74 23.32 12.28
CA LEU B 68 -21.53 22.07 12.44
C LEU B 68 -22.34 22.09 13.76
N SER B 69 -22.40 23.25 14.42
CA SER B 69 -23.33 23.52 15.55
C SER B 69 -23.00 22.67 16.78
N ARG B 70 -21.78 22.11 16.86
CA ARG B 70 -21.39 21.12 17.88
C ARG B 70 -20.89 21.81 19.15
N LYS B 71 -20.66 20.99 20.19
CA LYS B 71 -20.11 21.46 21.48
C LYS B 71 -18.58 21.59 21.34
N HIS B 72 -18.00 22.47 22.16
CA HIS B 72 -16.54 22.65 22.19
C HIS B 72 -15.89 21.33 22.64
N GLY B 73 -14.75 21.01 22.03
CA GLY B 73 -13.91 19.88 22.46
C GLY B 73 -12.44 20.14 22.20
N GLY B 74 -11.63 19.09 22.40
CA GLY B 74 -10.24 19.08 22.01
C GLY B 74 -10.07 18.63 20.57
N PRO B 75 -8.93 18.96 19.91
CA PRO B 75 -8.74 18.63 18.50
C PRO B 75 -9.00 17.15 18.14
N LYS B 76 -8.72 16.22 19.06
CA LYS B 76 -8.82 14.79 18.76
C LYS B 76 -10.26 14.28 18.99
N ASP B 77 -11.11 15.09 19.63
CA ASP B 77 -12.54 14.77 19.84
C ASP B 77 -13.30 14.80 18.51
N GLU B 78 -14.29 13.90 18.39
CA GLU B 78 -15.29 13.91 17.31
C GLU B 78 -16.24 15.09 17.54
N GLU B 79 -16.64 15.29 18.79
CA GLU B 79 -17.46 16.44 19.25
C GLU B 79 -16.54 17.63 19.57
N ARG B 80 -16.26 18.43 18.53
CA ARG B 80 -15.48 19.67 18.61
C ARG B 80 -16.03 20.70 17.62
N HIS B 81 -15.75 21.98 17.88
CA HIS B 81 -15.85 23.03 16.85
C HIS B 81 -14.76 22.79 15.80
N VAL B 82 -14.97 23.24 14.56
CA VAL B 82 -13.93 23.15 13.53
C VAL B 82 -12.68 23.92 14.02
N GLY B 83 -12.92 25.02 14.74
CA GLY B 83 -11.85 25.89 15.21
C GLY B 83 -11.16 25.44 16.50
N SER B 84 -11.49 24.27 17.05
CA SER B 84 -11.00 23.89 18.39
C SER B 84 -9.62 23.22 18.26
N ASP B 84 -11.49 24.23 16.97
CA ASP B 84 -10.99 23.70 18.23
C ASP B 84 -9.62 23.05 18.03
N LEU B 85 -8.54 23.81 18.27
CA LEU B 85 -7.19 23.26 18.01
C LEU B 85 -6.40 23.03 19.32
N GLY B 86 -7.09 23.05 20.46
CA GLY B 86 -6.51 22.61 21.73
C GLY B 86 -5.64 23.66 22.38
N ASN B 87 -4.45 23.22 22.80
CA ASN B 87 -3.55 24.04 23.60
C ASN B 87 -2.19 24.13 22.92
N VAL B 88 -1.55 25.28 23.07
CA VAL B 88 -0.14 25.44 22.83
C VAL B 88 0.49 25.62 24.20
N THR B 89 1.74 25.17 24.33
CA THR B 89 2.45 25.20 25.59
C THR B 89 3.61 26.19 25.52
N ALA B 90 3.57 27.20 26.41
CA ALA B 90 4.64 28.15 26.55
C ALA B 90 5.64 27.61 27.57
N ASP B 91 6.92 27.67 27.21
CA ASP B 91 8.01 27.28 28.08
C ASP B 91 8.23 28.40 29.12
N LYS B 92 9.28 28.22 29.92
CA LYS B 92 9.63 29.07 31.04
C LYS B 92 10.06 30.46 30.56
N ASP B 93 10.40 30.63 29.28
CA ASP B 93 10.76 31.96 28.74
C ASP B 93 9.56 32.64 28.08
N GLY B 94 8.40 31.99 28.07
CA GLY B 94 7.16 32.55 27.53
C GLY B 94 6.95 32.23 26.06
N VAL B 95 7.76 31.31 25.53
CA VAL B 95 7.76 30.93 24.12
C VAL B 95 7.03 29.61 23.95
N ALA B 96 5.98 29.64 23.11
CA ALA B 96 5.32 28.46 22.64
C ALA B 96 5.69 28.25 21.18
N ASP B 97 6.46 27.20 20.90
CA ASP B 97 6.64 26.73 19.53
C ASP B 97 5.42 25.87 19.21
N VAL B 98 4.89 26.05 18.00
CA VAL B 98 3.68 25.41 17.63
C VAL B 98 3.95 24.42 16.49
N SER B 99 3.44 23.20 16.62
CA SER B 99 3.52 22.22 15.57
C SER B 99 2.35 21.24 15.69
N ILE B 100 1.36 21.44 14.84
CA ILE B 100 0.07 20.78 14.88
C ILE B 100 -0.23 20.27 13.47
N GLU B 101 -0.98 19.19 13.39
CA GLU B 101 -1.59 18.79 12.15
C GLU B 101 -3.06 18.49 12.45
N ASP B 102 -3.95 19.00 11.60
CA ASP B 102 -5.39 18.91 11.82
C ASP B 102 -6.08 18.60 10.48
N SER B 103 -7.07 17.71 10.53
CA SER B 103 -7.80 17.23 9.35
C SER B 103 -9.22 17.83 9.31
N VAL B 104 -9.57 18.64 10.31
CA VAL B 104 -10.92 19.23 10.42
C VAL B 104 -10.95 20.62 9.77
N ILE B 105 -10.05 21.52 10.20
CA ILE B 105 -9.85 22.82 9.54
C ILE B 105 -9.44 22.55 8.08
N SER B 106 -9.66 23.55 7.23
CA SER B 106 -9.23 23.50 5.85
C SER B 106 -8.82 24.92 5.44
N LEU B 107 -8.07 25.01 4.34
CA LEU B 107 -7.75 26.29 3.74
C LEU B 107 -8.59 26.50 2.47
N SER B 108 -9.63 25.67 2.28
CA SER B 108 -10.63 25.86 1.22
C SER B 108 -11.92 25.11 1.57
N GLY B 109 -13.00 25.45 0.86
CA GLY B 109 -14.31 24.81 1.01
C GLY B 109 -15.07 25.38 2.20
N ASP B 110 -16.03 24.58 2.70
CA ASP B 110 -17.03 24.99 3.69
C ASP B 110 -16.39 25.17 5.08
N HIS B 111 -15.25 24.49 5.32
CA HIS B 111 -14.53 24.56 6.60
C HIS B 111 -13.31 25.49 6.51
N SER B 112 -13.14 26.22 5.39
CA SER B 112 -11.96 27.09 5.18
C SER B 112 -11.82 28.10 6.33
N ILE B 113 -10.59 28.32 6.79
CA ILE B 113 -10.32 29.26 7.88
C ILE B 113 -9.69 30.55 7.32
N ILE B 114 -9.54 30.62 5.99
CA ILE B 114 -8.99 31.83 5.37
C ILE B 114 -9.98 32.97 5.59
N GLY B 115 -9.44 34.11 6.03
CA GLY B 115 -10.23 35.29 6.35
C GLY B 115 -10.88 35.20 7.73
N ARG B 116 -10.51 34.18 8.53
CA ARG B 116 -11.01 34.08 9.91
C ARG B 116 -9.88 34.49 10.87
N THR B 117 -10.15 34.41 12.18
CA THR B 117 -9.21 34.89 13.17
C THR B 117 -8.62 33.69 13.94
N LEU B 118 -7.31 33.75 14.18
CA LEU B 118 -6.63 32.81 15.04
C LEU B 118 -6.43 33.50 16.39
N VAL B 119 -6.83 32.82 17.48
CA VAL B 119 -6.78 33.41 18.81
C VAL B 119 -5.95 32.50 19.73
N VAL B 120 -5.06 33.11 20.51
CA VAL B 120 -4.37 32.45 21.63
C VAL B 120 -4.90 33.05 22.94
N HIS B 121 -5.27 32.18 23.88
CA HIS B 121 -6.04 32.53 25.07
C HIS B 121 -5.16 32.63 26.31
N GLU B 122 -5.76 33.23 27.36
CA GLU B 122 -5.15 33.56 28.65
C GLU B 122 -4.82 32.27 29.42
N LYS B 123 -5.74 31.31 29.36
CA LYS B 123 -5.76 30.11 30.17
C LYS B 123 -5.77 28.89 29.25
N ALA B 124 -5.58 27.72 29.88
CA ALA B 124 -5.66 26.45 29.22
C ALA B 124 -7.10 26.17 28.79
N ASP B 125 -7.24 25.50 27.66
CA ASP B 125 -8.45 24.93 27.16
C ASP B 125 -8.66 23.59 27.87
N ASP B 126 -9.82 23.41 28.52
CA ASP B 126 -10.13 22.17 29.27
C ASP B 126 -10.69 21.12 28.31
N LEU B 127 -10.81 21.48 27.02
CA LEU B 127 -11.12 20.57 25.91
C LEU B 127 -12.56 20.04 26.03
N GLY B 128 -13.44 20.82 26.67
CA GLY B 128 -14.84 20.47 26.88
C GLY B 128 -15.01 19.38 27.94
N LYS B 129 -14.15 19.41 28.97
CA LYS B 129 -14.03 18.35 30.00
C LYS B 129 -14.26 18.93 31.41
N GLY B 130 -14.59 20.24 31.48
CA GLY B 130 -14.61 20.99 32.72
C GLY B 130 -15.90 20.81 33.51
N GLY B 131 -16.90 20.16 32.90
CA GLY B 131 -18.18 19.84 33.54
C GLY B 131 -19.27 20.82 33.13
N ASN B 132 -19.03 22.11 33.41
CA ASN B 132 -20.00 23.20 33.19
C ASN B 132 -20.26 23.39 31.69
N GLU B 133 -21.17 24.32 31.37
CA GLU B 133 -21.58 24.62 30.00
C GLU B 133 -20.56 25.56 29.34
N GLU B 134 -19.91 26.41 30.15
CA GLU B 134 -18.84 27.30 29.69
C GLU B 134 -17.76 26.47 28.99
N SER B 135 -17.34 25.38 29.64
CA SER B 135 -16.38 24.41 29.10
C SER B 135 -16.80 23.90 27.72
N THR B 136 -18.12 23.79 27.48
CA THR B 136 -18.63 23.25 26.21
C THR B 136 -18.77 24.38 25.18
N LYS B 137 -18.38 25.61 25.54
CA LYS B 137 -18.43 26.78 24.64
C LYS B 137 -17.00 27.22 24.27
N THR B 138 -16.21 27.57 25.30
CA THR B 138 -14.87 28.14 25.13
C THR B 138 -13.79 27.28 25.81
N GLY B 139 -14.18 26.15 26.40
CA GLY B 139 -13.29 25.29 27.21
C GLY B 139 -12.64 26.05 28.36
N ASN B 140 -13.29 27.13 28.82
CA ASN B 140 -12.82 27.95 29.94
C ASN B 140 -11.44 28.57 29.64
N ALA B 141 -11.22 28.95 28.38
CA ALA B 141 -9.90 29.42 27.93
C ALA B 141 -9.62 30.87 28.37
N GLY B 142 -10.67 31.62 28.74
CA GLY B 142 -10.47 32.96 29.34
C GLY B 142 -10.22 34.02 28.28
N SER B 143 -9.47 35.08 28.66
CA SER B 143 -9.24 36.27 27.80
C SER B 143 -8.60 35.87 26.48
N ARG B 144 -8.76 36.78 25.50
CA ARG B 144 -8.09 36.70 24.21
C ARG B 144 -6.82 37.57 24.30
N LEU B 145 -5.66 36.91 24.22
CA LEU B 145 -4.37 37.58 24.51
C LEU B 145 -3.81 38.20 23.22
N ALA B 146 -4.03 37.51 22.11
CA ALA B 146 -3.57 37.94 20.81
C ALA B 146 -4.37 37.21 19.74
N CYS B 147 -4.47 37.87 18.57
CA CYS B 147 -5.17 37.31 17.45
C CYS B 147 -4.64 37.93 16.17
N GLY B 148 -5.05 37.33 15.06
CA GLY B 148 -4.80 37.87 13.76
C GLY B 148 -5.70 37.21 12.76
N VAL B 149 -5.79 37.83 11.58
CA VAL B 149 -6.58 37.30 10.52
C VAL B 149 -5.67 36.36 9.73
N ILE B 150 -6.25 35.22 9.33
CA ILE B 150 -5.56 34.22 8.58
C ILE B 150 -5.63 34.61 7.10
N GLY B 151 -4.48 35.00 6.55
CA GLY B 151 -4.37 35.48 5.18
C GLY B 151 -3.74 34.45 4.26
N ILE B 152 -4.02 34.58 2.96
CA ILE B 152 -3.42 33.76 1.92
C ILE B 152 -1.92 34.09 1.88
N ALA B 153 -1.08 33.03 1.85
CA ALA B 153 0.35 33.20 2.11
C ALA B 153 1.12 33.15 0.80
N GLN B 154 1.99 34.16 0.71
CA GLN B 154 3.18 34.25 -0.09
C GLN B 154 3.50 32.92 -0.78
N GLY B 155 3.67 33.03 -2.11
CA GLY B 155 4.45 32.13 -2.93
C GLY B 155 5.63 32.84 -3.55
N GLY B 167 -8.77 31.11 -4.46
CA GLY B 167 -8.82 31.98 -3.24
C GLY B 167 -8.65 31.18 -1.96
N GLY B 168 -9.77 30.93 -1.28
CA GLY B 168 -9.74 30.32 0.03
C GLY B 168 -11.02 30.63 0.81
N GLY B 169 -11.39 31.92 0.86
CA GLY B 169 -12.51 32.41 1.69
C GLY B 169 -13.67 32.98 0.87
N SER B 170 -14.89 32.88 1.42
CA SER B 170 -16.11 33.44 0.84
C SER B 170 -16.97 34.06 1.95
N ALA B 171 -17.72 35.14 1.63
CA ALA B 171 -18.52 35.91 2.62
C ALA B 171 -19.43 36.95 1.97
N THR B 172 -20.27 37.57 2.80
CA THR B 172 -21.29 38.54 2.41
C THR B 172 -20.85 39.93 2.91
N LYS B 173 -20.18 39.93 4.06
CA LYS B 173 -19.50 41.09 4.60
C LYS B 173 -18.05 40.73 4.90
N ALA B 174 -17.20 41.76 4.88
CA ALA B 174 -15.80 41.64 5.22
C ALA B 174 -15.35 42.96 5.81
N VAL B 175 -14.17 42.95 6.41
CA VAL B 175 -13.65 44.11 7.07
C VAL B 175 -12.13 43.99 7.12
N CYS B 176 -11.46 45.15 7.23
CA CYS B 176 -10.04 45.22 7.21
C CYS B 176 -9.56 46.36 8.11
N VAL B 177 -8.66 46.05 9.04
CA VAL B 177 -8.06 47.07 9.89
C VAL B 177 -6.69 47.41 9.29
N LEU B 178 -6.53 48.65 8.82
CA LEU B 178 -5.28 49.09 8.24
C LEU B 178 -4.37 49.60 9.36
N LYS B 179 -3.13 49.10 9.41
CA LYS B 179 -2.09 49.59 10.33
C LYS B 179 -0.78 49.67 9.55
N GLY B 180 0.09 50.56 10.00
CA GLY B 180 1.42 50.71 9.47
C GLY B 180 2.41 51.11 10.55
N ASP B 181 3.68 51.24 10.17
CA ASP B 181 4.73 51.65 11.09
C ASP B 181 4.52 53.10 11.52
N GLY B 182 3.96 53.94 10.64
CA GLY B 182 3.69 55.35 10.91
C GLY B 182 2.30 55.58 11.51
N PRO B 183 1.74 56.80 11.39
CA PRO B 183 0.46 57.15 12.03
C PRO B 183 -0.79 56.74 11.27
N VAL B 184 -0.63 56.20 10.06
CA VAL B 184 -1.79 55.88 9.23
C VAL B 184 -2.49 54.65 9.80
N GLN B 185 -3.81 54.77 10.02
CA GLN B 185 -4.60 53.63 10.36
C GLN B 185 -6.07 53.88 10.01
N GLY B 186 -6.81 52.78 9.84
CA GLY B 186 -8.20 52.89 9.51
C GLY B 186 -8.92 51.57 9.52
N ILE B 187 -10.20 51.64 9.16
CA ILE B 187 -11.09 50.52 9.06
C ILE B 187 -11.83 50.63 7.74
N ILE B 188 -11.89 49.54 7.00
CA ILE B 188 -12.59 49.51 5.74
C ILE B 188 -13.53 48.31 5.77
N ASN B 189 -14.80 48.57 5.43
CA ASN B 189 -15.83 47.56 5.36
C ASN B 189 -16.10 47.22 3.92
N PHE B 190 -16.54 45.98 3.71
CA PHE B 190 -16.93 45.49 2.43
C PHE B 190 -18.27 44.76 2.60
N GLU B 191 -19.13 44.91 1.59
CA GLU B 191 -20.44 44.27 1.56
C GLU B 191 -20.80 43.91 0.12
N GLN B 192 -21.28 42.70 -0.07
CA GLN B 192 -21.67 42.19 -1.36
C GLN B 192 -22.94 41.37 -1.17
N LYS B 193 -23.96 41.67 -1.99
CA LYS B 193 -25.28 41.06 -1.87
C LYS B 193 -25.35 39.71 -2.60
N GLU B 194 -24.55 39.50 -3.65
CA GLU B 194 -24.62 38.22 -4.35
C GLU B 194 -23.42 37.98 -5.26
N SER B 195 -23.24 36.71 -5.63
CA SER B 195 -22.34 36.23 -6.68
C SER B 195 -22.19 37.31 -7.76
N ASN B 196 -20.94 37.59 -8.14
CA ASN B 196 -20.53 38.85 -8.78
C ASN B 196 -21.74 39.78 -8.98
N GLY B 197 -22.19 40.33 -7.85
CA GLY B 197 -22.83 41.62 -7.77
C GLY B 197 -21.79 42.63 -7.28
N PRO B 198 -22.06 43.95 -7.32
CA PRO B 198 -21.07 44.92 -6.90
C PRO B 198 -20.69 44.73 -5.42
N VAL B 199 -19.48 45.18 -5.07
CA VAL B 199 -19.01 45.22 -3.70
C VAL B 199 -18.91 46.68 -3.26
N LYS B 200 -19.62 47.00 -2.18
CA LYS B 200 -19.55 48.29 -1.52
C LYS B 200 -18.36 48.27 -0.55
N VAL B 201 -17.53 49.31 -0.65
CA VAL B 201 -16.30 49.47 0.10
C VAL B 201 -16.36 50.85 0.76
N TRP B 202 -16.46 50.88 2.08
CA TRP B 202 -16.59 52.13 2.78
C TRP B 202 -15.88 52.05 4.13
N GLY B 203 -15.42 53.20 4.59
CA GLY B 203 -14.85 53.34 5.90
C GLY B 203 -14.03 54.59 5.98
N SER B 204 -13.07 54.62 6.89
CA SER B 204 -12.29 55.79 7.14
C SER B 204 -10.84 55.41 7.46
N ILE B 205 -9.92 56.29 7.03
CA ILE B 205 -8.50 56.16 7.26
C ILE B 205 -8.01 57.52 7.74
N LYS B 206 -7.21 57.54 8.80
CA LYS B 206 -6.67 58.78 9.32
C LYS B 206 -5.15 58.68 9.27
N GLY B 207 -4.51 59.83 9.50
CA GLY B 207 -3.07 59.91 9.60
C GLY B 207 -2.40 60.10 8.26
N LEU B 208 -3.17 60.38 7.21
CA LEU B 208 -2.64 60.54 5.84
C LEU B 208 -2.27 62.00 5.59
N THR B 209 -1.35 62.24 4.67
CA THR B 209 -1.15 63.57 4.08
C THR B 209 -2.35 63.92 3.19
N GLU B 210 -2.69 65.21 3.17
CA GLU B 210 -3.84 65.70 2.41
C GLU B 210 -3.68 65.35 0.93
N GLY B 211 -4.75 64.85 0.32
CA GLY B 211 -4.74 64.56 -1.11
C GLY B 211 -4.97 63.10 -1.41
N LEU B 212 -4.55 62.69 -2.61
CA LEU B 212 -4.87 61.39 -3.22
C LEU B 212 -3.84 60.35 -2.75
N HIS B 213 -4.31 59.13 -2.48
CA HIS B 213 -3.45 57.98 -2.13
C HIS B 213 -3.98 56.73 -2.83
N GLY B 214 -3.08 55.98 -3.49
CA GLY B 214 -3.42 54.72 -4.11
C GLY B 214 -3.96 53.75 -3.07
N PHE B 215 -4.85 52.87 -3.51
CA PHE B 215 -5.68 52.05 -2.63
C PHE B 215 -5.99 50.78 -3.41
N HIS B 216 -5.35 49.67 -3.02
CA HIS B 216 -5.37 48.45 -3.83
C HIS B 216 -5.49 47.19 -2.96
N VAL B 217 -6.05 46.15 -3.57
CA VAL B 217 -5.99 44.83 -2.98
C VAL B 217 -4.74 44.12 -3.54
N HIS B 218 -3.86 43.70 -2.64
CA HIS B 218 -2.63 43.01 -2.99
C HIS B 218 -2.84 41.50 -2.76
N GLU B 219 -1.99 40.69 -3.40
CA GLU B 219 -2.27 39.27 -3.63
C GLU B 219 -2.33 38.48 -2.32
N PHE B 220 -1.41 38.76 -1.39
CA PHE B 220 -1.19 37.90 -0.22
C PHE B 220 -1.64 38.61 1.05
N GLY B 221 -2.36 37.86 1.89
CA GLY B 221 -2.73 38.29 3.26
C GLY B 221 -1.61 37.98 4.25
N ASP B 222 -0.40 38.42 3.87
CA ASP B 222 0.81 38.07 4.59
C ASP B 222 1.46 39.37 5.04
N ASN B 223 1.38 39.66 6.34
CA ASN B 223 1.97 40.86 6.90
C ASN B 223 3.16 40.48 7.82
N THR B 224 3.76 39.31 7.57
CA THR B 224 4.93 38.84 8.39
C THR B 224 6.09 39.84 8.32
N ALA B 225 6.33 40.48 7.17
CA ALA B 225 7.30 41.60 7.09
C ALA B 225 6.57 42.95 6.89
N GLY B 226 5.43 43.13 7.56
CA GLY B 226 4.56 44.28 7.33
C GLY B 226 4.00 44.26 5.90
N CYS B 227 3.82 45.45 5.31
CA CYS B 227 3.03 45.59 4.07
C CYS B 227 3.79 45.03 2.84
N THR B 228 5.12 44.97 2.92
CA THR B 228 5.94 44.41 1.83
C THR B 228 5.57 42.96 1.52
N SER B 229 5.25 42.15 2.54
CA SER B 229 4.98 40.72 2.30
C SER B 229 3.64 40.49 1.59
N ALA B 230 2.85 41.56 1.38
CA ALA B 230 1.55 41.43 0.72
C ALA B 230 1.69 41.08 -0.77
N GLY B 231 2.89 41.30 -1.32
CA GLY B 231 3.18 41.03 -2.73
C GLY B 231 2.61 42.12 -3.63
N PRO B 232 2.42 41.82 -4.94
CA PRO B 232 1.95 42.80 -5.91
C PRO B 232 0.41 42.92 -5.89
N HIS B 233 -0.15 43.69 -6.84
CA HIS B 233 -1.59 43.87 -6.89
C HIS B 233 -2.22 42.51 -7.20
N PHE B 234 -3.37 42.21 -6.58
CA PHE B 234 -4.11 41.02 -6.93
C PHE B 234 -4.50 41.11 -8.40
N ASN B 235 -3.95 40.19 -9.22
CA ASN B 235 -4.03 40.31 -10.67
C ASN B 235 -4.27 38.93 -11.31
N PRO B 236 -5.38 38.23 -10.99
CA PRO B 236 -5.63 36.89 -11.53
C PRO B 236 -5.77 36.79 -13.06
N LEU B 237 -5.97 37.92 -13.76
CA LEU B 237 -6.20 37.89 -15.22
C LEU B 237 -4.98 38.41 -15.99
N SER B 238 -3.85 38.61 -15.30
CA SER B 238 -2.57 39.05 -15.90
C SER B 238 -2.76 40.30 -16.78
N ARG B 239 -3.55 41.26 -16.29
CA ARG B 239 -3.73 42.51 -17.01
C ARG B 239 -2.68 43.52 -16.51
N LYS B 240 -2.54 44.62 -17.24
CA LYS B 240 -1.78 45.79 -16.79
C LYS B 240 -2.62 46.56 -15.77
N HIS B 241 -1.94 47.38 -14.97
CA HIS B 241 -2.57 48.22 -13.97
C HIS B 241 -3.43 49.30 -14.65
N GLY B 242 -4.56 49.64 -14.05
CA GLY B 242 -5.35 50.79 -14.52
C GLY B 242 -6.23 51.30 -13.41
N GLY B 243 -7.09 52.28 -13.72
CA GLY B 243 -8.06 52.76 -12.74
C GLY B 243 -9.25 51.80 -12.66
N PRO B 244 -10.06 51.87 -11.59
CA PRO B 244 -11.16 50.93 -11.44
C PRO B 244 -12.18 50.94 -12.58
N LYS B 245 -12.29 52.08 -13.29
CA LYS B 245 -13.29 52.25 -14.37
C LYS B 245 -12.74 51.76 -15.70
N ASP B 246 -11.44 51.40 -15.77
CA ASP B 246 -10.86 50.88 -17.01
C ASP B 246 -11.18 49.39 -17.16
N GLU B 247 -11.19 48.93 -18.41
CA GLU B 247 -11.30 47.50 -18.72
C GLU B 247 -9.94 46.82 -18.44
N GLU B 248 -8.85 47.45 -18.89
CA GLU B 248 -7.49 47.00 -18.55
C GLU B 248 -7.15 47.50 -17.14
N ARG B 249 -7.40 46.65 -16.14
CA ARG B 249 -7.04 46.88 -14.73
C ARG B 249 -6.74 45.54 -14.04
N HIS B 250 -6.01 45.62 -12.92
CA HIS B 250 -5.89 44.48 -11.99
C HIS B 250 -7.23 44.31 -11.25
N VAL B 251 -7.52 43.10 -10.80
CA VAL B 251 -8.71 42.94 -9.99
C VAL B 251 -8.57 43.87 -8.78
N GLY B 252 -7.35 44.01 -8.25
CA GLY B 252 -7.12 44.79 -7.00
C GLY B 252 -7.00 46.31 -7.16
N SER B 253 -7.09 46.83 -8.39
CA SER B 253 -6.84 48.27 -8.65
C SER B 253 -8.10 49.10 -8.36
N ASP B 253 -7.15 46.80 -8.41
CA ASP B 253 -7.05 48.21 -8.73
C ASP B 253 -8.30 48.96 -8.28
N LEU B 254 -8.24 49.55 -7.10
CA LEU B 254 -9.40 50.29 -6.62
C LEU B 254 -9.16 51.81 -6.67
N GLY B 255 -8.12 52.25 -7.39
CA GLY B 255 -7.92 53.66 -7.65
C GLY B 255 -7.34 54.40 -6.45
N ASN B 256 -7.90 55.57 -6.15
CA ASN B 256 -7.37 56.49 -5.19
C ASN B 256 -8.42 56.73 -4.09
N VAL B 257 -7.93 57.03 -2.88
CA VAL B 257 -8.74 57.61 -1.83
C VAL B 257 -8.22 59.02 -1.58
N THR B 258 -9.05 59.86 -0.94
CA THR B 258 -8.71 61.28 -0.75
C THR B 258 -8.71 61.62 0.73
N ALA B 259 -7.58 62.13 1.21
CA ALA B 259 -7.41 62.63 2.57
C ALA B 259 -7.63 64.15 2.58
N ASP B 260 -8.47 64.60 3.52
CA ASP B 260 -8.74 66.02 3.75
C ASP B 260 -7.55 66.64 4.47
N LYS B 261 -7.68 67.93 4.79
CA LYS B 261 -6.63 68.74 5.45
C LYS B 261 -6.33 68.23 6.87
N ASP B 262 -7.27 67.49 7.49
CA ASP B 262 -7.05 66.82 8.80
C ASP B 262 -6.46 65.41 8.62
N GLY B 263 -5.96 65.10 7.41
CA GLY B 263 -5.39 63.81 7.08
C GLY B 263 -6.37 62.66 7.21
N VAL B 264 -7.66 62.93 7.04
CA VAL B 264 -8.68 61.89 7.11
C VAL B 264 -9.23 61.62 5.71
N ALA B 265 -9.31 60.34 5.35
CA ALA B 265 -9.96 59.88 4.15
C ALA B 265 -11.22 59.11 4.56
N ASP B 266 -12.38 59.66 4.23
CA ASP B 266 -13.61 58.91 4.17
C ASP B 266 -13.55 58.15 2.86
N VAL B 267 -13.89 56.87 2.88
CA VAL B 267 -13.81 56.05 1.72
C VAL B 267 -15.21 55.55 1.40
N SER B 268 -15.58 55.65 0.13
CA SER B 268 -16.80 55.10 -0.35
C SER B 268 -16.66 54.86 -1.85
N ILE B 269 -16.68 53.58 -2.19
CA ILE B 269 -16.38 53.07 -3.49
C ILE B 269 -17.37 51.93 -3.75
N GLU B 270 -17.76 51.75 -5.01
CA GLU B 270 -18.49 50.57 -5.41
C GLU B 270 -17.71 49.95 -6.57
N ASP B 271 -17.44 48.65 -6.50
CA ASP B 271 -16.65 48.00 -7.54
C ASP B 271 -17.27 46.63 -7.81
N SER B 272 -17.27 46.23 -9.08
CA SER B 272 -17.93 45.00 -9.47
C SER B 272 -16.91 43.98 -10.02
N VAL B 273 -15.61 44.32 -9.94
CA VAL B 273 -14.56 43.42 -10.40
C VAL B 273 -14.04 42.59 -9.21
N ILE B 274 -13.79 43.24 -8.09
CA ILE B 274 -13.53 42.50 -6.88
C ILE B 274 -14.79 41.69 -6.57
N SER B 275 -14.60 40.68 -5.72
CA SER B 275 -15.67 39.87 -5.20
C SER B 275 -15.27 39.45 -3.79
N LEU B 276 -16.27 39.03 -3.00
CA LEU B 276 -16.04 38.47 -1.67
C LEU B 276 -16.16 36.94 -1.69
N SER B 277 -16.30 36.35 -2.88
CA SER B 277 -16.27 34.90 -3.04
C SER B 277 -15.84 34.57 -4.48
N GLY B 278 -15.38 33.33 -4.68
CA GLY B 278 -15.00 32.82 -6.01
C GLY B 278 -13.59 33.20 -6.40
N ASP B 279 -13.27 33.02 -7.69
CA ASP B 279 -11.96 33.25 -8.30
C ASP B 279 -11.40 34.64 -7.98
N HIS B 280 -12.28 35.66 -7.87
CA HIS B 280 -11.87 37.03 -7.64
C HIS B 280 -12.04 37.43 -6.17
N SER B 281 -12.27 36.44 -5.27
CA SER B 281 -12.41 36.76 -3.85
C SER B 281 -11.14 37.46 -3.35
N ILE B 282 -11.35 38.47 -2.49
CA ILE B 282 -10.28 39.21 -1.83
C ILE B 282 -10.24 38.83 -0.35
N ILE B 283 -11.10 37.90 0.08
CA ILE B 283 -11.04 37.39 1.44
C ILE B 283 -9.64 36.75 1.63
N GLY B 284 -8.96 37.17 2.71
CA GLY B 284 -7.64 36.66 3.06
C GLY B 284 -6.51 37.34 2.29
N ARG B 285 -6.83 38.35 1.47
CA ARG B 285 -5.80 39.14 0.79
C ARG B 285 -5.55 40.41 1.60
N THR B 286 -4.67 41.28 1.11
CA THR B 286 -4.27 42.49 1.85
C THR B 286 -4.84 43.73 1.16
N LEU B 287 -5.39 44.67 1.95
CA LEU B 287 -5.72 46.00 1.49
C LEU B 287 -4.58 46.94 1.85
N VAL B 288 -4.12 47.74 0.88
CA VAL B 288 -2.99 48.64 1.06
C VAL B 288 -3.40 50.08 0.70
N VAL B 289 -2.97 51.04 1.52
CA VAL B 289 -3.03 52.47 1.18
C VAL B 289 -1.60 52.98 1.00
N HIS B 290 -1.39 53.70 -0.09
CA HIS B 290 -0.08 54.10 -0.54
C HIS B 290 0.23 55.55 -0.17
N GLU B 291 1.52 55.85 -0.29
CA GLU B 291 2.15 57.12 -0.01
C GLU B 291 1.70 58.20 -1.00
N LYS B 292 1.67 57.86 -2.31
CA LYS B 292 1.39 58.84 -3.39
C LYS B 292 0.09 58.45 -4.14
N ALA B 293 -0.38 59.35 -5.01
CA ALA B 293 -1.53 59.09 -5.84
C ALA B 293 -1.20 57.95 -6.81
N ASP B 294 -2.23 57.16 -7.13
CA ASP B 294 -2.23 56.23 -8.20
C ASP B 294 -2.52 56.99 -9.49
N ASP B 295 -1.62 56.87 -10.49
CA ASP B 295 -1.79 57.57 -11.77
C ASP B 295 -2.70 56.79 -12.73
N LEU B 296 -3.27 55.67 -12.28
CA LEU B 296 -4.32 54.91 -13.04
C LEU B 296 -3.77 54.42 -14.38
N GLY B 297 -2.46 54.15 -14.43
CA GLY B 297 -1.84 53.58 -15.59
C GLY B 297 -1.56 54.61 -16.67
N LYS B 298 -1.62 55.91 -16.34
CA LYS B 298 -1.47 56.96 -17.37
C LYS B 298 -0.14 57.74 -17.18
N GLY B 299 0.82 57.13 -16.49
CA GLY B 299 2.05 57.82 -16.11
C GLY B 299 3.12 57.77 -17.18
N GLY B 300 2.94 56.92 -18.19
CA GLY B 300 3.89 56.86 -19.32
C GLY B 300 5.22 56.13 -19.05
N ASN B 301 5.38 55.56 -17.87
CA ASN B 301 6.59 54.75 -17.55
C ASN B 301 6.13 53.33 -17.27
N GLU B 302 7.09 52.39 -17.16
CA GLU B 302 6.75 50.99 -16.93
C GLU B 302 6.03 50.82 -15.60
N GLU B 303 6.50 51.53 -14.57
CA GLU B 303 5.92 51.44 -13.21
C GLU B 303 4.43 51.77 -13.23
N SER B 304 4.01 52.70 -14.11
CA SER B 304 2.60 53.11 -14.18
C SER B 304 1.70 51.89 -14.42
N THR B 305 2.17 50.97 -15.29
CA THR B 305 1.39 49.81 -15.73
C THR B 305 1.45 48.65 -14.71
N LYS B 306 2.16 48.84 -13.59
CA LYS B 306 2.30 47.80 -12.54
C LYS B 306 1.68 48.27 -11.21
N THR B 307 2.06 49.47 -10.76
CA THR B 307 1.62 50.01 -9.47
C THR B 307 0.98 51.41 -9.56
N GLY B 308 0.92 51.99 -10.77
CA GLY B 308 0.45 53.36 -10.97
C GLY B 308 1.31 54.40 -10.26
N ASN B 309 2.58 54.06 -9.96
CA ASN B 309 3.55 54.97 -9.31
C ASN B 309 3.07 55.40 -7.93
N ALA B 310 2.28 54.55 -7.27
CA ALA B 310 1.65 54.87 -5.96
C ALA B 310 2.68 54.93 -4.83
N GLY B 311 3.87 54.37 -5.05
CA GLY B 311 4.95 54.50 -4.05
C GLY B 311 4.75 53.54 -2.88
N SER B 312 5.33 53.91 -1.74
CA SER B 312 5.47 53.00 -0.62
C SER B 312 4.11 52.73 0.01
N ARG B 313 4.05 51.65 0.80
CA ARG B 313 2.84 51.14 1.44
C ARG B 313 2.75 51.71 2.85
N LEU B 314 1.80 52.61 3.11
CA LEU B 314 1.74 53.33 4.39
C LEU B 314 1.07 52.47 5.45
N ALA B 315 0.07 51.71 5.06
CA ALA B 315 -0.65 50.88 5.99
C ALA B 315 -1.37 49.79 5.21
N CYS B 316 -1.69 48.71 5.92
CA CYS B 316 -2.31 47.58 5.31
C CYS B 316 -2.96 46.71 6.37
N GLY B 317 -3.81 45.80 5.91
CA GLY B 317 -4.41 44.81 6.74
C GLY B 317 -4.97 43.69 5.90
N VAL B 318 -5.24 42.57 6.58
CA VAL B 318 -5.76 41.42 5.94
C VAL B 318 -7.29 41.55 5.92
N ILE B 319 -7.90 41.13 4.82
CA ILE B 319 -9.34 41.26 4.63
C ILE B 319 -10.02 40.00 5.16
N GLY B 320 -10.76 40.16 6.27
CA GLY B 320 -11.39 39.07 6.97
C GLY B 320 -12.91 39.06 6.84
N ILE B 321 -13.49 37.92 7.20
CA ILE B 321 -14.92 37.70 7.15
C ILE B 321 -15.55 38.40 8.36
N ALA B 322 -16.64 39.13 8.08
CA ALA B 322 -17.39 39.84 9.11
C ALA B 322 -18.85 39.36 9.10
N GLN B 323 -19.65 39.81 10.07
CA GLN B 323 -21.11 39.89 9.89
C GLN B 323 -21.69 40.88 10.90
N ALA C 2 12.66 21.24 -28.79
CA ALA C 2 13.20 20.52 -29.99
C ALA C 2 13.52 21.49 -31.15
N THR C 3 14.30 21.03 -32.12
CA THR C 3 14.60 21.78 -33.37
C THR C 3 13.70 21.34 -34.52
N LYS C 4 13.12 20.13 -34.42
CA LYS C 4 12.19 19.63 -35.40
C LYS C 4 10.98 19.04 -34.69
N ALA C 5 9.78 19.21 -35.26
CA ALA C 5 8.56 18.63 -34.71
C ALA C 5 7.68 18.20 -35.88
N VAL C 6 6.67 17.41 -35.56
CA VAL C 6 5.77 16.86 -36.55
C VAL C 6 4.42 16.64 -35.89
N CYS C 7 3.36 16.72 -36.70
CA CYS C 7 2.03 16.54 -36.27
C CYS C 7 1.26 15.74 -37.34
N VAL C 8 0.62 14.64 -36.92
CA VAL C 8 -0.27 13.86 -37.79
C VAL C 8 -1.70 14.27 -37.46
N LEU C 9 -2.36 14.90 -38.42
CA LEU C 9 -3.71 15.36 -38.24
C LEU C 9 -4.68 14.24 -38.62
N LYS C 10 -5.63 13.95 -37.72
CA LYS C 10 -6.69 12.99 -37.97
C LYS C 10 -7.97 13.51 -37.34
N GLY C 11 -9.10 13.02 -37.81
CA GLY C 11 -10.38 13.33 -37.19
C GLY C 11 -11.41 12.25 -37.46
N ASP C 12 -12.66 12.59 -37.17
CA ASP C 12 -13.81 11.71 -37.32
C ASP C 12 -14.09 11.43 -38.81
N GLY C 13 -13.79 12.41 -39.66
CA GLY C 13 -14.06 12.39 -41.06
C GLY C 13 -12.84 12.17 -41.91
N PRO C 14 -12.85 12.62 -43.19
CA PRO C 14 -11.77 12.32 -44.12
C PRO C 14 -10.53 13.22 -44.05
N VAL C 15 -10.54 14.21 -43.17
CA VAL C 15 -9.43 15.18 -43.17
C VAL C 15 -8.22 14.52 -42.50
N GLN C 16 -7.10 14.48 -43.23
CA GLN C 16 -5.89 13.88 -42.75
C GLN C 16 -4.72 14.70 -43.28
N GLY C 17 -3.64 14.79 -42.49
CA GLY C 17 -2.46 15.52 -42.94
C GLY C 17 -1.24 15.25 -42.08
N ILE C 18 -0.07 15.66 -42.59
CA ILE C 18 1.16 15.70 -41.84
C ILE C 18 1.75 17.10 -41.95
N ILE C 19 2.00 17.72 -40.80
CA ILE C 19 2.61 19.03 -40.72
C ILE C 19 3.95 18.91 -39.99
N ASN C 20 4.99 19.46 -40.62
CA ASN C 20 6.34 19.51 -40.11
C ASN C 20 6.65 20.91 -39.58
N PHE C 21 7.55 20.97 -38.60
CA PHE C 21 8.01 22.25 -38.02
C PHE C 21 9.52 22.16 -37.88
N GLU C 22 10.20 23.26 -38.14
CA GLU C 22 11.65 23.28 -37.98
C GLU C 22 12.09 24.67 -37.51
N GLN C 23 13.00 24.67 -36.55
CA GLN C 23 13.47 25.87 -35.94
C GLN C 23 14.99 25.75 -35.76
N LYS C 24 15.73 26.59 -36.47
CA LYS C 24 17.19 26.47 -36.58
C LYS C 24 17.86 27.01 -35.31
N GLU C 25 17.37 28.13 -34.78
CA GLU C 25 17.84 28.67 -33.51
C GLU C 25 16.64 28.89 -32.61
N SER C 26 16.87 28.74 -31.30
CA SER C 26 15.84 28.84 -30.27
C SER C 26 15.18 30.23 -30.26
N ASN C 27 15.87 31.27 -30.76
CA ASN C 27 15.29 32.64 -30.81
C ASN C 27 14.99 33.01 -32.26
N GLY C 28 14.92 32.00 -33.11
CA GLY C 28 14.61 32.19 -34.52
C GLY C 28 13.18 31.76 -34.84
N PRO C 29 12.73 32.06 -36.07
CA PRO C 29 11.39 31.67 -36.50
C PRO C 29 11.29 30.15 -36.70
N VAL C 30 10.04 29.68 -36.75
CA VAL C 30 9.69 28.31 -37.04
C VAL C 30 9.11 28.22 -38.45
N LYS C 31 9.69 27.32 -39.25
CA LYS C 31 9.16 26.94 -40.55
C LYS C 31 8.13 25.81 -40.33
N VAL C 32 6.93 26.00 -40.89
CA VAL C 32 5.82 25.06 -40.82
C VAL C 32 5.48 24.63 -42.26
N TRP C 33 5.51 23.33 -42.56
CA TRP C 33 5.15 22.90 -43.91
C TRP C 33 4.61 21.48 -43.92
N GLY C 34 3.82 21.19 -44.95
CA GLY C 34 3.29 19.87 -45.16
C GLY C 34 2.03 19.92 -45.98
N SER C 35 1.15 18.97 -45.76
CA SER C 35 0.03 18.78 -46.63
C SER C 35 -1.15 18.23 -45.83
N ILE C 36 -2.34 18.73 -46.16
CA ILE C 36 -3.59 18.25 -45.58
C ILE C 36 -4.55 17.91 -46.73
N LYS C 37 -5.22 16.77 -46.65
CA LYS C 37 -6.17 16.36 -47.69
C LYS C 37 -7.54 16.11 -47.05
N GLY C 38 -8.56 15.98 -47.91
CA GLY C 38 -9.90 15.69 -47.46
C GLY C 38 -10.70 16.93 -47.10
N LEU C 39 -10.16 18.11 -47.42
CA LEU C 39 -10.77 19.39 -47.08
C LEU C 39 -11.73 19.84 -48.20
N THR C 40 -12.76 20.59 -47.84
CA THR C 40 -13.57 21.27 -48.82
C THR C 40 -12.71 22.38 -49.44
N GLU C 41 -12.88 22.61 -50.75
CA GLU C 41 -12.14 23.63 -51.45
C GLU C 41 -12.31 24.96 -50.72
N GLY C 42 -11.22 25.70 -50.57
CA GLY C 42 -11.27 27.03 -49.97
C GLY C 42 -10.45 27.12 -48.69
N LEU C 43 -10.80 28.10 -47.84
CA LEU C 43 -9.96 28.47 -46.67
C LEU C 43 -10.38 27.70 -45.41
N HIS C 44 -9.38 27.37 -44.60
CA HIS C 44 -9.62 26.64 -43.35
C HIS C 44 -8.71 27.21 -42.28
N GLY C 45 -9.30 27.59 -41.14
CA GLY C 45 -8.58 28.02 -39.99
C GLY C 45 -7.59 26.96 -39.54
N PHE C 46 -6.44 27.42 -39.05
CA PHE C 46 -5.30 26.59 -38.75
C PHE C 46 -4.62 27.15 -37.50
N HIS C 47 -4.78 26.48 -36.37
CA HIS C 47 -4.34 27.04 -35.10
C HIS C 47 -3.67 25.99 -34.22
N VAL C 48 -2.83 26.49 -33.31
CA VAL C 48 -2.36 25.68 -32.20
C VAL C 48 -3.29 25.94 -31.02
N HIS C 49 -3.85 24.86 -30.50
CA HIS C 49 -4.70 24.85 -29.33
C HIS C 49 -3.87 24.44 -28.11
N GLU C 50 -4.35 24.80 -26.94
CA GLU C 50 -3.57 24.82 -25.71
C GLU C 50 -3.14 23.43 -25.26
N PHE C 51 -4.05 22.45 -25.32
CA PHE C 51 -3.78 21.12 -24.74
C PHE C 51 -3.56 20.08 -25.83
N GLY C 52 -2.58 19.20 -25.62
CA GLY C 52 -2.33 18.05 -26.42
C GLY C 52 -3.16 16.87 -25.96
N ASP C 53 -4.45 17.10 -25.77
CA ASP C 53 -5.37 16.18 -25.14
C ASP C 53 -6.40 15.81 -26.19
N ASN C 54 -6.34 14.57 -26.68
CA ASN C 54 -7.24 14.12 -27.73
C ASN C 54 -8.16 13.02 -27.19
N THR C 55 -8.42 13.03 -25.88
CA THR C 55 -9.20 11.98 -25.24
C THR C 55 -10.67 12.04 -25.69
N ALA C 56 -11.19 13.22 -26.04
CA ALA C 56 -12.52 13.32 -26.64
C ALA C 56 -12.39 13.87 -28.07
N GLY C 57 -11.39 13.42 -28.82
CA GLY C 57 -11.11 13.99 -30.12
C GLY C 57 -10.63 15.43 -30.00
N CYS C 58 -10.93 16.24 -31.01
CA CYS C 58 -10.34 17.56 -31.11
C CYS C 58 -10.95 18.50 -30.07
N THR C 59 -12.12 18.17 -29.53
CA THR C 59 -12.82 19.00 -28.50
C THR C 59 -11.96 19.20 -27.26
N SER C 60 -11.24 18.16 -26.84
CA SER C 60 -10.49 18.24 -25.60
C SER C 60 -9.16 19.03 -25.76
N ALA C 61 -8.86 19.55 -26.94
CA ALA C 61 -7.64 20.38 -27.18
C ALA C 61 -7.75 21.76 -26.52
N GLY C 62 -8.96 22.12 -26.10
CA GLY C 62 -9.18 23.40 -25.41
C GLY C 62 -9.17 24.58 -26.38
N PRO C 63 -8.99 25.81 -25.85
CA PRO C 63 -8.97 27.01 -26.69
C PRO C 63 -7.62 27.21 -27.39
N HIS C 64 -7.53 28.30 -28.14
CA HIS C 64 -6.30 28.66 -28.84
C HIS C 64 -5.19 28.84 -27.81
N PHE C 65 -3.97 28.40 -28.15
CA PHE C 65 -2.81 28.61 -27.29
C PHE C 65 -2.53 30.11 -27.22
N ASN C 66 -2.61 30.67 -25.99
CA ASN C 66 -2.69 32.11 -25.79
C ASN C 66 -2.02 32.48 -24.47
N PRO C 67 -0.69 32.25 -24.32
CA PRO C 67 -0.01 32.53 -23.05
C PRO C 67 0.04 34.05 -22.74
N LEU C 68 -0.06 34.92 -23.74
CA LEU C 68 -0.05 36.40 -23.49
C LEU C 68 -1.45 36.98 -23.24
N SER C 69 -2.49 36.14 -23.15
CA SER C 69 -3.90 36.56 -22.90
C SER C 69 -4.30 37.73 -23.83
N ARG C 70 -4.07 37.57 -25.13
CA ARG C 70 -4.45 38.54 -26.15
C ARG C 70 -5.71 38.04 -26.88
N LYS C 71 -6.24 38.90 -27.74
CA LYS C 71 -7.37 38.60 -28.60
C LYS C 71 -6.87 37.91 -29.88
N HIS C 72 -7.75 37.08 -30.45
CA HIS C 72 -7.44 36.33 -31.64
C HIS C 72 -7.13 37.31 -32.76
N GLY C 73 -6.17 36.94 -33.62
CA GLY C 73 -5.93 37.68 -34.82
C GLY C 73 -5.36 36.80 -35.91
N GLY C 74 -4.87 37.45 -36.97
CA GLY C 74 -4.11 36.81 -38.00
C GLY C 74 -2.64 36.72 -37.59
N PRO C 75 -1.87 35.79 -38.20
CA PRO C 75 -0.46 35.58 -37.83
C PRO C 75 0.40 36.85 -37.89
N LYS C 76 0.06 37.79 -38.79
CA LYS C 76 0.87 39.00 -39.01
C LYS C 76 0.42 40.18 -38.12
N ASP C 77 -0.57 39.96 -37.24
CA ASP C 77 -1.03 40.97 -36.29
C ASP C 77 -0.22 40.84 -35.00
N GLU C 78 0.07 41.97 -34.33
CA GLU C 78 0.66 41.93 -32.99
C GLU C 78 -0.39 41.40 -32.01
N GLU C 79 -1.63 41.87 -32.16
CA GLU C 79 -2.73 41.35 -31.34
C GLU C 79 -3.19 40.04 -31.98
N ARG C 80 -2.64 38.94 -31.46
CA ARG C 80 -2.99 37.59 -31.89
C ARG C 80 -2.72 36.63 -30.73
N HIS C 81 -3.29 35.43 -30.81
CA HIS C 81 -2.87 34.35 -29.96
C HIS C 81 -1.55 33.82 -30.50
N VAL C 82 -0.71 33.27 -29.61
CA VAL C 82 0.47 32.60 -30.08
C VAL C 82 0.05 31.53 -31.10
N GLY C 83 -1.10 30.89 -30.87
CA GLY C 83 -1.53 29.75 -31.71
C GLY C 83 -2.18 30.11 -33.04
N SER C 84 -2.38 31.40 -33.34
CA SER C 84 -3.18 31.80 -34.52
C SER C 84 -2.30 31.86 -35.76
N ASP C 84 -2.30 31.42 -33.33
CA ASP C 84 -2.98 31.91 -34.52
C ASP C 84 -2.06 31.78 -35.73
N LEU C 85 -2.32 30.78 -36.56
CA LEU C 85 -1.50 30.61 -37.77
C LEU C 85 -2.30 30.88 -39.05
N GLY C 86 -3.47 31.51 -38.94
CA GLY C 86 -4.21 31.99 -40.10
C GLY C 86 -4.99 30.87 -40.79
N ASN C 87 -4.92 30.87 -42.11
CA ASN C 87 -5.74 30.01 -42.98
C ASN C 87 -4.82 29.19 -43.86
N VAL C 88 -5.22 27.95 -44.14
CA VAL C 88 -4.65 27.17 -45.19
C VAL C 88 -5.70 27.09 -46.30
N THR C 89 -5.25 26.84 -47.53
CA THR C 89 -6.10 26.90 -48.69
C THR C 89 -6.14 25.52 -49.34
N ALA C 90 -7.33 24.92 -49.43
CA ALA C 90 -7.46 23.68 -50.14
C ALA C 90 -7.87 23.98 -51.60
N ASP C 91 -7.23 23.27 -52.52
CA ASP C 91 -7.51 23.31 -53.95
C ASP C 91 -8.79 22.51 -54.23
N LYS C 92 -9.10 22.30 -55.51
CA LYS C 92 -10.37 21.70 -55.90
C LYS C 92 -10.37 20.19 -55.62
N ASP C 93 -9.20 19.57 -55.43
CA ASP C 93 -9.09 18.17 -55.03
C ASP C 93 -9.07 18.01 -53.49
N GLY C 94 -9.25 19.11 -52.77
CA GLY C 94 -9.36 19.10 -51.30
C GLY C 94 -8.00 19.01 -50.61
N VAL C 95 -6.92 19.36 -51.33
CA VAL C 95 -5.54 19.30 -50.82
C VAL C 95 -5.07 20.73 -50.53
N ALA C 96 -4.61 20.95 -49.29
CA ALA C 96 -3.96 22.19 -48.90
C ALA C 96 -2.46 21.94 -48.74
N ASP C 97 -1.65 22.71 -49.48
CA ASP C 97 -0.21 22.71 -49.33
C ASP C 97 0.14 23.83 -48.36
N VAL C 98 0.82 23.48 -47.28
CA VAL C 98 1.10 24.42 -46.20
C VAL C 98 2.59 24.77 -46.26
N SER C 99 2.84 26.08 -46.21
CA SER C 99 4.19 26.61 -46.11
C SER C 99 4.15 27.99 -45.46
N ILE C 100 4.57 28.03 -44.21
CA ILE C 100 4.40 29.17 -43.32
C ILE C 100 5.75 29.35 -42.63
N GLU C 101 6.10 30.60 -42.34
CA GLU C 101 7.15 30.90 -41.39
C GLU C 101 6.50 31.75 -40.29
N ASP C 102 6.78 31.45 -39.03
CA ASP C 102 6.18 32.20 -37.94
C ASP C 102 7.24 32.51 -36.88
N SER C 103 7.21 33.74 -36.35
CA SER C 103 8.18 34.23 -35.37
C SER C 103 7.62 34.30 -33.95
N VAL C 104 6.35 33.93 -33.75
CA VAL C 104 5.72 33.99 -32.44
C VAL C 104 5.68 32.61 -31.79
N ILE C 105 5.28 31.58 -32.52
CA ILE C 105 5.42 30.20 -32.03
C ILE C 105 6.91 29.87 -31.86
N SER C 106 7.18 28.87 -31.02
CA SER C 106 8.52 28.32 -30.83
C SER C 106 8.38 26.82 -30.62
N LEU C 107 9.50 26.11 -30.76
CA LEU C 107 9.59 24.67 -30.45
C LEU C 107 10.30 24.42 -29.11
N SER C 108 10.52 25.49 -28.35
CA SER C 108 11.15 25.45 -27.03
C SER C 108 10.74 26.70 -26.26
N GLY C 109 10.87 26.64 -24.93
CA GLY C 109 10.61 27.72 -24.01
C GLY C 109 9.14 28.12 -23.91
N ASP C 110 8.94 29.40 -23.56
CA ASP C 110 7.63 29.94 -23.19
C ASP C 110 6.54 29.68 -24.24
N HIS C 111 6.88 29.91 -25.50
CA HIS C 111 5.92 29.80 -26.60
C HIS C 111 6.00 28.44 -27.30
N SER C 112 6.64 27.45 -26.65
CA SER C 112 6.78 26.10 -27.21
C SER C 112 5.38 25.53 -27.50
N ILE C 113 5.23 24.98 -28.70
CA ILE C 113 4.00 24.31 -29.08
C ILE C 113 4.15 22.79 -28.95
N ILE C 114 5.30 22.30 -28.49
CA ILE C 114 5.51 20.87 -28.32
C ILE C 114 4.51 20.37 -27.28
N GLY C 115 3.79 19.30 -27.59
CA GLY C 115 2.80 18.75 -26.67
C GLY C 115 1.45 19.42 -26.74
N ARG C 116 1.28 20.42 -27.63
CA ARG C 116 0.00 21.05 -27.82
C ARG C 116 -0.65 20.42 -29.06
N THR C 117 -1.83 20.91 -29.45
CA THR C 117 -2.59 20.30 -30.57
C THR C 117 -2.67 21.29 -31.72
N LEU C 118 -2.31 20.82 -32.92
CA LEU C 118 -2.58 21.55 -34.15
C LEU C 118 -3.98 21.16 -34.63
N VAL C 119 -4.80 22.14 -35.02
CA VAL C 119 -6.19 21.92 -35.43
C VAL C 119 -6.42 22.58 -36.81
N VAL C 120 -7.12 21.88 -37.69
CA VAL C 120 -7.63 22.47 -38.90
C VAL C 120 -9.17 22.50 -38.83
N HIS C 121 -9.74 23.65 -39.19
CA HIS C 121 -11.12 23.99 -38.91
C HIS C 121 -11.99 23.88 -40.17
N GLU C 122 -13.29 23.83 -39.91
CA GLU C 122 -14.34 23.68 -40.94
C GLU C 122 -14.34 24.90 -41.86
N LYS C 123 -14.21 26.11 -41.30
CA LYS C 123 -14.41 27.36 -42.05
C LYS C 123 -13.16 28.24 -42.01
N ALA C 124 -13.22 29.34 -42.76
CA ALA C 124 -12.18 30.31 -42.80
C ALA C 124 -12.06 30.98 -41.44
N ASP C 125 -10.82 31.30 -41.07
CA ASP C 125 -10.52 32.17 -39.97
C ASP C 125 -10.61 33.61 -40.51
N ASP C 126 -11.45 34.44 -39.89
CA ASP C 126 -11.66 35.84 -40.31
C ASP C 126 -10.58 36.77 -39.72
N LEU C 127 -9.57 36.18 -39.06
CA LEU C 127 -8.37 36.83 -38.60
C LEU C 127 -8.70 37.88 -37.52
N GLY C 128 -9.79 37.64 -36.78
CA GLY C 128 -10.17 38.49 -35.65
C GLY C 128 -10.87 39.77 -36.09
N LYS C 129 -11.20 39.89 -37.38
CA LYS C 129 -11.70 41.11 -38.06
C LYS C 129 -13.18 40.93 -38.47
N GLY C 130 -13.90 40.04 -37.76
CA GLY C 130 -15.29 39.69 -38.07
C GLY C 130 -16.29 40.61 -37.38
N GLY C 131 -15.85 41.28 -36.32
CA GLY C 131 -16.63 42.31 -35.63
C GLY C 131 -17.72 41.73 -34.74
N ASN C 132 -17.50 40.52 -34.21
CA ASN C 132 -18.32 39.95 -33.14
C ASN C 132 -17.38 39.30 -32.11
N GLU C 133 -17.94 38.91 -30.96
CA GLU C 133 -17.17 38.37 -29.86
C GLU C 133 -16.46 37.08 -30.28
N GLU C 134 -17.14 36.22 -31.04
CA GLU C 134 -16.59 34.94 -31.51
C GLU C 134 -15.32 35.19 -32.36
N SER C 135 -15.34 36.22 -33.22
CA SER C 135 -14.20 36.55 -34.08
C SER C 135 -12.92 36.75 -33.25
N THR C 136 -13.05 37.38 -32.07
CA THR C 136 -11.93 37.75 -31.22
C THR C 136 -11.45 36.54 -30.41
N LYS C 137 -12.16 35.40 -30.50
CA LYS C 137 -11.79 34.16 -29.78
C LYS C 137 -11.33 33.06 -30.74
N THR C 138 -12.07 32.82 -31.84
CA THR C 138 -11.81 31.69 -32.74
C THR C 138 -11.72 32.09 -34.22
N GLY C 139 -11.95 33.37 -34.53
CA GLY C 139 -11.95 33.83 -35.91
C GLY C 139 -13.14 33.30 -36.71
N ASN C 140 -14.15 32.75 -36.01
CA ASN C 140 -15.37 32.16 -36.61
C ASN C 140 -14.99 30.95 -37.50
N ALA C 141 -13.99 30.17 -37.08
CA ALA C 141 -13.42 29.11 -37.94
C ALA C 141 -14.26 27.82 -37.85
N GLY C 142 -15.17 27.77 -36.88
CA GLY C 142 -16.15 26.68 -36.78
C GLY C 142 -15.52 25.41 -36.21
N SER C 143 -16.07 24.25 -36.59
CA SER C 143 -15.73 23.01 -35.92
C SER C 143 -14.32 22.52 -36.34
N ARG C 144 -13.81 21.61 -35.54
CA ARG C 144 -12.47 21.10 -35.64
C ARG C 144 -12.56 19.83 -36.49
N LEU C 145 -12.05 19.88 -37.72
CA LEU C 145 -12.15 18.78 -38.68
C LEU C 145 -11.12 17.68 -38.37
N ALA C 146 -9.92 18.09 -38.00
CA ALA C 146 -8.85 17.16 -37.65
C ALA C 146 -7.85 17.88 -36.75
N CYS C 147 -7.07 17.08 -36.03
CA CYS C 147 -6.08 17.58 -35.10
C CYS C 147 -5.06 16.48 -34.80
N GLY C 148 -3.99 16.88 -34.13
CA GLY C 148 -2.97 15.96 -33.68
C GLY C 148 -2.10 16.65 -32.66
N VAL C 149 -1.42 15.84 -31.85
CA VAL C 149 -0.49 16.36 -30.89
C VAL C 149 0.85 16.64 -31.61
N ILE C 150 1.47 17.78 -31.26
CA ILE C 150 2.69 18.20 -31.91
C ILE C 150 3.84 17.54 -31.13
N GLY C 151 4.58 16.68 -31.84
CA GLY C 151 5.55 15.82 -31.24
C GLY C 151 6.95 16.14 -31.70
N ILE C 152 7.92 15.76 -30.88
CA ILE C 152 9.33 15.93 -31.20
C ILE C 152 9.70 14.99 -32.34
N ALA C 153 10.38 15.53 -33.36
CA ALA C 153 10.78 14.74 -34.53
C ALA C 153 12.30 14.59 -34.54
N GLN C 154 12.78 13.64 -35.33
CA GLN C 154 14.23 13.37 -35.37
C GLN C 154 14.97 14.62 -35.86
N GLY C 155 15.85 15.12 -34.98
CA GLY C 155 16.37 16.48 -34.84
C GLY C 155 17.00 16.65 -33.46
N ALA C 156 17.58 17.84 -33.18
CA ALA C 156 18.41 18.05 -31.98
C ALA C 156 17.57 18.64 -30.84
N ALA C 157 18.21 18.86 -29.68
CA ALA C 157 17.63 19.61 -28.55
C ALA C 157 17.84 21.10 -28.81
N GLY C 167 14.52 18.59 -25.33
CA GLY C 167 13.05 18.41 -25.18
C GLY C 167 12.28 19.42 -26.02
N GLY C 168 11.44 20.20 -25.34
CA GLY C 168 10.57 21.04 -26.04
C GLY C 168 9.42 21.51 -25.18
N GLY C 169 8.89 20.65 -24.28
CA GLY C 169 7.65 20.91 -23.58
C GLY C 169 7.68 20.74 -22.06
N SER C 170 6.71 21.43 -21.43
CA SER C 170 6.61 21.57 -19.97
C SER C 170 5.13 21.51 -19.50
N ALA C 171 4.83 20.83 -18.36
CA ALA C 171 3.45 20.76 -17.76
C ALA C 171 3.40 20.08 -16.38
N THR C 172 2.29 20.24 -15.66
CA THR C 172 1.98 19.50 -14.41
C THR C 172 1.09 18.28 -14.70
N LYS C 173 0.38 18.28 -15.83
CA LYS C 173 -0.43 17.12 -16.24
C LYS C 173 -0.22 16.85 -17.73
N ALA C 174 -0.24 15.57 -18.09
CA ALA C 174 -0.15 15.17 -19.47
C ALA C 174 -1.07 13.97 -19.69
N VAL C 175 -1.29 13.64 -20.97
CA VAL C 175 -2.20 12.59 -21.35
C VAL C 175 -1.75 12.03 -22.70
N CYS C 176 -2.06 10.75 -22.91
CA CYS C 176 -1.69 10.07 -24.09
C CYS C 176 -2.81 9.09 -24.46
N VAL C 177 -3.27 9.19 -25.70
CA VAL C 177 -4.22 8.25 -26.28
C VAL C 177 -3.41 7.23 -27.09
N LEU C 178 -3.42 5.97 -26.66
CA LEU C 178 -2.74 4.89 -27.31
C LEU C 178 -3.69 4.25 -28.34
N LYS C 179 -3.21 4.12 -29.58
CA LYS C 179 -3.95 3.46 -30.63
C LYS C 179 -2.95 2.64 -31.43
N GLY C 180 -3.46 1.63 -32.12
CA GLY C 180 -2.66 0.88 -33.09
C GLY C 180 -3.54 0.23 -34.15
N ASP C 181 -2.97 -0.72 -34.88
CA ASP C 181 -3.65 -1.33 -36.04
C ASP C 181 -4.48 -2.54 -35.60
N GLY C 182 -4.26 -2.97 -34.36
CA GLY C 182 -4.93 -4.13 -33.77
C GLY C 182 -5.94 -3.71 -32.73
N PRO C 183 -6.28 -4.59 -31.76
CA PRO C 183 -7.29 -4.25 -30.78
C PRO C 183 -6.81 -3.40 -29.60
N VAL C 184 -5.51 -3.06 -29.54
CA VAL C 184 -5.00 -2.43 -28.33
C VAL C 184 -5.34 -0.94 -28.36
N GLN C 185 -5.93 -0.46 -27.27
CA GLN C 185 -6.35 0.94 -27.24
C GLN C 185 -6.39 1.37 -25.77
N GLY C 186 -6.00 2.61 -25.48
CA GLY C 186 -6.14 3.08 -24.12
C GLY C 186 -5.83 4.54 -23.94
N ILE C 187 -5.98 4.99 -22.69
CA ILE C 187 -5.73 6.36 -22.30
C ILE C 187 -4.86 6.33 -21.06
N ILE C 188 -3.73 7.05 -21.13
CA ILE C 188 -2.80 7.09 -20.02
C ILE C 188 -2.62 8.55 -19.60
N ASN C 189 -2.76 8.77 -18.29
CA ASN C 189 -2.67 10.09 -17.63
C ASN C 189 -1.31 10.17 -16.92
N PHE C 190 -0.78 11.40 -16.84
CA PHE C 190 0.47 11.66 -16.13
C PHE C 190 0.24 12.88 -15.24
N GLU C 191 0.75 12.87 -14.02
CA GLU C 191 0.63 14.02 -13.15
C GLU C 191 1.93 14.19 -12.40
N GLN C 192 2.39 15.44 -12.33
CA GLN C 192 3.61 15.77 -11.63
C GLN C 192 3.37 17.11 -10.92
N LYS C 193 2.92 17.04 -9.68
CA LYS C 193 2.57 18.22 -8.85
C LYS C 193 3.77 19.15 -8.64
N GLU C 194 4.93 18.58 -8.34
CA GLU C 194 6.13 19.39 -8.14
C GLU C 194 7.19 18.95 -9.17
N SER C 195 7.90 19.93 -9.74
CA SER C 195 8.87 19.67 -10.83
C SER C 195 10.04 18.79 -10.37
N ASN C 196 10.31 18.76 -9.07
CA ASN C 196 11.41 17.94 -8.54
C ASN C 196 10.86 16.58 -8.08
N GLY C 197 9.59 16.32 -8.41
CA GLY C 197 8.89 15.24 -7.81
C GLY C 197 8.63 14.10 -8.80
N PRO C 198 8.10 12.98 -8.29
CA PRO C 198 7.74 11.84 -9.11
C PRO C 198 6.56 12.17 -10.05
N VAL C 199 6.49 11.40 -11.15
CA VAL C 199 5.36 11.48 -12.06
C VAL C 199 4.47 10.27 -11.78
N LYS C 200 3.19 10.54 -11.53
CA LYS C 200 2.21 9.48 -11.39
C LYS C 200 1.67 9.17 -12.79
N VAL C 201 1.55 7.88 -13.09
CA VAL C 201 1.15 7.40 -14.42
C VAL C 201 0.00 6.42 -14.22
N TRP C 202 -1.17 6.72 -14.76
CA TRP C 202 -2.26 5.81 -14.58
C TRP C 202 -3.24 5.89 -15.74
N GLY C 203 -4.02 4.81 -15.88
CA GLY C 203 -5.12 4.77 -16.86
C GLY C 203 -5.39 3.35 -17.23
N SER C 204 -6.04 3.12 -18.38
CA SER C 204 -6.51 1.81 -18.80
C SER C 204 -6.14 1.58 -20.25
N ILE C 205 -5.66 0.37 -20.53
CA ILE C 205 -5.40 -0.09 -21.88
C ILE C 205 -6.15 -1.42 -22.05
N LYS C 206 -6.95 -1.54 -23.12
CA LYS C 206 -7.67 -2.79 -23.40
C LYS C 206 -7.04 -3.46 -24.63
N GLY C 207 -7.43 -4.73 -24.86
CA GLY C 207 -7.08 -5.48 -26.05
C GLY C 207 -5.75 -6.19 -25.95
N LEU C 208 -5.18 -6.29 -24.73
CA LEU C 208 -3.85 -6.86 -24.51
C LEU C 208 -4.00 -8.32 -24.08
N THR C 209 -3.08 -9.18 -24.54
CA THR C 209 -3.02 -10.53 -24.04
C THR C 209 -2.70 -10.50 -22.54
N GLU C 210 -3.36 -11.39 -21.80
CA GLU C 210 -3.16 -11.49 -20.36
C GLU C 210 -1.67 -11.60 -20.02
N GLY C 211 -1.22 -10.87 -19.01
CA GLY C 211 0.18 -10.95 -18.58
C GLY C 211 0.93 -9.64 -18.81
N LEU C 212 2.27 -9.73 -18.90
CA LEU C 212 3.16 -8.57 -18.86
C LEU C 212 3.40 -8.02 -20.28
N HIS C 213 3.47 -6.70 -20.38
CA HIS C 213 3.75 -5.98 -21.62
C HIS C 213 4.70 -4.81 -21.34
N GLY C 214 5.78 -4.72 -22.13
CA GLY C 214 6.69 -3.59 -22.07
C GLY C 214 5.94 -2.30 -22.29
N PHE C 215 6.38 -1.25 -21.59
CA PHE C 215 5.71 0.00 -21.52
C PHE C 215 6.78 1.09 -21.38
N HIS C 216 6.98 1.87 -22.45
CA HIS C 216 8.12 2.78 -22.45
C HIS C 216 7.81 4.09 -23.16
N VAL C 217 8.62 5.11 -22.83
CA VAL C 217 8.62 6.34 -23.56
C VAL C 217 9.72 6.24 -24.62
N HIS C 218 9.32 6.43 -25.88
CA HIS C 218 10.24 6.41 -27.01
C HIS C 218 10.59 7.87 -27.35
N GLU C 219 11.70 8.06 -28.09
CA GLU C 219 12.35 9.36 -28.17
C GLU C 219 11.48 10.37 -28.94
N PHE C 220 10.86 9.96 -30.06
CA PHE C 220 10.19 10.91 -30.95
C PHE C 220 8.67 10.78 -30.83
N GLY C 221 8.01 11.94 -30.85
CA GLY C 221 6.55 12.04 -30.95
C GLY C 221 6.13 12.09 -32.40
N ASP C 222 6.64 11.13 -33.16
CA ASP C 222 6.48 11.06 -34.61
C ASP C 222 5.72 9.77 -34.94
N ASN C 223 4.45 9.90 -35.31
CA ASN C 223 3.64 8.73 -35.63
C ASN C 223 3.30 8.79 -37.14
N THR C 224 4.17 9.40 -37.96
CA THR C 224 3.95 9.50 -39.42
C THR C 224 3.91 8.11 -40.05
N ALA C 225 4.71 7.15 -39.54
CA ALA C 225 4.64 5.74 -40.01
C ALA C 225 4.22 4.85 -38.84
N GLY C 226 3.18 5.26 -38.12
CA GLY C 226 2.72 4.53 -36.97
C GLY C 226 3.77 4.53 -35.86
N CYS C 227 3.76 3.49 -35.05
CA CYS C 227 4.62 3.41 -33.86
C CYS C 227 6.10 3.29 -34.26
N THR C 228 6.40 2.82 -35.49
CA THR C 228 7.78 2.62 -35.90
C THR C 228 8.56 3.94 -35.93
N SER C 229 7.90 5.05 -36.28
CA SER C 229 8.63 6.31 -36.43
C SER C 229 8.92 6.96 -35.07
N ALA C 230 8.51 6.34 -33.95
CA ALA C 230 8.77 6.90 -32.62
C ALA C 230 10.24 6.74 -32.22
N GLY C 231 10.98 5.91 -32.96
CA GLY C 231 12.39 5.68 -32.74
C GLY C 231 12.63 4.79 -31.52
N PRO C 232 13.84 4.83 -30.96
CA PRO C 232 14.22 3.98 -29.83
C PRO C 232 13.71 4.57 -28.51
N HIS C 233 14.02 3.88 -27.42
CA HIS C 233 13.65 4.38 -26.10
C HIS C 233 14.26 5.76 -25.88
N PHE C 234 13.56 6.62 -25.15
CA PHE C 234 14.04 7.92 -24.78
C PHE C 234 15.19 7.70 -23.80
N ASN C 235 16.40 8.14 -24.20
CA ASN C 235 17.64 7.73 -23.52
C ASN C 235 18.65 8.87 -23.56
N PRO C 236 18.34 10.02 -22.95
CA PRO C 236 19.25 11.16 -23.03
C PRO C 236 20.59 10.97 -22.29
N LEU C 237 20.72 9.98 -21.41
CA LEU C 237 21.98 9.74 -20.69
C LEU C 237 22.78 8.61 -21.35
N SER C 238 22.30 8.09 -22.49
CA SER C 238 22.98 7.06 -23.25
C SER C 238 23.36 5.87 -22.36
N ARG C 239 22.38 5.34 -21.63
CA ARG C 239 22.54 4.20 -20.77
C ARG C 239 21.95 2.97 -21.47
N LYS C 240 22.22 1.80 -20.89
CA LYS C 240 21.62 0.56 -21.34
C LYS C 240 20.20 0.49 -20.79
N HIS C 241 19.35 -0.30 -21.45
CA HIS C 241 17.98 -0.56 -21.00
C HIS C 241 17.99 -1.25 -19.62
N GLY C 242 17.01 -0.92 -18.78
CA GLY C 242 16.84 -1.58 -17.54
C GLY C 242 15.41 -1.48 -17.09
N GLY C 243 15.14 -1.98 -15.88
CA GLY C 243 13.87 -1.77 -15.27
C GLY C 243 13.83 -0.41 -14.59
N PRO C 244 12.63 0.11 -14.28
CA PRO C 244 12.51 1.44 -13.72
C PRO C 244 13.24 1.64 -12.38
N LYS C 245 13.42 0.56 -11.61
CA LYS C 245 14.08 0.62 -10.31
C LYS C 245 15.61 0.52 -10.42
N ASP C 246 16.16 0.28 -11.62
CA ASP C 246 17.61 0.21 -11.85
C ASP C 246 18.21 1.61 -12.03
N GLU C 247 19.50 1.75 -11.67
CA GLU C 247 20.24 2.99 -11.95
C GLU C 247 20.61 3.02 -13.45
N GLU C 248 21.04 1.87 -13.96
CA GLU C 248 21.26 1.67 -15.38
C GLU C 248 19.90 1.40 -16.06
N ARG C 249 19.27 2.46 -16.58
CA ARG C 249 18.01 2.40 -17.35
C ARG C 249 18.00 3.60 -18.31
N HIS C 250 17.22 3.48 -19.37
CA HIS C 250 16.79 4.61 -20.16
C HIS C 250 15.82 5.46 -19.33
N VAL C 251 15.80 6.78 -19.58
CA VAL C 251 14.76 7.60 -18.99
C VAL C 251 13.38 7.02 -19.33
N GLY C 252 13.21 6.50 -20.55
CA GLY C 252 11.87 6.01 -20.95
C GLY C 252 11.51 4.60 -20.49
N SER C 253 12.39 3.92 -19.74
CA SER C 253 12.17 2.49 -19.39
C SER C 253 11.26 2.36 -18.16
N ASP C 253 12.37 3.99 -19.66
CA ASP C 253 12.17 2.64 -19.18
C ASP C 253 11.17 2.60 -18.03
N LEU C 254 9.93 2.34 -18.39
CA LEU C 254 8.89 2.30 -17.36
C LEU C 254 8.47 0.85 -17.02
N GLY C 255 9.17 -0.17 -17.52
CA GLY C 255 8.98 -1.57 -17.09
C GLY C 255 7.79 -2.20 -17.82
N ASN C 256 6.98 -2.94 -17.07
CA ASN C 256 5.87 -3.70 -17.58
C ASN C 256 4.56 -3.12 -17.05
N VAL C 257 3.50 -3.35 -17.85
CA VAL C 257 2.14 -3.25 -17.38
C VAL C 257 1.53 -4.65 -17.56
N THR C 258 0.53 -4.95 -16.74
CA THR C 258 -0.11 -6.25 -16.66
C THR C 258 -1.56 -6.16 -17.08
N ALA C 259 -1.92 -6.97 -18.07
CA ALA C 259 -3.29 -7.12 -18.49
C ALA C 259 -3.90 -8.31 -17.73
N ASP C 260 -5.14 -8.15 -17.30
CA ASP C 260 -5.90 -9.20 -16.62
C ASP C 260 -6.47 -10.16 -17.68
N LYS C 261 -7.28 -11.13 -17.25
CA LYS C 261 -7.80 -12.16 -18.15
C LYS C 261 -8.79 -11.59 -19.19
N ASP C 262 -9.34 -10.39 -18.98
CA ASP C 262 -10.20 -9.72 -19.97
C ASP C 262 -9.37 -8.88 -20.97
N GLY C 263 -8.04 -8.86 -20.80
CA GLY C 263 -7.16 -8.10 -21.69
C GLY C 263 -7.03 -6.64 -21.30
N VAL C 264 -7.40 -6.29 -20.05
CA VAL C 264 -7.36 -4.92 -19.57
C VAL C 264 -6.17 -4.73 -18.62
N ALA C 265 -5.37 -3.70 -18.91
CA ALA C 265 -4.27 -3.26 -18.03
C ALA C 265 -4.71 -1.97 -17.35
N ASP C 266 -4.94 -2.05 -16.02
CA ASP C 266 -5.22 -0.89 -15.19
C ASP C 266 -3.90 -0.37 -14.66
N VAL C 267 -3.30 0.54 -15.42
CA VAL C 267 -1.92 0.98 -15.21
C VAL C 267 -1.88 1.87 -13.97
N SER C 268 -0.85 1.67 -13.15
CA SER C 268 -0.61 2.51 -11.99
C SER C 268 0.88 2.43 -11.64
N ILE C 269 1.60 3.48 -11.99
CA ILE C 269 3.05 3.52 -11.89
C ILE C 269 3.40 4.88 -11.28
N GLU C 270 4.46 4.91 -10.49
CA GLU C 270 5.04 6.16 -10.03
C GLU C 270 6.52 6.10 -10.36
N ASP C 271 7.03 7.12 -11.04
CA ASP C 271 8.43 7.07 -11.51
C ASP C 271 9.06 8.44 -11.27
N SER C 272 10.33 8.45 -10.85
CA SER C 272 10.97 9.77 -10.64
C SER C 272 12.20 9.96 -11.52
N VAL C 273 12.30 9.19 -12.60
CA VAL C 273 13.28 9.48 -13.58
C VAL C 273 12.64 10.26 -14.76
N ILE C 274 11.45 9.85 -15.21
CA ILE C 274 10.74 10.67 -16.17
C ILE C 274 10.34 11.97 -15.50
N SER C 275 10.05 12.99 -16.31
CA SER C 275 9.55 14.24 -15.86
C SER C 275 8.60 14.81 -16.92
N LEU C 276 7.79 15.78 -16.53
CA LEU C 276 6.96 16.54 -17.47
C LEU C 276 7.59 17.91 -17.77
N SER C 277 8.81 18.15 -17.31
CA SER C 277 9.54 19.33 -17.72
C SER C 277 11.04 19.05 -17.64
N GLY C 278 11.80 19.97 -18.24
CA GLY C 278 13.24 19.93 -18.26
C GLY C 278 13.79 18.88 -19.21
N ASP C 279 15.02 18.48 -18.93
CA ASP C 279 15.81 17.58 -19.77
C ASP C 279 15.14 16.19 -19.92
N HIS C 280 14.48 15.72 -18.87
CA HIS C 280 13.89 14.38 -18.89
C HIS C 280 12.41 14.45 -19.25
N SER C 281 11.95 15.59 -19.77
CA SER C 281 10.57 15.77 -20.15
C SER C 281 10.20 14.73 -21.22
N ILE C 282 9.04 14.11 -21.04
CA ILE C 282 8.46 13.18 -21.99
C ILE C 282 7.33 13.87 -22.80
N ILE C 283 7.08 15.17 -22.55
CA ILE C 283 6.07 15.94 -23.30
C ILE C 283 6.50 15.96 -24.77
N GLY C 284 5.61 15.54 -25.67
CA GLY C 284 5.90 15.52 -27.11
C GLY C 284 6.67 14.28 -27.57
N ARG C 285 6.82 13.30 -26.68
CA ARG C 285 7.43 12.04 -27.04
C ARG C 285 6.31 11.00 -27.17
N THR C 286 6.65 9.74 -27.44
CA THR C 286 5.65 8.73 -27.73
C THR C 286 5.67 7.68 -26.61
N LEU C 287 4.50 7.36 -26.09
CA LEU C 287 4.33 6.22 -25.18
C LEU C 287 3.97 4.99 -26.04
N VAL C 288 4.64 3.86 -25.80
CA VAL C 288 4.45 2.61 -26.53
C VAL C 288 4.13 1.49 -25.54
N VAL C 289 3.14 0.66 -25.90
CA VAL C 289 2.94 -0.61 -25.23
C VAL C 289 3.27 -1.74 -26.21
N HIS C 290 3.96 -2.76 -25.69
CA HIS C 290 4.61 -3.77 -26.51
C HIS C 290 3.88 -5.11 -26.44
N GLU C 291 4.24 -5.95 -27.40
CA GLU C 291 3.71 -7.28 -27.61
C GLU C 291 4.07 -8.21 -26.45
N LYS C 292 5.31 -8.12 -25.95
CA LYS C 292 5.82 -9.06 -24.97
C LYS C 292 6.25 -8.34 -23.70
N ALA C 293 6.59 -9.16 -22.69
CA ALA C 293 7.19 -8.69 -21.45
C ALA C 293 8.55 -8.05 -21.72
N ASP C 294 8.81 -6.94 -21.04
CA ASP C 294 10.10 -6.35 -20.88
C ASP C 294 10.89 -7.16 -19.85
N ASP C 295 12.04 -7.69 -20.25
CA ASP C 295 12.91 -8.51 -19.32
C ASP C 295 13.76 -7.61 -18.41
N LEU C 296 13.56 -6.28 -18.48
CA LEU C 296 14.16 -5.29 -17.58
C LEU C 296 15.68 -5.31 -17.72
N GLY C 297 16.15 -5.67 -18.92
CA GLY C 297 17.58 -5.65 -19.22
C GLY C 297 18.31 -6.85 -18.64
N LYS C 298 17.58 -7.89 -18.22
CA LYS C 298 18.20 -9.07 -17.56
C LYS C 298 18.15 -10.30 -18.47
N GLY C 299 17.98 -10.07 -19.79
CA GLY C 299 17.78 -11.14 -20.73
C GLY C 299 19.08 -11.76 -21.25
N GLY C 300 20.22 -11.07 -21.08
CA GLY C 300 21.57 -11.61 -21.41
C GLY C 300 21.95 -11.58 -22.89
N ASN C 301 21.06 -11.06 -23.76
CA ASN C 301 21.38 -10.93 -25.17
C ASN C 301 21.48 -9.42 -25.49
N GLU C 302 21.90 -9.13 -26.73
CA GLU C 302 22.11 -7.73 -27.11
C GLU C 302 20.80 -6.96 -27.00
N GLU C 303 19.74 -7.60 -27.46
CA GLU C 303 18.42 -6.98 -27.54
C GLU C 303 17.92 -6.52 -26.15
N SER C 304 18.23 -7.30 -25.12
CA SER C 304 17.78 -7.00 -23.74
C SER C 304 18.23 -5.59 -23.34
N THR C 305 19.47 -5.24 -23.70
CA THR C 305 20.12 -3.98 -23.32
C THR C 305 19.56 -2.80 -24.15
N LYS C 306 18.75 -3.10 -25.17
CA LYS C 306 18.12 -2.06 -26.01
C LYS C 306 16.62 -1.92 -25.72
N THR C 307 15.88 -3.03 -25.80
CA THR C 307 14.42 -3.00 -25.78
C THR C 307 13.81 -3.90 -24.71
N GLY C 308 14.65 -4.67 -24.01
CA GLY C 308 14.17 -5.63 -23.04
C GLY C 308 13.46 -6.80 -23.67
N ASN C 309 13.67 -6.98 -24.99
CA ASN C 309 13.07 -8.07 -25.79
C ASN C 309 11.54 -7.97 -25.77
N ALA C 310 11.02 -6.75 -25.69
CA ALA C 310 9.57 -6.52 -25.52
C ALA C 310 8.81 -6.69 -26.85
N GLY C 311 9.57 -6.77 -27.95
CA GLY C 311 9.02 -7.07 -29.26
C GLY C 311 8.21 -5.91 -29.84
N SER C 312 7.21 -6.28 -30.65
CA SER C 312 6.45 -5.36 -31.50
C SER C 312 5.74 -4.29 -30.69
N ARG C 313 5.53 -3.15 -31.35
CA ARG C 313 4.78 -2.03 -30.80
C ARG C 313 3.29 -2.19 -31.13
N LEU C 314 2.45 -2.47 -30.13
CA LEU C 314 1.05 -2.79 -30.38
C LEU C 314 0.21 -1.53 -30.49
N ALA C 315 0.57 -0.50 -29.71
CA ALA C 315 -0.17 0.76 -29.70
C ALA C 315 0.75 1.85 -29.14
N CYS C 316 0.48 3.08 -29.56
CA CYS C 316 1.29 4.21 -29.13
C CYS C 316 0.50 5.49 -29.32
N GLY C 317 1.04 6.57 -28.72
CA GLY C 317 0.55 7.87 -28.99
C GLY C 317 1.50 8.91 -28.48
N VAL C 318 1.29 10.15 -28.92
CA VAL C 318 2.10 11.24 -28.50
C VAL C 318 1.61 11.80 -27.16
N ILE C 319 2.57 12.08 -26.27
CA ILE C 319 2.26 12.54 -24.93
C ILE C 319 2.00 14.05 -25.00
N GLY C 320 0.78 14.48 -24.68
CA GLY C 320 0.37 15.86 -24.79
C GLY C 320 0.14 16.52 -23.45
N ILE C 321 0.24 17.85 -23.43
CA ILE C 321 -0.10 18.66 -22.25
C ILE C 321 -1.60 18.57 -21.99
N ALA C 322 -1.97 18.24 -20.74
CA ALA C 322 -3.37 18.14 -20.36
C ALA C 322 -3.73 19.32 -19.44
N GLN C 323 -5.02 19.60 -19.27
CA GLN C 323 -5.44 20.76 -18.47
C GLN C 323 -5.17 20.49 -16.99
N ALA D 2 8.45 -15.55 20.00
CA ALA D 2 9.00 -16.93 20.13
C ALA D 2 10.31 -17.04 19.34
N THR D 3 11.00 -18.15 19.57
CA THR D 3 12.23 -18.57 18.92
C THR D 3 11.92 -19.50 17.74
N LYS D 4 10.80 -20.21 17.84
CA LYS D 4 10.39 -21.20 16.86
C LYS D 4 8.89 -21.06 16.63
N ALA D 5 8.46 -21.19 15.36
CA ALA D 5 7.05 -21.13 15.04
C ALA D 5 6.75 -22.15 13.93
N VAL D 6 5.45 -22.38 13.74
CA VAL D 6 5.02 -23.36 12.80
C VAL D 6 3.65 -22.96 12.27
N CYS D 7 3.37 -23.40 11.04
CA CYS D 7 2.12 -23.09 10.38
C CYS D 7 1.68 -24.31 9.59
N VAL D 8 0.41 -24.70 9.76
CA VAL D 8 -0.17 -25.78 9.00
C VAL D 8 -1.08 -25.13 7.97
N LEU D 9 -0.75 -25.30 6.68
CA LEU D 9 -1.52 -24.69 5.62
C LEU D 9 -2.59 -25.68 5.16
N LYS D 10 -3.84 -25.21 5.08
CA LYS D 10 -4.92 -25.96 4.49
C LYS D 10 -5.80 -24.99 3.74
N GLY D 11 -6.62 -25.54 2.84
CA GLY D 11 -7.56 -24.76 2.04
C GLY D 11 -8.77 -25.58 1.61
N ASP D 12 -9.54 -25.02 0.70
CA ASP D 12 -10.73 -25.67 0.13
C ASP D 12 -10.34 -26.76 -0.87
N GLY D 13 -9.10 -26.72 -1.37
CA GLY D 13 -8.66 -27.65 -2.36
C GLY D 13 -7.64 -28.61 -1.77
N PRO D 14 -6.76 -29.19 -2.63
CA PRO D 14 -5.79 -30.16 -2.17
C PRO D 14 -4.49 -29.59 -1.60
N VAL D 15 -4.33 -28.26 -1.59
CA VAL D 15 -3.04 -27.70 -1.19
C VAL D 15 -2.93 -27.83 0.33
N GLN D 16 -1.84 -28.42 0.80
CA GLN D 16 -1.59 -28.54 2.20
C GLN D 16 -0.09 -28.61 2.49
N GLY D 17 0.30 -28.19 3.68
CA GLY D 17 1.68 -28.27 4.07
C GLY D 17 1.94 -27.78 5.48
N ILE D 18 3.21 -27.88 5.83
CA ILE D 18 3.72 -27.46 7.11
C ILE D 18 4.95 -26.58 6.85
N ILE D 19 4.94 -25.39 7.42
CA ILE D 19 6.06 -24.50 7.32
C ILE D 19 6.53 -24.17 8.74
N ASN D 20 7.85 -24.28 8.93
CA ASN D 20 8.60 -23.99 10.14
C ASN D 20 9.31 -22.64 9.99
N PHE D 21 9.41 -21.94 11.13
CA PHE D 21 10.09 -20.71 11.29
C PHE D 21 11.06 -20.84 12.47
N GLU D 22 12.28 -20.34 12.31
CA GLU D 22 13.24 -20.35 13.40
C GLU D 22 14.01 -19.03 13.41
N GLN D 23 14.13 -18.45 14.60
CA GLN D 23 14.84 -17.22 14.81
C GLN D 23 15.57 -17.31 16.17
N LYS D 24 16.83 -17.68 16.11
CA LYS D 24 17.59 -18.03 17.31
C LYS D 24 18.03 -16.72 17.99
N GLU D 25 18.13 -15.63 17.25
CA GLU D 25 18.42 -14.30 17.81
C GLU D 25 17.33 -13.31 17.39
N SER D 26 16.86 -12.46 18.32
CA SER D 26 15.72 -11.57 18.02
C SER D 26 16.15 -10.43 17.07
N ASN D 27 17.46 -10.20 16.97
CA ASN D 27 18.00 -9.19 16.06
C ASN D 27 18.48 -9.86 14.76
N GLY D 28 18.10 -11.12 14.56
CA GLY D 28 18.64 -11.92 13.49
C GLY D 28 17.57 -12.31 12.49
N PRO D 29 17.97 -12.95 11.37
CA PRO D 29 17.05 -13.38 10.34
C PRO D 29 16.15 -14.52 10.81
N VAL D 30 15.03 -14.70 10.13
CA VAL D 30 14.17 -15.86 10.36
C VAL D 30 14.39 -16.88 9.23
N LYS D 31 14.69 -18.12 9.61
CA LYS D 31 14.72 -19.20 8.66
C LYS D 31 13.30 -19.74 8.48
N VAL D 32 12.92 -19.97 7.22
CA VAL D 32 11.58 -20.46 6.86
C VAL D 32 11.76 -21.69 5.98
N TRP D 33 11.20 -22.83 6.40
CA TRP D 33 11.38 -24.07 5.63
C TRP D 33 10.26 -25.05 5.90
N GLY D 34 10.03 -25.93 4.92
CA GLY D 34 9.08 -27.01 5.03
C GLY D 34 8.61 -27.44 3.67
N SER D 35 7.42 -28.02 3.60
CA SER D 35 6.92 -28.65 2.40
C SER D 35 5.46 -28.26 2.23
N ILE D 36 5.08 -27.89 1.00
CA ILE D 36 3.70 -27.70 0.61
C ILE D 36 3.47 -28.63 -0.57
N LYS D 37 2.35 -29.35 -0.58
CA LYS D 37 2.04 -30.28 -1.65
C LYS D 37 0.66 -29.96 -2.20
N GLY D 38 0.30 -30.63 -3.31
CA GLY D 38 -0.96 -30.40 -3.99
C GLY D 38 -0.97 -29.13 -4.83
N LEU D 39 0.21 -28.59 -5.15
CA LEU D 39 0.34 -27.37 -5.98
C LEU D 39 0.60 -27.74 -7.43
N THR D 40 0.16 -26.89 -8.36
CA THR D 40 0.58 -26.98 -9.75
C THR D 40 2.05 -26.59 -9.88
N GLU D 41 2.76 -27.23 -10.81
CA GLU D 41 4.19 -26.98 -11.04
C GLU D 41 4.39 -25.49 -11.35
N GLY D 42 5.44 -24.88 -10.76
CA GLY D 42 5.80 -23.48 -11.02
C GLY D 42 5.69 -22.60 -9.78
N LEU D 43 5.60 -21.28 -10.00
CA LEU D 43 5.74 -20.28 -8.96
C LEU D 43 4.39 -19.96 -8.31
N HIS D 44 4.40 -19.78 -6.99
CA HIS D 44 3.23 -19.42 -6.17
C HIS D 44 3.65 -18.36 -5.16
N GLY D 45 2.88 -17.29 -5.11
CA GLY D 45 3.03 -16.24 -4.15
C GLY D 45 2.91 -16.78 -2.73
N PHE D 46 3.67 -16.18 -1.82
CA PHE D 46 3.87 -16.72 -0.49
C PHE D 46 4.07 -15.54 0.45
N HIS D 47 3.05 -15.26 1.27
CA HIS D 47 3.01 -14.03 2.06
C HIS D 47 2.43 -14.25 3.46
N VAL D 48 2.84 -13.37 4.37
CA VAL D 48 2.20 -13.22 5.63
C VAL D 48 1.16 -12.10 5.51
N HIS D 49 -0.09 -12.47 5.78
CA HIS D 49 -1.24 -11.58 5.78
C HIS D 49 -1.48 -11.12 7.22
N GLU D 50 -2.22 -10.02 7.37
CA GLU D 50 -2.21 -9.25 8.59
C GLU D 50 -2.89 -9.99 9.77
N PHE D 51 -4.00 -10.68 9.50
CA PHE D 51 -4.82 -11.24 10.57
C PHE D 51 -4.73 -12.76 10.56
N GLY D 52 -4.64 -13.33 11.76
CA GLY D 52 -4.73 -14.75 11.98
C GLY D 52 -6.17 -15.19 12.15
N ASP D 53 -7.00 -14.80 11.18
CA ASP D 53 -8.44 -14.93 11.22
C ASP D 53 -8.81 -15.78 10.02
N ASN D 54 -9.20 -17.03 10.29
CA ASN D 54 -9.56 -17.96 9.25
C ASN D 54 -11.08 -18.26 9.39
N THR D 55 -11.87 -17.33 9.96
CA THR D 55 -13.32 -17.56 10.19
C THR D 55 -14.10 -17.73 8.87
N ALA D 56 -13.72 -17.02 7.81
CA ALA D 56 -14.33 -17.22 6.53
C ALA D 56 -13.29 -17.80 5.56
N GLY D 57 -12.48 -18.76 6.02
CA GLY D 57 -11.37 -19.27 5.25
C GLY D 57 -10.26 -18.23 5.10
N CYS D 58 -9.46 -18.41 4.04
CA CYS D 58 -8.25 -17.58 3.78
C CYS D 58 -8.59 -16.10 3.53
N THR D 59 -9.80 -15.81 3.05
CA THR D 59 -10.25 -14.44 2.82
C THR D 59 -10.19 -13.55 4.07
N SER D 60 -10.49 -14.12 5.25
CA SER D 60 -10.54 -13.25 6.44
C SER D 60 -9.15 -12.88 6.97
N ALA D 61 -8.09 -13.42 6.37
CA ALA D 61 -6.72 -13.07 6.79
C ALA D 61 -6.37 -11.61 6.44
N GLY D 62 -7.20 -10.96 5.63
CA GLY D 62 -7.01 -9.58 5.23
C GLY D 62 -5.85 -9.42 4.25
N PRO D 63 -5.30 -8.19 4.10
CA PRO D 63 -4.23 -7.93 3.14
C PRO D 63 -2.88 -8.37 3.72
N HIS D 64 -1.82 -8.11 2.98
CA HIS D 64 -0.48 -8.44 3.42
C HIS D 64 -0.18 -7.65 4.70
N PHE D 65 0.58 -8.29 5.60
CA PHE D 65 1.04 -7.64 6.81
C PHE D 65 2.01 -6.51 6.41
N ASN D 66 1.66 -5.27 6.74
CA ASN D 66 2.24 -4.06 6.16
C ASN D 66 2.27 -2.94 7.19
N PRO D 67 2.94 -3.11 8.35
CA PRO D 67 2.93 -2.07 9.38
C PRO D 67 3.65 -0.78 8.94
N LEU D 68 4.56 -0.86 7.97
CA LEU D 68 5.24 0.36 7.50
C LEU D 68 4.48 1.06 6.38
N SER D 69 3.30 0.55 5.97
CA SER D 69 2.48 1.15 4.93
C SER D 69 3.29 1.37 3.64
N ARG D 70 3.96 0.34 3.16
CA ARG D 70 4.69 0.40 1.92
C ARG D 70 3.88 -0.28 0.82
N LYS D 71 4.35 -0.13 -0.40
CA LYS D 71 3.85 -0.90 -1.55
C LYS D 71 4.47 -2.31 -1.52
N HIS D 72 3.78 -3.25 -2.15
CA HIS D 72 4.22 -4.61 -2.27
C HIS D 72 5.52 -4.66 -3.08
N GLY D 73 6.41 -5.56 -2.71
CA GLY D 73 7.60 -5.85 -3.41
C GLY D 73 8.03 -7.26 -3.17
N GLY D 74 9.23 -7.57 -3.66
CA GLY D 74 9.80 -8.83 -3.40
C GLY D 74 10.60 -8.73 -2.10
N PRO D 75 10.97 -9.88 -1.50
CA PRO D 75 11.67 -9.87 -0.21
C PRO D 75 12.98 -9.07 -0.23
N LYS D 76 13.63 -8.99 -1.39
CA LYS D 76 14.92 -8.30 -1.49
C LYS D 76 14.73 -6.80 -1.71
N ASP D 77 13.51 -6.32 -1.95
CA ASP D 77 13.26 -4.90 -2.12
C ASP D 77 13.18 -4.16 -0.78
N GLU D 78 13.56 -2.88 -0.78
CA GLU D 78 13.38 -1.98 0.36
C GLU D 78 11.90 -1.61 0.48
N GLU D 79 11.30 -1.34 -0.68
CA GLU D 79 9.87 -1.10 -0.77
C GLU D 79 9.17 -2.47 -0.88
N ARG D 80 8.70 -2.96 0.26
CA ARG D 80 7.97 -4.22 0.38
C ARG D 80 7.11 -4.16 1.64
N HIS D 81 6.10 -5.02 1.67
CA HIS D 81 5.37 -5.33 2.89
C HIS D 81 6.27 -6.19 3.77
N VAL D 82 6.15 -6.06 5.09
CA VAL D 82 6.78 -7.00 5.98
C VAL D 82 6.46 -8.45 5.58
N GLY D 83 5.23 -8.70 5.17
CA GLY D 83 4.80 -10.06 4.86
C GLY D 83 5.18 -10.54 3.46
N SER D 84 5.91 -9.74 2.66
CA SER D 84 6.24 -10.07 1.24
C SER D 84 7.40 -11.06 1.15
N ASP D 84 5.92 -9.74 2.68
CA ASP D 84 6.29 -10.11 1.33
C ASP D 84 7.45 -11.11 1.36
N LEU D 85 7.11 -12.38 1.18
CA LEU D 85 8.14 -13.40 1.15
C LEU D 85 8.33 -13.96 -0.25
N GLY D 86 7.77 -13.32 -1.28
CA GLY D 86 8.08 -13.67 -2.67
C GLY D 86 7.31 -14.89 -3.15
N ASN D 87 8.01 -15.74 -3.88
CA ASN D 87 7.45 -16.94 -4.46
C ASN D 87 8.05 -18.19 -3.80
N VAL D 88 7.29 -19.27 -3.88
CA VAL D 88 7.78 -20.60 -3.68
C VAL D 88 7.50 -21.38 -4.97
N THR D 89 8.34 -22.36 -5.24
CA THR D 89 8.32 -23.10 -6.48
C THR D 89 7.95 -24.56 -6.21
N ALA D 90 6.90 -25.03 -6.86
CA ALA D 90 6.48 -26.41 -6.81
C ALA D 90 7.14 -27.16 -7.99
N ASP D 91 7.67 -28.35 -7.68
CA ASP D 91 8.21 -29.27 -8.67
C ASP D 91 7.09 -30.02 -9.41
N LYS D 92 7.48 -30.97 -10.25
CA LYS D 92 6.55 -31.72 -11.15
C LYS D 92 5.68 -32.68 -10.33
N ASP D 93 6.08 -32.99 -9.09
CA ASP D 93 5.27 -33.77 -8.13
C ASP D 93 4.29 -32.89 -7.32
N GLY D 94 4.26 -31.59 -7.60
CA GLY D 94 3.38 -30.64 -6.93
C GLY D 94 3.87 -30.23 -5.55
N VAL D 95 5.15 -30.43 -5.28
CA VAL D 95 5.72 -30.17 -3.98
C VAL D 95 6.63 -28.95 -4.07
N ALA D 96 6.41 -28.01 -3.14
CA ALA D 96 7.33 -26.90 -2.88
C ALA D 96 8.12 -27.21 -1.61
N ASP D 97 9.43 -27.46 -1.78
CA ASP D 97 10.36 -27.64 -0.69
C ASP D 97 10.90 -26.25 -0.32
N VAL D 98 10.16 -25.58 0.57
CA VAL D 98 10.40 -24.21 0.87
C VAL D 98 11.69 -24.04 1.68
N SER D 99 12.50 -23.05 1.29
CA SER D 99 13.74 -22.68 1.97
C SER D 99 14.03 -21.20 1.71
N ILE D 100 13.74 -20.37 2.71
CA ILE D 100 13.79 -18.94 2.64
C ILE D 100 14.47 -18.47 3.93
N GLU D 101 15.26 -17.41 3.82
CA GLU D 101 15.76 -16.70 4.97
C GLU D 101 15.40 -15.24 4.80
N ASP D 102 14.78 -14.65 5.82
CA ASP D 102 14.32 -13.29 5.67
C ASP D 102 14.61 -12.52 6.95
N SER D 103 15.02 -11.26 6.80
CA SER D 103 15.38 -10.49 7.97
C SER D 103 14.45 -9.30 8.19
N VAL D 104 13.30 -9.27 7.50
CA VAL D 104 12.32 -8.23 7.73
C VAL D 104 11.20 -8.76 8.63
N ILE D 105 10.71 -9.97 8.35
CA ILE D 105 9.80 -10.63 9.30
C ILE D 105 10.59 -10.90 10.57
N SER D 106 9.84 -11.10 11.66
CA SER D 106 10.38 -11.49 12.91
C SER D 106 9.39 -12.42 13.62
N LEU D 107 9.89 -13.12 14.63
CA LEU D 107 9.00 -13.90 15.52
C LEU D 107 8.80 -13.18 16.87
N SER D 108 9.22 -11.91 16.96
CA SER D 108 8.89 -11.06 18.10
C SER D 108 8.94 -9.60 17.68
N GLY D 109 8.39 -8.75 18.54
CA GLY D 109 8.41 -7.30 18.38
C GLY D 109 7.41 -6.83 17.34
N ASP D 110 7.67 -5.64 16.81
CA ASP D 110 6.78 -4.90 15.91
C ASP D 110 6.48 -5.72 14.65
N HIS D 111 7.47 -6.45 14.14
CA HIS D 111 7.36 -7.18 12.89
C HIS D 111 6.99 -8.65 13.16
N SER D 112 6.52 -8.97 14.38
CA SER D 112 6.22 -10.36 14.70
C SER D 112 5.12 -10.86 13.77
N ILE D 113 5.28 -12.07 13.24
CA ILE D 113 4.25 -12.71 12.42
C ILE D 113 3.50 -13.78 13.24
N ILE D 114 3.84 -13.95 14.53
CA ILE D 114 3.10 -14.86 15.42
C ILE D 114 1.64 -14.40 15.51
N GLY D 115 0.73 -15.34 15.23
CA GLY D 115 -0.69 -15.04 15.27
C GLY D 115 -1.24 -14.41 14.00
N ARG D 116 -0.43 -14.35 12.94
CA ARG D 116 -0.87 -13.84 11.62
C ARG D 116 -1.02 -15.08 10.73
N THR D 117 -1.39 -14.88 9.46
CA THR D 117 -1.69 -15.97 8.56
C THR D 117 -0.66 -16.02 7.43
N LEU D 118 -0.10 -17.21 7.21
CA LEU D 118 0.70 -17.51 6.04
C LEU D 118 -0.24 -18.00 4.95
N VAL D 119 -0.08 -17.47 3.74
CA VAL D 119 -0.92 -17.78 2.60
C VAL D 119 -0.03 -18.23 1.44
N VAL D 120 -0.42 -19.32 0.76
CA VAL D 120 0.17 -19.69 -0.53
C VAL D 120 -0.89 -19.50 -1.63
N HIS D 121 -0.48 -18.84 -2.72
CA HIS D 121 -1.40 -18.31 -3.72
C HIS D 121 -1.41 -19.15 -4.99
N GLU D 122 -2.41 -18.87 -5.80
CA GLU D 122 -2.71 -19.59 -7.04
C GLU D 122 -1.65 -19.34 -8.12
N LYS D 123 -1.14 -18.11 -8.21
CA LYS D 123 -0.27 -17.67 -9.30
C LYS D 123 1.06 -17.13 -8.75
N ALA D 124 1.98 -16.82 -9.66
CA ALA D 124 3.25 -16.20 -9.32
C ALA D 124 3.02 -14.78 -8.79
N ASP D 125 3.85 -14.39 -7.84
CA ASP D 125 3.96 -13.03 -7.38
C ASP D 125 4.91 -12.28 -8.32
N ASP D 126 4.46 -11.14 -8.87
CA ASP D 126 5.26 -10.33 -9.82
C ASP D 126 6.22 -9.40 -9.06
N LEU D 127 6.24 -9.50 -7.73
CA LEU D 127 7.19 -8.83 -6.87
C LEU D 127 7.02 -7.31 -6.97
N GLY D 128 5.78 -6.88 -7.23
CA GLY D 128 5.41 -5.48 -7.27
C GLY D 128 5.89 -4.76 -8.55
N LYS D 129 6.28 -5.53 -9.57
CA LYS D 129 6.87 -5.02 -10.83
C LYS D 129 5.88 -5.15 -12.00
N GLY D 130 4.59 -5.29 -11.71
CA GLY D 130 3.56 -5.57 -12.70
C GLY D 130 2.97 -4.35 -13.38
N GLY D 131 3.11 -3.17 -12.75
CA GLY D 131 2.72 -1.89 -13.33
C GLY D 131 1.23 -1.61 -13.30
N ASN D 132 0.44 -2.50 -12.66
CA ASN D 132 -0.99 -2.29 -12.42
C ASN D 132 -1.17 -2.08 -10.91
N GLU D 133 -2.35 -1.58 -10.53
CA GLU D 133 -2.60 -1.28 -9.10
C GLU D 133 -2.47 -2.57 -8.28
N GLU D 134 -2.93 -3.70 -8.82
CA GLU D 134 -2.96 -4.96 -8.07
C GLU D 134 -1.52 -5.38 -7.71
N SER D 135 -0.55 -5.09 -8.60
CA SER D 135 0.85 -5.49 -8.40
C SER D 135 1.34 -4.91 -7.07
N THR D 136 0.96 -3.65 -6.80
CA THR D 136 1.41 -2.89 -5.67
C THR D 136 0.72 -3.35 -4.38
N LYS D 137 -0.28 -4.22 -4.49
CA LYS D 137 -1.04 -4.72 -3.32
C LYS D 137 -0.74 -6.19 -3.05
N THR D 138 -0.82 -7.03 -4.08
CA THR D 138 -0.76 -8.49 -3.95
C THR D 138 0.28 -9.12 -4.87
N GLY D 139 0.89 -8.35 -5.77
CA GLY D 139 1.80 -8.93 -6.79
C GLY D 139 1.08 -9.76 -7.85
N ASN D 140 -0.23 -9.56 -8.02
CA ASN D 140 -1.06 -10.29 -8.96
C ASN D 140 -1.01 -11.79 -8.68
N ALA D 141 -0.83 -12.19 -7.40
CA ALA D 141 -0.65 -13.62 -7.04
C ALA D 141 -1.97 -14.40 -7.08
N GLY D 142 -3.10 -13.72 -7.17
CA GLY D 142 -4.38 -14.37 -7.39
C GLY D 142 -4.90 -14.99 -6.10
N SER D 143 -5.72 -16.03 -6.25
CA SER D 143 -6.54 -16.51 -5.15
C SER D 143 -5.67 -17.24 -4.13
N ARG D 144 -6.20 -17.35 -2.91
CA ARG D 144 -5.52 -17.94 -1.79
C ARG D 144 -5.84 -19.44 -1.80
N LEU D 145 -4.85 -20.29 -2.07
CA LEU D 145 -5.10 -21.74 -2.20
C LEU D 145 -5.17 -22.40 -0.82
N ALA D 146 -4.32 -21.93 0.11
CA ALA D 146 -4.22 -22.52 1.43
C ALA D 146 -3.60 -21.48 2.38
N CYS D 147 -3.89 -21.63 3.66
CA CYS D 147 -3.42 -20.73 4.66
C CYS D 147 -3.47 -21.40 6.04
N GLY D 148 -2.80 -20.77 6.99
CA GLY D 148 -2.87 -21.19 8.38
C GLY D 148 -2.36 -20.09 9.27
N VAL D 149 -2.69 -20.18 10.56
CA VAL D 149 -2.23 -19.23 11.53
C VAL D 149 -0.85 -19.67 12.02
N ILE D 150 0.05 -18.70 12.14
CA ILE D 150 1.39 -18.97 12.52
C ILE D 150 1.43 -19.06 14.05
N GLY D 151 1.82 -20.23 14.56
CA GLY D 151 1.77 -20.53 15.97
C GLY D 151 3.13 -20.74 16.59
N ILE D 152 3.20 -20.56 17.91
CA ILE D 152 4.42 -20.80 18.67
C ILE D 152 4.70 -22.30 18.68
N ALA D 153 5.94 -22.71 18.34
CA ALA D 153 6.32 -24.12 18.30
C ALA D 153 7.28 -24.42 19.48
N GLN D 154 7.52 -25.69 19.77
CA GLN D 154 8.39 -26.03 20.92
C GLN D 154 9.82 -25.49 20.71
N GLY D 155 10.22 -24.62 21.64
CA GLY D 155 11.20 -23.54 21.50
C GLY D 155 10.96 -22.49 22.58
N ALA D 156 11.80 -21.46 22.65
CA ALA D 156 11.88 -20.56 23.82
C ALA D 156 11.35 -19.15 23.51
N ALA D 157 11.56 -18.24 24.49
CA ALA D 157 11.69 -16.77 24.33
C ALA D 157 10.80 -16.22 23.22
N GLY D 167 6.64 -15.38 24.50
CA GLY D 167 5.50 -15.51 23.56
C GLY D 167 5.92 -15.21 22.13
N GLY D 168 5.47 -14.06 21.63
CA GLY D 168 5.65 -13.76 20.27
C GLY D 168 4.67 -12.72 19.77
N GLY D 169 3.43 -12.74 20.28
CA GLY D 169 2.34 -12.00 19.70
C GLY D 169 1.62 -11.07 20.67
N SER D 170 1.04 -10.01 20.08
CA SER D 170 0.33 -8.93 20.75
C SER D 170 -0.87 -8.47 19.91
N ALA D 171 -2.00 -8.09 20.58
CA ALA D 171 -3.28 -7.58 19.92
C ALA D 171 -4.35 -7.12 20.93
N THR D 172 -5.38 -6.44 20.41
CA THR D 172 -6.58 -5.95 21.15
C THR D 172 -7.76 -6.90 20.95
N LYS D 173 -7.77 -7.58 19.80
CA LYS D 173 -8.77 -8.57 19.44
C LYS D 173 -8.05 -9.79 18.84
N ALA D 174 -8.57 -10.96 19.18
CA ALA D 174 -8.08 -12.21 18.67
C ALA D 174 -9.28 -13.10 18.35
N VAL D 175 -9.02 -14.15 17.58
CA VAL D 175 -10.04 -15.07 17.14
C VAL D 175 -9.37 -16.42 16.95
N CYS D 176 -10.19 -17.45 17.13
CA CYS D 176 -9.75 -18.80 17.05
C CYS D 176 -10.86 -19.60 16.40
N VAL D 177 -10.53 -20.32 15.32
CA VAL D 177 -11.41 -21.29 14.69
C VAL D 177 -11.04 -22.68 15.21
N LEU D 178 -11.99 -23.34 15.88
CA LEU D 178 -11.82 -24.68 16.45
C LEU D 178 -12.32 -25.73 15.45
N LYS D 179 -11.47 -26.72 15.17
CA LYS D 179 -11.77 -27.82 14.32
C LYS D 179 -11.08 -29.05 14.91
N GLY D 180 -11.57 -30.23 14.53
CA GLY D 180 -10.95 -31.50 14.94
C GLY D 180 -11.33 -32.60 13.99
N ASP D 181 -11.07 -33.85 14.40
CA ASP D 181 -11.33 -35.02 13.58
C ASP D 181 -12.83 -35.34 13.55
N GLY D 182 -13.57 -34.86 14.55
CA GLY D 182 -14.99 -35.14 14.68
C GLY D 182 -15.83 -33.96 14.24
N PRO D 183 -17.09 -33.86 14.74
CA PRO D 183 -18.00 -32.78 14.36
C PRO D 183 -17.90 -31.49 15.14
N VAL D 184 -16.99 -31.41 16.13
CA VAL D 184 -16.91 -30.21 16.96
C VAL D 184 -16.29 -29.08 16.13
N GLN D 185 -16.96 -27.93 16.07
CA GLN D 185 -16.38 -26.79 15.44
C GLN D 185 -16.93 -25.51 16.07
N GLY D 186 -16.15 -24.45 16.00
CA GLY D 186 -16.62 -23.19 16.47
C GLY D 186 -15.67 -22.04 16.20
N ILE D 187 -16.14 -20.85 16.58
CA ILE D 187 -15.38 -19.62 16.53
C ILE D 187 -15.44 -18.99 17.91
N ILE D 188 -14.26 -18.73 18.47
CA ILE D 188 -14.12 -18.01 19.72
C ILE D 188 -13.36 -16.69 19.48
N ASN D 189 -13.96 -15.60 19.96
CA ASN D 189 -13.49 -14.25 19.94
C ASN D 189 -12.86 -13.91 21.28
N PHE D 190 -11.83 -13.07 21.24
CA PHE D 190 -11.20 -12.53 22.43
C PHE D 190 -11.07 -11.02 22.25
N GLU D 191 -11.30 -10.28 23.34
CA GLU D 191 -11.13 -8.84 23.29
C GLU D 191 -10.52 -8.38 24.61
N GLN D 192 -9.50 -7.52 24.49
CA GLN D 192 -8.84 -6.94 25.63
C GLN D 192 -8.67 -5.45 25.34
N LYS D 193 -9.52 -4.63 25.96
CA LYS D 193 -9.60 -3.22 25.63
C LYS D 193 -8.38 -2.49 26.21
N GLU D 194 -7.84 -2.93 27.34
CA GLU D 194 -6.57 -2.39 27.77
C GLU D 194 -5.62 -3.53 28.13
N SER D 195 -4.34 -3.31 27.85
CA SER D 195 -3.34 -4.38 27.92
C SER D 195 -3.22 -4.95 29.35
N ASN D 196 -3.63 -4.17 30.35
CA ASN D 196 -3.52 -4.61 31.75
C ASN D 196 -4.91 -5.00 32.27
N GLY D 197 -5.90 -5.04 31.39
CA GLY D 197 -7.24 -5.37 31.79
C GLY D 197 -7.59 -6.81 31.47
N PRO D 198 -8.81 -7.25 31.85
CA PRO D 198 -9.25 -8.61 31.63
C PRO D 198 -9.49 -8.86 30.13
N VAL D 199 -9.47 -10.14 29.74
CA VAL D 199 -9.85 -10.55 28.38
C VAL D 199 -11.27 -11.13 28.38
N LYS D 200 -12.14 -10.60 27.53
CA LYS D 200 -13.44 -11.20 27.27
C LYS D 200 -13.30 -12.26 26.18
N VAL D 201 -13.91 -13.43 26.42
CA VAL D 201 -13.86 -14.57 25.56
C VAL D 201 -15.30 -14.98 25.27
N TRP D 202 -15.67 -15.03 23.99
CA TRP D 202 -17.04 -15.38 23.65
C TRP D 202 -17.13 -15.94 22.25
N GLY D 203 -18.19 -16.69 22.01
CA GLY D 203 -18.53 -17.25 20.71
C GLY D 203 -19.35 -18.51 20.89
N SER D 204 -19.27 -19.38 19.91
CA SER D 204 -20.14 -20.51 19.83
C SER D 204 -19.35 -21.73 19.35
N ILE D 205 -19.51 -22.84 20.06
CA ILE D 205 -18.94 -24.11 19.67
C ILE D 205 -20.11 -25.07 19.51
N LYS D 206 -20.19 -25.76 18.37
CA LYS D 206 -21.27 -26.69 18.04
C LYS D 206 -20.66 -28.09 17.85
N GLY D 207 -21.54 -29.10 17.80
CA GLY D 207 -21.15 -30.51 17.67
C GLY D 207 -20.66 -31.15 18.96
N LEU D 208 -20.99 -30.55 20.12
CA LEU D 208 -20.59 -31.12 21.40
C LEU D 208 -21.75 -31.92 22.01
N THR D 209 -21.40 -32.91 22.84
CA THR D 209 -22.33 -33.53 23.78
C THR D 209 -22.76 -32.50 24.83
N GLU D 210 -24.04 -32.58 25.21
CA GLU D 210 -24.60 -31.78 26.28
C GLU D 210 -23.77 -31.96 27.55
N GLY D 211 -23.52 -30.85 28.26
CA GLY D 211 -22.78 -30.89 29.51
C GLY D 211 -21.50 -30.06 29.45
N LEU D 212 -20.62 -30.31 30.42
CA LEU D 212 -19.39 -29.54 30.64
C LEU D 212 -18.24 -30.10 29.80
N HIS D 213 -17.43 -29.19 29.25
CA HIS D 213 -16.24 -29.55 28.51
C HIS D 213 -15.09 -28.62 28.93
N GLY D 214 -13.95 -29.22 29.26
CA GLY D 214 -12.76 -28.44 29.58
C GLY D 214 -12.40 -27.56 28.40
N PHE D 215 -11.83 -26.40 28.72
CA PHE D 215 -11.58 -25.30 27.78
C PHE D 215 -10.30 -24.59 28.22
N HIS D 216 -9.22 -24.83 27.48
CA HIS D 216 -7.90 -24.41 27.92
C HIS D 216 -7.10 -23.82 26.75
N VAL D 217 -6.15 -22.96 27.13
CA VAL D 217 -5.08 -22.55 26.23
C VAL D 217 -3.87 -23.43 26.51
N HIS D 218 -3.46 -24.17 25.49
CA HIS D 218 -2.30 -25.02 25.52
C HIS D 218 -1.11 -24.21 24.98
N GLU D 219 0.12 -24.66 25.29
CA GLU D 219 1.31 -23.86 25.18
C GLU D 219 1.68 -23.53 23.72
N PHE D 220 1.56 -24.50 22.82
CA PHE D 220 2.09 -24.38 21.46
C PHE D 220 0.93 -24.22 20.48
N GLY D 221 1.10 -23.27 19.56
CA GLY D 221 0.21 -23.13 18.41
C GLY D 221 0.65 -24.06 17.29
N ASP D 222 0.83 -25.33 17.63
CA ASP D 222 1.39 -26.34 16.76
C ASP D 222 0.29 -27.39 16.57
N ASN D 223 -0.33 -27.40 15.38
CA ASN D 223 -1.37 -28.37 15.05
C ASN D 223 -0.84 -29.38 14.00
N THR D 224 0.48 -29.60 13.97
CA THR D 224 1.07 -30.43 12.89
C THR D 224 0.62 -31.88 13.00
N ALA D 225 0.34 -32.37 14.22
CA ALA D 225 -0.25 -33.70 14.40
C ALA D 225 -1.64 -33.59 15.04
N GLY D 226 -2.42 -32.60 14.59
CA GLY D 226 -3.69 -32.27 15.20
C GLY D 226 -3.50 -31.61 16.55
N CYS D 227 -4.51 -31.75 17.41
CA CYS D 227 -4.56 -31.08 18.72
C CYS D 227 -3.48 -31.58 19.68
N THR D 228 -2.99 -32.82 19.49
CA THR D 228 -1.95 -33.45 20.31
C THR D 228 -0.68 -32.60 20.35
N SER D 229 -0.33 -31.99 19.21
CA SER D 229 0.96 -31.30 19.10
C SER D 229 0.96 -29.95 19.82
N ALA D 230 -0.21 -29.51 20.30
CA ALA D 230 -0.38 -28.28 21.07
C ALA D 230 0.31 -28.34 22.45
N GLY D 231 0.71 -29.53 22.87
CA GLY D 231 1.44 -29.70 24.12
C GLY D 231 0.54 -29.51 25.35
N PRO D 232 1.12 -29.25 26.53
CA PRO D 232 0.35 -29.13 27.78
C PRO D 232 -0.24 -27.72 27.92
N HIS D 233 -0.91 -27.49 29.04
CA HIS D 233 -1.53 -26.22 29.31
C HIS D 233 -0.44 -25.15 29.32
N PHE D 234 -0.79 -23.94 28.86
CA PHE D 234 0.09 -22.82 28.94
C PHE D 234 0.25 -22.44 30.41
N ASN D 235 1.51 -22.47 30.88
CA ASN D 235 1.81 -22.45 32.30
C ASN D 235 3.15 -21.76 32.53
N PRO D 236 3.30 -20.46 32.21
CA PRO D 236 4.59 -19.80 32.34
C PRO D 236 5.02 -19.70 33.82
N LEU D 237 4.09 -19.84 34.78
CA LEU D 237 4.43 -19.71 36.21
C LEU D 237 4.67 -21.07 36.88
N SER D 238 4.67 -22.17 36.12
CA SER D 238 4.93 -23.53 36.64
C SER D 238 4.09 -23.83 37.89
N ARG D 239 2.78 -23.58 37.81
CA ARG D 239 1.83 -23.93 38.85
C ARG D 239 1.09 -25.21 38.45
N LYS D 240 0.25 -25.70 39.36
CA LYS D 240 -0.61 -26.82 39.13
C LYS D 240 -1.91 -26.30 38.49
N HIS D 241 -2.59 -27.19 37.75
CA HIS D 241 -3.88 -26.93 37.15
C HIS D 241 -4.89 -26.61 38.25
N GLY D 242 -5.78 -25.66 37.96
CA GLY D 242 -6.89 -25.36 38.81
C GLY D 242 -8.01 -24.77 37.99
N GLY D 243 -8.99 -24.20 38.68
CA GLY D 243 -10.05 -23.51 38.03
C GLY D 243 -9.63 -22.07 37.80
N PRO D 244 -10.27 -21.33 36.87
CA PRO D 244 -9.87 -19.96 36.57
C PRO D 244 -9.88 -19.04 37.80
N LYS D 245 -10.73 -19.33 38.79
CA LYS D 245 -10.84 -18.45 39.94
C LYS D 245 -9.80 -18.80 41.02
N ASP D 246 -9.06 -19.90 40.88
CA ASP D 246 -8.03 -20.26 41.86
C ASP D 246 -6.74 -19.46 41.60
N GLU D 247 -5.95 -19.27 42.67
CA GLU D 247 -4.62 -18.67 42.58
C GLU D 247 -3.66 -19.75 42.01
N GLU D 248 -3.82 -20.99 42.47
CA GLU D 248 -3.08 -22.12 41.88
C GLU D 248 -3.83 -22.57 40.61
N ARG D 249 -3.35 -22.05 39.48
CA ARG D 249 -3.87 -22.39 38.16
C ARG D 249 -2.75 -22.17 37.14
N HIS D 250 -2.91 -22.82 35.98
CA HIS D 250 -2.17 -22.49 34.79
C HIS D 250 -2.72 -21.17 34.25
N VAL D 251 -1.89 -20.40 33.52
CA VAL D 251 -2.42 -19.28 32.79
C VAL D 251 -3.57 -19.75 31.86
N GLY D 252 -3.40 -20.90 31.23
CA GLY D 252 -4.35 -21.43 30.25
C GLY D 252 -5.59 -22.11 30.84
N SER D 253 -5.72 -22.19 32.17
CA SER D 253 -6.88 -22.86 32.83
C SER D 253 -8.12 -21.98 32.78
N ASP D 253 -5.74 -22.08 32.17
CA ASP D 253 -6.88 -22.74 32.80
C ASP D 253 -8.11 -21.85 32.73
N LEU D 254 -8.93 -22.11 31.72
CA LEU D 254 -10.12 -21.32 31.56
C LEU D 254 -11.36 -22.10 32.00
N GLY D 255 -11.19 -23.25 32.68
CA GLY D 255 -12.33 -23.95 33.26
C GLY D 255 -13.11 -24.77 32.25
N ASN D 256 -14.43 -24.68 32.36
CA ASN D 256 -15.35 -25.42 31.55
C ASN D 256 -16.21 -24.50 30.70
N VAL D 257 -16.71 -25.03 29.59
CA VAL D 257 -17.81 -24.48 28.87
C VAL D 257 -18.94 -25.51 28.83
N THR D 258 -20.17 -25.01 28.74
CA THR D 258 -21.36 -25.85 28.84
C THR D 258 -22.08 -25.87 27.50
N ALA D 259 -22.25 -27.08 26.95
CA ALA D 259 -23.08 -27.30 25.77
C ALA D 259 -24.52 -27.62 26.20
N ASP D 260 -25.47 -26.98 25.53
CA ASP D 260 -26.87 -27.20 25.71
C ASP D 260 -27.24 -28.48 24.96
N LYS D 261 -28.54 -28.76 24.88
CA LYS D 261 -28.94 -30.09 24.41
C LYS D 261 -29.03 -30.08 22.88
N ASP D 262 -28.85 -28.91 22.25
CA ASP D 262 -28.60 -28.79 20.80
C ASP D 262 -27.11 -28.94 20.45
N GLY D 263 -26.27 -29.27 21.45
CA GLY D 263 -24.81 -29.45 21.28
C GLY D 263 -24.02 -28.14 21.11
N VAL D 264 -24.61 -27.02 21.51
CA VAL D 264 -24.04 -25.71 21.35
C VAL D 264 -23.61 -25.15 22.71
N ALA D 265 -22.34 -24.72 22.78
CA ALA D 265 -21.81 -23.95 23.90
C ALA D 265 -21.69 -22.49 23.49
N ASP D 266 -22.53 -21.64 24.08
CA ASP D 266 -22.49 -20.23 23.89
C ASP D 266 -21.53 -19.65 24.93
N VAL D 267 -20.26 -19.63 24.55
CA VAL D 267 -19.16 -19.34 25.47
C VAL D 267 -19.25 -17.87 25.88
N SER D 268 -19.03 -17.61 27.16
CA SER D 268 -18.96 -16.25 27.67
C SER D 268 -18.17 -16.27 28.97
N ILE D 269 -16.89 -15.90 28.87
CA ILE D 269 -15.94 -15.95 29.94
C ILE D 269 -15.21 -14.60 29.96
N GLU D 270 -14.83 -14.17 31.15
CA GLU D 270 -13.95 -13.04 31.34
C GLU D 270 -12.83 -13.48 32.26
N ASP D 271 -11.57 -13.28 31.82
CA ASP D 271 -10.42 -13.78 32.58
C ASP D 271 -9.37 -12.68 32.72
N SER D 272 -8.72 -12.63 33.87
CA SER D 272 -7.80 -11.55 34.23
C SER D 272 -6.36 -12.09 34.30
N VAL D 273 -6.16 -13.36 33.92
CA VAL D 273 -4.84 -13.93 34.00
C VAL D 273 -4.24 -14.09 32.60
N ILE D 274 -5.04 -14.55 31.64
CA ILE D 274 -4.63 -14.57 30.23
C ILE D 274 -4.53 -13.11 29.77
N SER D 275 -3.75 -12.90 28.71
CA SER D 275 -3.62 -11.60 28.05
C SER D 275 -3.51 -11.83 26.54
N LEU D 276 -3.71 -10.76 25.76
CA LEU D 276 -3.48 -10.81 24.33
C LEU D 276 -2.16 -10.11 23.99
N SER D 277 -1.37 -9.77 25.01
CA SER D 277 -0.04 -9.21 24.84
C SER D 277 0.79 -9.52 26.07
N GLY D 278 2.11 -9.37 25.90
CA GLY D 278 3.07 -9.50 26.96
C GLY D 278 3.27 -10.93 27.44
N ASP D 279 3.65 -11.04 28.70
CA ASP D 279 4.07 -12.26 29.36
C ASP D 279 3.05 -13.39 29.19
N HIS D 280 1.78 -13.07 29.41
CA HIS D 280 0.71 -14.09 29.47
C HIS D 280 -0.07 -14.12 28.16
N SER D 281 0.52 -13.54 27.11
CA SER D 281 -0.08 -13.52 25.80
C SER D 281 -0.41 -14.94 25.34
N ILE D 282 -1.61 -15.12 24.82
CA ILE D 282 -2.06 -16.39 24.28
C ILE D 282 -2.07 -16.34 22.74
N ILE D 283 -1.66 -15.21 22.15
CA ILE D 283 -1.54 -15.08 20.68
C ILE D 283 -0.53 -16.10 20.18
N GLY D 284 -0.97 -16.92 19.22
CA GLY D 284 -0.10 -17.93 18.63
C GLY D 284 -0.05 -19.22 19.44
N ARG D 285 -0.91 -19.33 20.46
CA ARG D 285 -1.02 -20.58 21.20
C ARG D 285 -2.32 -21.25 20.74
N THR D 286 -2.69 -22.36 21.36
CA THR D 286 -3.79 -23.19 20.86
C THR D 286 -4.90 -23.21 21.92
N LEU D 287 -6.14 -22.96 21.47
CA LEU D 287 -7.31 -23.11 22.28
C LEU D 287 -7.83 -24.53 22.04
N VAL D 288 -8.16 -25.23 23.13
CA VAL D 288 -8.62 -26.63 23.07
C VAL D 288 -9.96 -26.75 23.80
N VAL D 289 -10.90 -27.45 23.16
CA VAL D 289 -12.12 -27.90 23.85
C VAL D 289 -12.06 -29.43 23.99
N HIS D 290 -12.37 -29.90 25.20
CA HIS D 290 -12.10 -31.24 25.61
C HIS D 290 -13.38 -32.10 25.64
N GLU D 291 -13.14 -33.39 25.70
CA GLU D 291 -14.15 -34.44 25.66
C GLU D 291 -15.03 -34.40 26.93
N LYS D 292 -14.39 -34.24 28.08
CA LYS D 292 -15.04 -34.33 29.39
C LYS D 292 -14.90 -33.03 30.17
N ALA D 293 -15.58 -32.98 31.33
CA ALA D 293 -15.48 -31.87 32.25
C ALA D 293 -14.06 -31.76 32.80
N ASP D 294 -13.68 -30.51 33.06
CA ASP D 294 -12.50 -30.15 33.82
C ASP D 294 -12.91 -30.19 35.31
N ASP D 295 -12.20 -31.00 36.12
CA ASP D 295 -12.46 -31.17 37.57
C ASP D 295 -11.79 -30.02 38.35
N LEU D 296 -11.13 -29.11 37.63
CA LEU D 296 -10.58 -27.88 38.21
C LEU D 296 -9.52 -28.22 39.27
N GLY D 297 -8.81 -29.31 39.08
CA GLY D 297 -7.71 -29.70 39.95
C GLY D 297 -8.16 -30.38 41.24
N LYS D 298 -9.44 -30.78 41.31
CA LYS D 298 -10.00 -31.38 42.55
C LYS D 298 -10.37 -32.86 42.40
N GLY D 299 -9.74 -33.58 41.47
CA GLY D 299 -10.07 -34.98 41.16
C GLY D 299 -9.24 -36.02 41.90
N GLY D 300 -8.25 -35.57 42.67
CA GLY D 300 -7.45 -36.43 43.54
C GLY D 300 -6.41 -37.28 42.82
N ASN D 301 -6.05 -36.95 41.57
CA ASN D 301 -4.96 -37.67 40.85
C ASN D 301 -4.00 -36.69 40.19
N GLU D 302 -2.88 -37.22 39.69
CA GLU D 302 -1.86 -36.41 39.03
C GLU D 302 -2.45 -35.75 37.78
N GLU D 303 -3.29 -36.49 37.07
CA GLU D 303 -3.99 -36.00 35.87
C GLU D 303 -4.83 -34.75 36.21
N SER D 304 -5.43 -34.73 37.41
CA SER D 304 -6.27 -33.61 37.83
C SER D 304 -5.43 -32.31 37.86
N THR D 305 -4.18 -32.42 38.34
CA THR D 305 -3.35 -31.25 38.55
C THR D 305 -2.59 -30.87 37.26
N LYS D 306 -2.83 -31.62 36.17
CA LYS D 306 -2.22 -31.39 34.85
C LYS D 306 -3.27 -30.91 33.85
N THR D 307 -4.37 -31.65 33.71
CA THR D 307 -5.39 -31.45 32.68
C THR D 307 -6.82 -31.34 33.24
N GLY D 308 -7.00 -31.50 34.55
CA GLY D 308 -8.34 -31.53 35.13
C GLY D 308 -9.14 -32.76 34.71
N ASN D 309 -8.45 -33.81 34.26
CA ASN D 309 -9.09 -35.03 33.74
C ASN D 309 -10.08 -34.68 32.63
N ALA D 310 -9.78 -33.68 31.77
CA ALA D 310 -10.78 -33.27 30.80
C ALA D 310 -10.77 -34.20 29.57
N GLY D 311 -9.80 -35.12 29.52
CA GLY D 311 -9.76 -36.13 28.49
C GLY D 311 -9.32 -35.59 27.14
N SER D 312 -9.85 -36.23 26.08
CA SER D 312 -9.43 -36.06 24.70
C SER D 312 -9.66 -34.61 24.25
N ARG D 313 -8.87 -34.23 23.23
CA ARG D 313 -8.94 -32.94 22.58
C ARG D 313 -9.88 -33.10 21.39
N LEU D 314 -11.10 -32.57 21.51
CA LEU D 314 -12.10 -32.74 20.46
C LEU D 314 -11.85 -31.77 19.30
N ALA D 315 -11.45 -30.54 19.61
CA ALA D 315 -11.18 -29.56 18.59
C ALA D 315 -10.22 -28.52 19.17
N CYS D 316 -9.52 -27.83 18.27
CA CYS D 316 -8.56 -26.84 18.63
C CYS D 316 -8.30 -25.92 17.45
N GLY D 317 -7.61 -24.82 17.75
CA GLY D 317 -7.13 -23.97 16.72
C GLY D 317 -6.11 -23.02 17.32
N VAL D 318 -5.36 -22.40 16.42
CA VAL D 318 -4.36 -21.41 16.81
C VAL D 318 -5.07 -20.08 17.01
N ILE D 319 -4.71 -19.39 18.10
CA ILE D 319 -5.29 -18.12 18.45
C ILE D 319 -4.57 -17.01 17.68
N GLY D 320 -5.32 -16.31 16.84
CA GLY D 320 -4.78 -15.38 15.89
C GLY D 320 -5.24 -13.97 16.13
N ILE D 321 -4.45 -13.04 15.60
CA ILE D 321 -4.74 -11.64 15.69
C ILE D 321 -5.94 -11.36 14.78
N ALA D 322 -6.95 -10.67 15.33
CA ALA D 322 -8.14 -10.27 14.58
C ALA D 322 -8.15 -8.75 14.41
N GLN D 323 -8.93 -8.27 13.46
CA GLN D 323 -9.03 -6.82 13.21
C GLN D 323 -9.57 -6.06 14.43
N ALA E 2 3.59 7.89 21.14
CA ALA E 2 2.93 9.21 21.03
C ALA E 2 3.23 9.79 19.64
N THR E 3 2.60 10.90 19.31
CA THR E 3 2.74 11.58 18.04
C THR E 3 3.76 12.74 18.20
N LYS E 4 3.85 13.30 19.41
CA LYS E 4 4.79 14.35 19.76
C LYS E 4 5.46 14.00 21.08
N ALA E 5 6.73 14.36 21.22
CA ALA E 5 7.45 14.19 22.48
C ALA E 5 8.32 15.42 22.70
N VAL E 6 8.81 15.56 23.94
CA VAL E 6 9.64 16.68 24.28
C VAL E 6 10.62 16.25 25.36
N CYS E 7 11.77 16.95 25.37
CA CYS E 7 12.80 16.68 26.31
C CYS E 7 13.41 17.99 26.79
N VAL E 8 13.48 18.17 28.11
CA VAL E 8 14.21 19.30 28.73
C VAL E 8 15.60 18.80 29.14
N LEU E 9 16.64 19.36 28.51
CA LEU E 9 18.02 18.94 28.77
C LEU E 9 18.57 19.83 29.89
N LYS E 10 19.11 19.21 30.94
CA LYS E 10 19.77 19.93 32.02
C LYS E 10 21.01 19.16 32.42
N GLY E 11 21.98 19.85 33.04
CA GLY E 11 23.20 19.17 33.50
C GLY E 11 23.88 19.91 34.64
N ASP E 12 25.05 19.42 35.04
CA ASP E 12 25.87 20.04 36.10
C ASP E 12 26.28 21.47 35.72
N GLY E 13 26.54 21.70 34.42
CA GLY E 13 27.13 22.91 33.93
C GLY E 13 26.10 23.84 33.31
N PRO E 14 26.51 24.70 32.35
CA PRO E 14 25.60 25.66 31.76
C PRO E 14 24.72 25.13 30.62
N VAL E 15 24.90 23.87 30.23
CA VAL E 15 24.21 23.39 29.05
C VAL E 15 22.73 23.15 29.40
N GLN E 16 21.83 23.75 28.63
CA GLN E 16 20.42 23.49 28.81
C GLN E 16 19.69 23.69 27.48
N GLY E 17 18.58 23.00 27.32
CA GLY E 17 17.83 23.15 26.09
C GLY E 17 16.54 22.37 26.11
N ILE E 18 15.77 22.56 25.03
CA ILE E 18 14.52 21.90 24.85
C ILE E 18 14.53 21.30 23.45
N ILE E 19 14.25 19.99 23.39
CA ILE E 19 14.18 19.30 22.12
C ILE E 19 12.79 18.69 21.96
N ASN E 20 12.19 18.93 20.79
CA ASN E 20 10.88 18.45 20.39
C ASN E 20 11.06 17.30 19.41
N PHE E 21 10.12 16.35 19.46
CA PHE E 21 10.06 15.27 18.51
C PHE E 21 8.63 15.18 17.96
N GLU E 22 8.50 14.94 16.65
CA GLU E 22 7.16 14.78 16.01
C GLU E 22 7.25 13.58 15.07
N GLN E 23 6.23 12.73 15.13
CA GLN E 23 6.09 11.59 14.27
C GLN E 23 4.60 11.49 13.92
N LYS E 24 4.21 12.00 12.76
CA LYS E 24 2.78 12.10 12.43
C LYS E 24 2.20 10.74 12.04
N GLU E 25 3.00 9.78 11.56
CA GLU E 25 2.45 8.42 11.49
C GLU E 25 3.45 7.42 12.08
N SER E 26 2.93 6.44 12.81
CA SER E 26 3.77 5.42 13.42
C SER E 26 4.58 4.82 12.28
N ASN E 27 5.75 4.28 12.56
CA ASN E 27 6.55 3.78 11.46
C ASN E 27 7.37 4.94 10.89
N GLY E 28 6.69 6.04 10.49
CA GLY E 28 7.25 7.15 9.69
C GLY E 28 8.46 7.82 10.36
N PRO E 29 9.17 8.72 9.66
CA PRO E 29 10.32 9.42 10.23
C PRO E 29 9.94 10.31 11.42
N VAL E 30 10.90 10.55 12.30
CA VAL E 30 10.75 11.44 13.45
C VAL E 30 11.50 12.74 13.16
N LYS E 31 10.82 13.88 13.28
CA LYS E 31 11.48 15.16 13.19
C LYS E 31 11.91 15.55 14.61
N VAL E 32 13.15 16.04 14.72
CA VAL E 32 13.78 16.40 15.97
C VAL E 32 14.25 17.84 15.85
N TRP E 33 13.75 18.73 16.70
CA TRP E 33 14.13 20.12 16.55
C TRP E 33 14.04 20.86 17.89
N GLY E 34 14.85 21.90 18.02
CA GLY E 34 14.87 22.68 19.22
C GLY E 34 16.19 23.39 19.38
N SER E 35 16.45 23.87 20.59
CA SER E 35 17.57 24.72 20.86
C SER E 35 18.26 24.23 22.12
N ILE E 36 19.59 24.16 22.06
CA ILE E 36 20.45 23.88 23.19
C ILE E 36 21.43 25.05 23.29
N LYS E 37 21.57 25.63 24.50
CA LYS E 37 22.51 26.74 24.71
C LYS E 37 23.58 26.33 25.72
N GLY E 38 24.62 27.15 25.84
CA GLY E 38 25.69 26.90 26.78
C GLY E 38 26.76 25.93 26.30
N LEU E 39 26.76 25.60 24.99
CA LEU E 39 27.71 24.64 24.43
C LEU E 39 28.96 25.36 23.92
N THR E 40 30.09 24.64 23.85
CA THR E 40 31.24 25.12 23.11
C THR E 40 30.91 25.08 21.62
N GLU E 41 31.38 26.09 20.89
CA GLU E 41 31.21 26.13 19.45
C GLU E 41 31.72 24.82 18.82
N GLY E 42 30.97 24.28 17.85
CA GLY E 42 31.40 23.09 17.10
C GLY E 42 30.49 21.89 17.37
N LEU E 43 31.01 20.70 17.09
CA LEU E 43 30.20 19.47 17.04
C LEU E 43 30.09 18.82 18.44
N HIS E 44 28.89 18.31 18.74
CA HIS E 44 28.59 17.61 20.01
C HIS E 44 27.76 16.36 19.72
N GLY E 45 28.22 15.20 20.24
CA GLY E 45 27.45 13.96 20.20
C GLY E 45 26.06 14.15 20.79
N PHE E 46 25.09 13.44 20.20
CA PHE E 46 23.68 13.63 20.47
C PHE E 46 22.99 12.27 20.32
N HIS E 47 22.58 11.66 21.45
CA HIS E 47 22.09 10.27 21.37
C HIS E 47 20.93 10.05 22.32
N VAL E 48 20.15 9.01 22.01
CA VAL E 48 19.21 8.47 22.93
C VAL E 48 19.88 7.30 23.66
N HIS E 49 19.91 7.42 24.99
CA HIS E 49 20.44 6.44 25.90
C HIS E 49 19.30 5.55 26.40
N GLU E 50 19.64 4.37 26.91
CA GLU E 50 18.63 3.32 27.09
C GLU E 50 17.64 3.67 28.21
N PHE E 51 18.11 4.21 29.33
CA PHE E 51 17.23 4.36 30.50
C PHE E 51 16.85 5.82 30.70
N GLY E 52 15.59 6.04 31.07
CA GLY E 52 15.09 7.34 31.48
C GLY E 52 15.25 7.52 32.98
N ASP E 53 16.47 7.26 33.44
CA ASP E 53 16.85 7.18 34.84
C ASP E 53 17.89 8.27 35.10
N ASN E 54 17.46 9.34 35.77
CA ASN E 54 18.35 10.42 36.03
C ASN E 54 18.59 10.50 37.55
N THR E 55 18.52 9.34 38.24
CA THR E 55 18.71 9.32 39.69
C THR E 55 20.15 9.67 40.09
N ALA E 56 21.14 9.42 39.23
CA ALA E 56 22.52 9.86 39.47
C ALA E 56 22.97 10.77 38.34
N GLY E 57 22.10 11.72 37.97
CA GLY E 57 22.33 12.57 36.81
C GLY E 57 22.34 11.79 35.51
N CYS E 58 23.14 12.26 34.55
CA CYS E 58 23.19 11.69 33.21
C CYS E 58 23.86 10.31 33.22
N THR E 59 24.70 10.02 34.24
CA THR E 59 25.39 8.71 34.31
C THR E 59 24.40 7.54 34.35
N SER E 60 23.26 7.72 35.03
CA SER E 60 22.33 6.58 35.23
C SER E 60 21.47 6.30 33.99
N ALA E 61 21.62 7.08 32.91
CA ALA E 61 20.90 6.85 31.65
C ALA E 61 21.39 5.57 30.93
N GLY E 62 22.55 5.06 31.36
CA GLY E 62 23.09 3.86 30.81
C GLY E 62 23.71 4.12 29.44
N PRO E 63 23.93 3.04 28.64
CA PRO E 63 24.54 3.17 27.32
C PRO E 63 23.52 3.65 26.26
N HIS E 64 23.98 3.74 25.01
CA HIS E 64 23.13 4.10 23.90
C HIS E 64 22.00 3.09 23.79
N PHE E 65 20.83 3.59 23.43
CA PHE E 65 19.68 2.73 23.20
C PHE E 65 19.99 1.85 21.99
N ASN E 66 20.02 0.52 22.20
CA ASN E 66 20.59 -0.38 21.23
C ASN E 66 19.82 -1.71 21.21
N PRO E 67 18.51 -1.71 20.91
CA PRO E 67 17.74 -2.96 20.99
C PRO E 67 18.16 -4.03 19.97
N LEU E 68 18.86 -3.66 18.89
CA LEU E 68 19.29 -4.65 17.88
C LEU E 68 20.75 -5.10 18.08
N SER E 69 21.39 -4.69 19.18
CA SER E 69 22.73 -5.11 19.55
C SER E 69 23.72 -4.90 18.41
N ARG E 70 23.74 -3.69 17.85
CA ARG E 70 24.69 -3.33 16.83
C ARG E 70 25.81 -2.47 17.45
N LYS E 71 26.82 -2.18 16.62
CA LYS E 71 27.88 -1.25 16.97
C LYS E 71 27.40 0.17 16.66
N HIS E 72 28.03 1.12 17.34
CA HIS E 72 27.73 2.53 17.21
C HIS E 72 28.06 2.98 15.79
N GLY E 73 27.23 3.87 15.26
CA GLY E 73 27.47 4.46 13.98
C GLY E 73 26.88 5.86 13.93
N GLY E 74 26.90 6.44 12.73
CA GLY E 74 26.21 7.68 12.47
C GLY E 74 24.79 7.39 12.05
N PRO E 75 23.87 8.37 12.14
CA PRO E 75 22.48 8.11 11.81
C PRO E 75 22.25 7.58 10.37
N LYS E 76 23.14 7.89 9.42
CA LYS E 76 22.97 7.44 8.05
C LYS E 76 23.53 6.02 7.85
N ASP E 77 24.17 5.43 8.85
CA ASP E 77 24.76 4.11 8.71
C ASP E 77 23.72 3.01 8.95
N GLU E 78 23.91 1.92 8.20
CA GLU E 78 23.27 0.64 8.38
C GLU E 78 23.57 0.10 9.79
N GLU E 79 24.85 0.10 10.16
CA GLU E 79 25.29 -0.38 11.46
C GLU E 79 25.32 0.84 12.36
N ARG E 80 24.29 0.95 13.19
CA ARG E 80 24.20 2.02 14.21
C ARG E 80 23.33 1.51 15.35
N HIS E 81 23.42 2.17 16.50
CA HIS E 81 22.47 2.03 17.57
C HIS E 81 21.19 2.76 17.14
N VAL E 82 20.04 2.29 17.61
CA VAL E 82 18.80 3.06 17.39
C VAL E 82 18.99 4.48 17.90
N GLY E 83 19.67 4.63 19.04
CA GLY E 83 19.86 5.93 19.66
C GLY E 83 20.90 6.84 19.01
N SER E 84 21.57 6.43 17.93
CA SER E 84 22.75 7.17 17.44
C SER E 84 22.33 8.25 16.43
N ASP E 84 21.50 6.41 17.90
CA ASP E 84 22.58 7.14 17.27
C ASP E 84 22.00 8.25 16.39
N LEU E 85 22.00 9.46 16.93
CA LEU E 85 21.50 10.58 16.17
C LEU E 85 22.63 11.50 15.71
N GLY E 86 23.90 11.11 15.89
CA GLY E 86 25.01 11.83 15.26
C GLY E 86 25.42 13.04 16.08
N ASN E 87 25.76 14.11 15.38
CA ASN E 87 26.22 15.34 16.03
C ASN E 87 25.16 16.45 15.87
N VAL E 88 25.20 17.39 16.82
CA VAL E 88 24.57 18.69 16.71
C VAL E 88 25.66 19.74 16.76
N THR E 89 25.43 20.88 16.08
CA THR E 89 26.47 21.89 15.96
C THR E 89 26.03 23.15 16.70
N ALA E 90 26.88 23.61 17.63
CA ALA E 90 26.70 24.87 18.33
C ALA E 90 27.45 25.97 17.56
N ASP E 91 26.78 27.12 17.41
CA ASP E 91 27.35 28.31 16.77
C ASP E 91 28.29 29.03 17.74
N LYS E 92 28.75 30.22 17.33
CA LYS E 92 29.78 30.99 18.06
C LYS E 92 29.22 31.51 19.39
N ASP E 93 27.89 31.59 19.53
CA ASP E 93 27.27 31.98 20.79
C ASP E 93 26.97 30.79 21.69
N GLY E 94 27.32 29.58 21.24
CA GLY E 94 27.16 28.38 22.03
C GLY E 94 25.77 27.77 21.89
N VAL E 95 25.06 28.09 20.81
CA VAL E 95 23.68 27.68 20.60
C VAL E 95 23.61 26.65 19.46
N ALA E 96 23.02 25.48 19.75
CA ALA E 96 22.73 24.50 18.73
C ALA E 96 21.25 24.59 18.38
N ASP E 97 20.96 25.07 17.16
CA ASP E 97 19.61 25.05 16.63
C ASP E 97 19.37 23.71 15.94
N VAL E 98 18.92 22.73 16.72
CA VAL E 98 18.85 21.36 16.25
C VAL E 98 17.77 21.20 15.19
N SER E 99 18.11 20.49 14.12
CA SER E 99 17.15 20.11 13.11
C SER E 99 17.57 18.79 12.45
N ILE E 100 16.94 17.70 12.87
CA ILE E 100 17.28 16.36 12.44
C ILE E 100 16.00 15.65 12.01
N GLU E 101 16.12 14.74 11.03
CA GLU E 101 15.06 13.83 10.68
C GLU E 101 15.64 12.43 10.69
N ASP E 102 14.99 11.50 11.41
CA ASP E 102 15.54 10.16 11.53
C ASP E 102 14.42 9.12 11.44
N SER E 103 14.68 8.02 10.74
CA SER E 103 13.65 7.03 10.53
C SER E 103 13.96 5.73 11.27
N VAL E 104 14.96 5.73 12.16
CA VAL E 104 15.27 4.54 12.93
C VAL E 104 14.67 4.68 14.34
N ILE E 105 14.83 5.85 14.97
CA ILE E 105 14.09 6.10 16.21
C ILE E 105 12.60 6.15 15.88
N SER E 106 11.79 5.93 16.90
CA SER E 106 10.36 6.05 16.78
C SER E 106 9.79 6.60 18.09
N LEU E 107 8.54 7.08 18.04
CA LEU E 107 7.84 7.46 19.24
C LEU E 107 6.80 6.39 19.63
N SER E 108 6.89 5.21 19.01
CA SER E 108 6.10 4.06 19.47
C SER E 108 6.76 2.76 19.02
N GLY E 109 6.34 1.66 19.63
CA GLY E 109 6.79 0.32 19.32
C GLY E 109 8.18 0.05 19.84
N ASP E 110 8.83 -0.90 19.20
CA ASP E 110 10.12 -1.46 19.62
C ASP E 110 11.20 -0.38 19.72
N HIS E 111 11.18 0.58 18.79
CA HIS E 111 12.22 1.61 18.71
C HIS E 111 11.81 2.88 19.43
N SER E 112 10.74 2.82 20.23
CA SER E 112 10.24 3.97 20.94
C SER E 112 11.33 4.51 21.87
N ILE E 113 11.52 5.83 21.81
CA ILE E 113 12.43 6.54 22.69
C ILE E 113 11.66 7.22 23.83
N ILE E 114 10.33 7.03 23.87
CA ILE E 114 9.51 7.60 24.97
C ILE E 114 9.98 6.98 26.29
N GLY E 115 10.30 7.84 27.26
CA GLY E 115 10.73 7.40 28.59
C GLY E 115 12.21 7.02 28.64
N ARG E 116 12.95 7.33 27.57
CA ARG E 116 14.40 7.11 27.57
C ARG E 116 15.08 8.47 27.74
N THR E 117 16.42 8.53 27.67
CA THR E 117 17.10 9.78 27.96
C THR E 117 17.77 10.30 26.70
N LEU E 118 17.60 11.59 26.40
CA LEU E 118 18.41 12.27 25.36
C LEU E 118 19.61 12.91 26.07
N VAL E 119 20.80 12.76 25.49
CA VAL E 119 22.04 13.23 26.04
C VAL E 119 22.77 14.06 24.99
N VAL E 120 23.33 15.19 25.41
CA VAL E 120 24.25 15.92 24.55
C VAL E 120 25.63 15.86 25.21
N HIS E 121 26.66 15.60 24.40
CA HIS E 121 27.98 15.22 24.86
C HIS E 121 28.98 16.37 24.72
N GLU E 122 30.11 16.19 25.39
CA GLU E 122 31.24 17.10 25.51
C GLU E 122 31.91 17.31 24.14
N LYS E 123 32.10 16.23 23.39
CA LYS E 123 32.90 16.22 22.17
C LYS E 123 32.05 15.75 20.98
N ALA E 124 32.63 15.90 19.79
CA ALA E 124 32.09 15.35 18.54
C ALA E 124 32.00 13.82 18.61
N ASP E 125 30.91 13.27 18.10
CA ASP E 125 30.73 11.89 17.82
C ASP E 125 31.50 11.58 16.54
N ASP E 126 32.40 10.58 16.59
CA ASP E 126 33.20 10.17 15.40
C ASP E 126 32.40 9.24 14.48
N LEU E 127 31.11 9.05 14.80
CA LEU E 127 30.14 8.28 14.00
C LEU E 127 30.62 6.83 13.80
N GLY E 128 31.34 6.30 14.80
CA GLY E 128 31.80 4.93 14.80
C GLY E 128 32.97 4.70 13.87
N LYS E 129 33.64 5.77 13.44
CA LYS E 129 34.73 5.68 12.44
C LYS E 129 36.10 5.97 13.05
N GLY E 130 36.20 5.87 14.37
CA GLY E 130 37.42 6.25 15.10
C GLY E 130 38.44 5.11 15.25
N GLY E 131 38.04 3.86 14.98
CA GLY E 131 38.96 2.74 14.85
C GLY E 131 39.42 2.14 16.16
N ASN E 132 38.89 2.66 17.28
CA ASN E 132 39.19 2.12 18.57
C ASN E 132 37.89 1.54 19.11
N GLU E 133 38.04 0.86 20.24
CA GLU E 133 36.93 0.16 20.87
C GLU E 133 35.86 1.15 21.32
N GLU E 134 36.29 2.30 21.82
CA GLU E 134 35.37 3.32 22.32
C GLU E 134 34.47 3.83 21.18
N SER E 135 35.02 3.91 19.95
CA SER E 135 34.28 4.44 18.83
C SER E 135 33.04 3.59 18.56
N THR E 136 33.18 2.27 18.73
CA THR E 136 32.12 1.30 18.46
C THR E 136 31.06 1.33 19.56
N LYS E 137 31.30 2.03 20.68
CA LYS E 137 30.34 2.09 21.79
C LYS E 137 29.70 3.48 21.89
N THR E 138 30.52 4.54 21.91
CA THR E 138 30.06 5.86 22.21
C THR E 138 30.46 6.90 21.16
N GLY E 139 31.23 6.50 20.13
CA GLY E 139 31.74 7.46 19.11
C GLY E 139 32.77 8.42 19.71
N ASN E 140 33.33 8.06 20.87
CA ASN E 140 34.35 8.89 21.55
C ASN E 140 33.77 10.28 21.87
N ALA E 141 32.46 10.36 22.14
CA ALA E 141 31.82 11.66 22.32
C ALA E 141 32.08 12.25 23.72
N GLY E 142 32.61 11.44 24.64
CA GLY E 142 33.04 11.91 25.94
C GLY E 142 31.89 12.13 26.88
N SER E 143 32.10 13.06 27.82
CA SER E 143 31.21 13.37 28.94
C SER E 143 29.81 13.75 28.47
N ARG E 144 28.85 13.47 29.34
CA ARG E 144 27.47 13.85 29.19
C ARG E 144 27.26 15.23 29.80
N LEU E 145 27.05 16.24 28.96
CA LEU E 145 26.97 17.64 29.44
C LEU E 145 25.57 17.94 29.97
N ALA E 146 24.56 17.37 29.33
CA ALA E 146 23.21 17.58 29.75
C ALA E 146 22.32 16.44 29.25
N CYS E 147 21.19 16.25 29.92
CA CYS E 147 20.28 15.20 29.54
C CYS E 147 18.89 15.46 30.11
N GLY E 148 17.93 14.67 29.65
CA GLY E 148 16.61 14.64 30.23
C GLY E 148 15.84 13.47 29.67
N VAL E 149 14.73 13.16 30.33
CA VAL E 149 13.89 12.07 29.95
C VAL E 149 12.93 12.58 28.88
N ILE E 150 12.72 11.76 27.86
CA ILE E 150 11.85 12.11 26.75
C ILE E 150 10.40 11.79 27.15
N GLY E 151 9.55 12.82 27.15
CA GLY E 151 8.18 12.70 27.59
C GLY E 151 7.19 12.93 26.48
N ILE E 152 6.00 12.38 26.68
CA ILE E 152 4.86 12.62 25.76
C ILE E 152 4.44 14.08 25.85
N ALA E 153 4.31 14.73 24.68
CA ALA E 153 3.93 16.15 24.59
C ALA E 153 2.52 16.23 23.98
N GLN E 154 1.85 17.39 24.02
CA GLN E 154 0.34 17.47 23.80
C GLN E 154 -0.09 17.01 22.39
N GLY E 155 0.07 15.70 22.11
CA GLY E 155 -0.30 15.07 20.85
C GLY E 155 -1.24 13.90 21.07
N ALA E 156 -1.01 12.80 20.33
CA ALA E 156 -1.96 11.69 20.17
C ALA E 156 -1.25 10.33 20.08
N ALA E 157 -2.05 9.27 19.89
CA ALA E 157 -1.66 7.95 19.31
C ALA E 157 -0.19 7.63 19.57
N GLY E 167 0.17 5.44 22.69
CA GLY E 167 1.42 5.74 21.93
C GLY E 167 2.52 6.26 22.86
N GLY E 168 3.47 5.38 23.16
CA GLY E 168 4.48 5.80 24.06
C GLY E 168 5.43 4.68 24.37
N GLY E 169 5.44 4.30 25.65
CA GLY E 169 6.49 3.52 26.22
C GLY E 169 6.01 2.29 26.95
N SER E 170 6.93 1.31 27.01
CA SER E 170 6.76 0.02 27.66
C SER E 170 8.02 -0.28 28.49
N ALA E 171 7.86 -1.02 29.62
CA ALA E 171 8.95 -1.48 30.52
C ALA E 171 8.41 -2.28 31.74
N THR E 172 9.29 -3.03 32.41
CA THR E 172 8.95 -3.75 33.64
C THR E 172 9.43 -2.96 34.87
N LYS E 173 10.36 -2.01 34.70
CA LYS E 173 10.77 -1.08 35.75
C LYS E 173 10.78 0.36 35.23
N ALA E 174 10.35 1.30 36.08
CA ALA E 174 10.42 2.71 35.76
C ALA E 174 10.88 3.47 36.99
N VAL E 175 11.26 4.73 36.79
CA VAL E 175 11.75 5.56 37.88
C VAL E 175 11.42 7.00 37.53
N CYS E 176 11.26 7.81 38.57
CA CYS E 176 10.94 9.18 38.42
C CYS E 176 11.71 9.98 39.48
N VAL E 177 12.42 11.01 39.03
CA VAL E 177 13.05 12.02 39.87
C VAL E 177 12.15 13.26 39.90
N LEU E 178 11.59 13.52 41.08
CA LEU E 178 10.70 14.64 41.32
C LEU E 178 11.53 15.85 41.75
N LYS E 179 11.33 16.98 41.08
CA LYS E 179 11.91 18.28 41.45
C LYS E 179 10.89 19.37 41.14
N GLY E 180 11.10 20.54 41.73
CA GLY E 180 10.20 21.68 41.51
C GLY E 180 10.89 23.00 41.78
N ASP E 181 10.11 24.06 41.80
CA ASP E 181 10.61 25.41 42.05
C ASP E 181 11.02 25.58 43.52
N GLY E 182 10.55 24.69 44.39
CA GLY E 182 10.80 24.76 45.80
C GLY E 182 11.75 23.67 46.27
N PRO E 183 11.63 23.27 47.56
CA PRO E 183 12.49 22.23 48.13
C PRO E 183 12.03 20.79 47.99
N VAL E 184 10.86 20.56 47.41
CA VAL E 184 10.33 19.20 47.31
C VAL E 184 11.18 18.42 46.29
N GLN E 185 11.66 17.25 46.71
CA GLN E 185 12.37 16.37 45.83
C GLN E 185 12.23 14.93 46.29
N GLY E 186 12.43 14.02 45.35
CA GLY E 186 12.26 12.64 45.62
C GLY E 186 12.57 11.75 44.45
N ILE E 187 12.60 10.45 44.74
CA ILE E 187 12.77 9.40 43.79
C ILE E 187 11.67 8.35 44.02
N ILE E 188 10.91 8.06 42.97
CA ILE E 188 9.86 7.05 42.99
C ILE E 188 10.18 5.96 41.96
N ASN E 189 10.11 4.71 42.43
CA ASN E 189 10.36 3.55 41.66
C ASN E 189 9.02 2.90 41.30
N PHE E 190 8.99 2.24 40.14
CA PHE E 190 7.85 1.47 39.68
C PHE E 190 8.33 0.11 39.20
N GLU E 191 7.56 -0.94 39.48
CA GLU E 191 7.86 -2.25 38.98
C GLU E 191 6.56 -2.97 38.63
N GLN E 192 6.57 -3.68 37.50
CA GLN E 192 5.45 -4.44 37.00
C GLN E 192 6.00 -5.73 36.41
N LYS E 193 5.77 -6.82 37.13
CA LYS E 193 6.35 -8.13 36.83
C LYS E 193 5.71 -8.69 35.56
N GLU E 194 4.40 -8.51 35.41
CA GLU E 194 3.73 -8.94 34.19
C GLU E 194 2.86 -7.81 33.65
N SER E 195 2.69 -7.82 32.33
CA SER E 195 2.10 -6.70 31.61
C SER E 195 0.64 -6.50 32.03
N ASN E 196 0.00 -7.57 32.51
CA ASN E 196 -1.39 -7.45 32.91
C ASN E 196 -1.53 -7.57 34.43
N GLY E 197 -0.41 -7.40 35.16
CA GLY E 197 -0.37 -7.44 36.60
C GLY E 197 -0.29 -6.02 37.17
N PRO E 198 -0.33 -5.89 38.51
CA PRO E 198 -0.31 -4.59 39.16
C PRO E 198 1.07 -3.91 39.09
N VAL E 199 1.07 -2.59 39.27
CA VAL E 199 2.33 -1.83 39.38
C VAL E 199 2.61 -1.54 40.86
N LYS E 200 3.81 -1.93 41.32
CA LYS E 200 4.30 -1.54 42.62
C LYS E 200 5.00 -0.19 42.49
N VAL E 201 4.73 0.71 43.42
CA VAL E 201 5.22 2.09 43.43
C VAL E 201 5.83 2.37 44.81
N TRP E 202 7.12 2.74 44.88
CA TRP E 202 7.75 3.01 46.16
C TRP E 202 8.92 3.98 46.02
N GLY E 203 9.21 4.68 47.12
CA GLY E 203 10.32 5.59 47.19
C GLY E 203 10.08 6.59 48.29
N SER E 204 10.66 7.78 48.17
CA SER E 204 10.42 8.81 49.16
C SER E 204 10.57 10.19 48.55
N ILE E 205 9.86 11.13 49.18
CA ILE E 205 9.81 12.53 48.83
C ILE E 205 10.15 13.30 50.12
N LYS E 206 11.02 14.30 50.00
CA LYS E 206 11.38 15.17 51.13
C LYS E 206 11.02 16.62 50.78
N GLY E 207 10.99 17.48 51.81
CA GLY E 207 10.74 18.92 51.64
C GLY E 207 9.26 19.24 51.66
N LEU E 208 8.45 18.29 52.14
CA LEU E 208 7.01 18.48 52.20
C LEU E 208 6.62 19.02 53.59
N THR E 209 5.48 19.72 53.65
CA THR E 209 4.83 19.98 54.92
C THR E 209 4.22 18.66 55.43
N GLU E 210 4.30 18.46 56.73
CA GLU E 210 3.71 17.28 57.38
C GLU E 210 2.23 17.18 56.99
N GLY E 211 1.78 15.97 56.70
CA GLY E 211 0.38 15.71 56.30
C GLY E 211 0.25 15.13 54.90
N LEU E 212 -0.98 15.20 54.36
CA LEU E 212 -1.35 14.47 53.15
C LEU E 212 -1.07 15.34 51.92
N HIS E 213 -0.56 14.69 50.86
CA HIS E 213 -0.25 15.38 49.60
C HIS E 213 -0.76 14.55 48.42
N GLY E 214 -1.57 15.18 47.56
CA GLY E 214 -2.06 14.51 46.37
C GLY E 214 -0.90 14.03 45.50
N PHE E 215 -1.10 12.88 44.87
CA PHE E 215 -0.08 12.14 44.17
C PHE E 215 -0.73 11.57 42.91
N HIS E 216 -0.41 12.14 41.75
CA HIS E 216 -1.07 11.80 40.51
C HIS E 216 -0.07 11.68 39.35
N VAL E 217 -0.51 10.92 38.34
CA VAL E 217 0.11 10.94 37.04
C VAL E 217 -0.71 11.88 36.16
N HIS E 218 -0.01 12.86 35.60
CA HIS E 218 -0.55 13.82 34.68
C HIS E 218 -0.21 13.38 33.25
N GLU E 219 -1.00 13.86 32.30
CA GLU E 219 -1.03 13.30 30.95
C GLU E 219 0.31 13.45 30.21
N PHE E 220 0.94 14.61 30.28
CA PHE E 220 2.09 14.91 29.43
C PHE E 220 3.38 14.89 30.23
N GLY E 221 4.42 14.29 29.63
CA GLY E 221 5.77 14.30 30.17
C GLY E 221 6.52 15.53 29.67
N ASP E 222 5.88 16.69 29.81
CA ASP E 222 6.30 17.97 29.27
C ASP E 222 6.63 18.88 30.44
N ASN E 223 7.93 19.11 30.63
CA ASN E 223 8.47 19.88 31.71
C ASN E 223 8.99 21.25 31.25
N THR E 224 8.64 21.67 30.04
CA THR E 224 9.17 22.90 29.47
C THR E 224 8.75 24.12 30.28
N ALA E 225 7.60 24.03 30.98
CA ALA E 225 7.17 25.08 31.94
C ALA E 225 7.12 24.50 33.36
N GLY E 226 8.14 23.70 33.71
CA GLY E 226 8.09 22.92 34.96
C GLY E 226 6.84 22.04 35.01
N CYS E 227 6.18 21.99 36.16
CA CYS E 227 5.04 21.07 36.38
C CYS E 227 3.80 21.57 35.64
N THR E 228 3.80 22.86 35.30
CA THR E 228 2.66 23.52 34.71
C THR E 228 2.31 22.92 33.33
N SER E 229 3.32 22.46 32.58
CA SER E 229 3.11 21.97 31.21
C SER E 229 2.68 20.50 31.18
N ALA E 230 2.59 19.86 32.36
CA ALA E 230 2.20 18.43 32.43
C ALA E 230 0.73 18.20 32.06
N GLY E 231 -0.08 19.27 32.05
CA GLY E 231 -1.46 19.17 31.66
C GLY E 231 -2.32 18.56 32.77
N PRO E 232 -3.51 18.01 32.42
CA PRO E 232 -4.43 17.48 33.41
C PRO E 232 -4.04 16.05 33.82
N HIS E 233 -4.80 15.48 34.75
CA HIS E 233 -4.61 14.13 35.19
C HIS E 233 -4.69 13.20 33.97
N PHE E 234 -3.87 12.16 33.95
CA PHE E 234 -3.94 11.17 32.91
C PHE E 234 -5.27 10.42 33.01
N ASN E 235 -6.10 10.55 31.95
CA ASN E 235 -7.50 10.11 31.99
C ASN E 235 -7.95 9.57 30.64
N PRO E 236 -7.40 8.43 30.17
CA PRO E 236 -7.74 7.90 28.85
C PRO E 236 -9.20 7.41 28.73
N LEU E 237 -9.78 6.93 29.82
CA LEU E 237 -11.13 6.35 29.81
C LEU E 237 -12.20 7.45 29.94
N SER E 238 -11.77 8.70 30.14
CA SER E 238 -12.58 9.90 30.00
C SER E 238 -13.68 9.96 31.06
N ARG E 239 -13.31 9.81 32.35
CA ARG E 239 -14.27 9.79 33.47
C ARG E 239 -13.84 10.76 34.58
N LYS E 240 -14.59 10.74 35.70
CA LYS E 240 -14.41 11.68 36.81
C LYS E 240 -13.27 11.23 37.72
N HIS E 241 -12.64 12.21 38.38
CA HIS E 241 -11.60 11.98 39.36
C HIS E 241 -12.18 11.19 40.54
N GLY E 242 -11.41 10.21 41.04
CA GLY E 242 -11.69 9.57 42.31
C GLY E 242 -10.42 9.17 43.04
N GLY E 243 -10.62 8.42 44.14
CA GLY E 243 -9.52 7.72 44.82
C GLY E 243 -9.08 6.50 44.01
N PRO E 244 -7.86 5.97 44.26
CA PRO E 244 -7.39 4.75 43.60
C PRO E 244 -8.39 3.58 43.54
N LYS E 245 -9.20 3.41 44.59
CA LYS E 245 -10.13 2.29 44.69
C LYS E 245 -11.55 2.71 44.27
N ASP E 246 -11.68 3.81 43.50
CA ASP E 246 -12.92 4.11 42.76
C ASP E 246 -12.86 3.45 41.37
N GLU E 247 -14.00 2.95 40.91
CA GLU E 247 -14.19 2.60 39.50
C GLU E 247 -14.15 3.91 38.70
N GLU E 248 -14.95 4.88 39.13
CA GLU E 248 -14.89 6.24 38.60
C GLU E 248 -13.63 6.93 39.13
N ARG E 249 -12.54 6.80 38.35
CA ARG E 249 -11.27 7.45 38.64
C ARG E 249 -10.51 7.67 37.34
N HIS E 250 -9.63 8.68 37.34
CA HIS E 250 -8.63 8.82 36.32
C HIS E 250 -7.62 7.69 36.49
N VAL E 251 -7.07 7.19 35.38
CA VAL E 251 -5.97 6.26 35.48
C VAL E 251 -4.87 6.86 36.40
N GLY E 252 -4.64 8.17 36.30
CA GLY E 252 -3.53 8.84 37.01
C GLY E 252 -3.75 9.09 38.50
N SER E 253 -4.95 8.84 39.03
CA SER E 253 -5.27 9.22 40.40
C SER E 253 -4.74 8.17 41.36
N ASP E 253 -4.94 8.73 39.00
CA ASP E 253 -5.36 8.98 40.38
C ASP E 253 -4.66 8.00 41.31
N LEU E 254 -3.54 8.42 41.91
CA LEU E 254 -2.85 7.52 42.84
C LEU E 254 -3.06 7.95 44.31
N GLY E 255 -4.01 8.83 44.59
CA GLY E 255 -4.38 9.10 45.99
C GLY E 255 -3.46 10.11 46.65
N ASN E 256 -3.02 9.80 47.87
CA ASN E 256 -2.27 10.71 48.71
C ASN E 256 -1.04 9.99 49.26
N VAL E 257 0.01 10.77 49.50
CA VAL E 257 1.14 10.34 50.26
C VAL E 257 1.15 11.19 51.53
N THR E 258 1.77 10.66 52.57
CA THR E 258 1.80 11.26 53.89
C THR E 258 3.24 11.62 54.28
N ALA E 259 3.47 12.90 54.49
CA ALA E 259 4.75 13.34 54.97
C ALA E 259 4.70 13.39 56.50
N ASP E 260 5.77 12.89 57.12
CA ASP E 260 5.94 12.89 58.55
C ASP E 260 6.38 14.30 58.99
N LYS E 261 6.79 14.39 60.26
CA LYS E 261 7.12 15.67 60.85
C LYS E 261 8.49 16.16 60.35
N ASP E 262 9.31 15.27 59.78
CA ASP E 262 10.54 15.67 59.14
C ASP E 262 10.30 16.12 57.68
N GLY E 263 9.04 16.11 57.23
CA GLY E 263 8.66 16.51 55.88
C GLY E 263 8.99 15.45 54.83
N VAL E 264 9.06 14.18 55.27
CA VAL E 264 9.42 13.05 54.44
C VAL E 264 8.22 12.12 54.29
N ALA E 265 7.87 11.80 53.03
CA ALA E 265 6.81 10.87 52.69
C ALA E 265 7.45 9.61 52.12
N ASP E 266 7.30 8.50 52.83
CA ASP E 266 7.68 7.18 52.37
C ASP E 266 6.49 6.60 51.61
N VAL E 267 6.73 6.28 50.34
CA VAL E 267 5.66 5.93 49.41
C VAL E 267 5.72 4.43 49.20
N SER E 268 4.56 3.79 49.27
CA SER E 268 4.45 2.38 49.08
C SER E 268 3.04 2.06 48.63
N ILE E 269 2.85 1.89 47.32
CA ILE E 269 1.55 1.80 46.69
C ILE E 269 1.57 0.58 45.75
N GLU E 270 0.41 -0.06 45.60
CA GLU E 270 0.22 -1.07 44.59
C GLU E 270 -1.07 -0.74 43.85
N ASP E 271 -0.99 -0.59 42.52
CA ASP E 271 -2.12 -0.15 41.73
C ASP E 271 -2.26 -1.00 40.48
N SER E 272 -3.50 -1.38 40.17
CA SER E 272 -3.73 -2.26 39.02
C SER E 272 -4.47 -1.51 37.90
N VAL E 273 -4.56 -0.19 37.97
CA VAL E 273 -5.17 0.59 36.89
C VAL E 273 -4.06 1.19 36.02
N ILE E 274 -3.05 1.78 36.67
CA ILE E 274 -1.85 2.22 35.91
C ILE E 274 -1.12 0.97 35.38
N SER E 275 -0.33 1.19 34.33
CA SER E 275 0.52 0.17 33.72
C SER E 275 1.86 0.81 33.34
N LEU E 276 2.86 -0.02 33.10
CA LEU E 276 4.11 0.44 32.55
C LEU E 276 4.22 0.06 31.05
N SER E 277 3.12 -0.38 30.44
CA SER E 277 3.03 -0.68 29.00
C SER E 277 1.57 -0.59 28.54
N GLY E 278 1.37 -0.50 27.22
CA GLY E 278 0.07 -0.46 26.61
C GLY E 278 -0.69 0.82 26.89
N ASP E 279 -2.02 0.68 26.89
CA ASP E 279 -2.99 1.79 26.86
C ASP E 279 -2.85 2.70 28.10
N HIS E 280 -2.65 2.07 29.26
CA HIS E 280 -2.61 2.79 30.50
C HIS E 280 -1.16 3.06 30.94
N SER E 281 -0.20 2.94 30.00
CA SER E 281 1.18 3.17 30.29
C SER E 281 1.38 4.61 30.78
N ILE E 282 2.12 4.74 31.87
CA ILE E 282 2.50 6.01 32.41
C ILE E 282 3.94 6.36 32.03
N ILE E 283 4.61 5.50 31.28
CA ILE E 283 5.97 5.78 30.79
C ILE E 283 5.88 7.05 29.93
N GLY E 284 6.73 8.03 30.23
CA GLY E 284 6.78 9.26 29.47
C GLY E 284 5.72 10.27 29.88
N ARG E 285 4.99 9.99 30.96
CA ARG E 285 4.05 10.95 31.53
C ARG E 285 4.72 11.56 32.75
N THR E 286 4.04 12.48 33.43
CA THR E 286 4.61 13.23 34.56
C THR E 286 3.95 12.77 35.87
N LEU E 287 4.79 12.44 36.85
CA LEU E 287 4.30 12.19 38.20
C LEU E 287 4.38 13.52 38.94
N VAL E 288 3.31 13.87 39.67
CA VAL E 288 3.20 15.16 40.35
C VAL E 288 2.81 14.92 41.82
N VAL E 289 3.52 15.60 42.74
CA VAL E 289 3.10 15.70 44.12
C VAL E 289 2.59 17.12 44.39
N HIS E 290 1.43 17.20 45.06
CA HIS E 290 0.66 18.42 45.24
C HIS E 290 0.79 19.02 46.66
N GLU E 291 0.44 20.29 46.73
CA GLU E 291 0.43 21.16 47.93
C GLU E 291 -0.47 20.59 49.04
N LYS E 292 -1.70 20.22 48.66
CA LYS E 292 -2.75 19.85 49.60
C LYS E 292 -3.19 18.39 49.35
N ALA E 293 -4.02 17.89 50.27
CA ALA E 293 -4.61 16.57 50.17
C ALA E 293 -5.53 16.50 48.94
N ASP E 294 -5.55 15.33 48.31
CA ASP E 294 -6.52 15.00 47.30
C ASP E 294 -7.75 14.47 48.04
N ASP E 295 -8.88 15.16 47.89
CA ASP E 295 -10.14 14.78 48.60
C ASP E 295 -10.78 13.55 47.93
N LEU E 296 -10.16 13.09 46.83
CA LEU E 296 -10.48 11.84 46.14
C LEU E 296 -11.85 11.95 45.44
N GLY E 297 -12.20 13.15 44.98
CA GLY E 297 -13.39 13.40 44.16
C GLY E 297 -14.68 13.39 44.98
N LYS E 298 -14.58 13.66 46.29
CA LYS E 298 -15.70 13.59 47.24
C LYS E 298 -15.82 14.93 47.99
N GLY E 299 -15.55 16.03 47.28
CA GLY E 299 -15.48 17.39 47.84
C GLY E 299 -16.76 18.18 47.64
N GLY E 300 -17.66 17.69 46.78
CA GLY E 300 -18.96 18.32 46.52
C GLY E 300 -18.84 19.66 45.80
N ASN E 301 -17.79 19.80 44.97
CA ASN E 301 -17.62 20.93 44.05
C ASN E 301 -17.02 20.41 42.73
N GLU E 302 -16.94 21.29 41.72
CA GLU E 302 -16.53 20.91 40.36
C GLU E 302 -15.05 20.52 40.32
N GLU E 303 -14.20 21.30 41.00
CA GLU E 303 -12.74 21.05 41.07
C GLU E 303 -12.47 19.66 41.65
N SER E 304 -13.33 19.18 42.56
CA SER E 304 -13.15 17.89 43.24
C SER E 304 -13.16 16.74 42.21
N THR E 305 -14.05 16.86 41.22
CA THR E 305 -14.26 15.86 40.18
C THR E 305 -13.20 16.02 39.06
N LYS E 306 -12.33 17.03 39.18
CA LYS E 306 -11.28 17.38 38.19
C LYS E 306 -9.89 17.01 38.74
N THR E 307 -9.56 17.57 39.92
CA THR E 307 -8.20 17.57 40.52
C THR E 307 -8.19 17.01 41.95
N GLY E 308 -9.38 16.81 42.55
CA GLY E 308 -9.53 16.46 43.97
C GLY E 308 -9.12 17.59 44.91
N ASN E 309 -9.10 18.83 44.36
CA ASN E 309 -8.76 20.09 45.07
C ASN E 309 -7.34 20.03 45.64
N ALA E 310 -6.41 19.37 44.93
CA ALA E 310 -5.09 19.04 45.53
C ALA E 310 -4.15 20.26 45.48
N GLY E 311 -4.55 21.33 44.79
CA GLY E 311 -3.80 22.57 44.84
C GLY E 311 -2.58 22.50 43.92
N SER E 312 -1.62 23.39 44.15
CA SER E 312 -0.54 23.59 43.22
C SER E 312 0.40 22.38 43.22
N ARG E 313 1.23 22.34 42.18
CA ARG E 313 2.14 21.25 41.87
C ARG E 313 3.50 21.63 42.45
N LEU E 314 3.91 20.92 43.50
CA LEU E 314 5.10 21.23 44.28
C LEU E 314 6.37 20.70 43.59
N ALA E 315 6.30 19.47 43.10
CA ALA E 315 7.41 18.84 42.37
C ALA E 315 6.82 17.83 41.38
N CYS E 316 7.61 17.57 40.33
CA CYS E 316 7.24 16.62 39.32
C CYS E 316 8.47 16.08 38.60
N GLY E 317 8.24 15.06 37.80
CA GLY E 317 9.26 14.45 36.96
C GLY E 317 8.61 13.59 35.90
N VAL E 318 9.34 13.39 34.80
CA VAL E 318 8.94 12.46 33.74
C VAL E 318 9.28 11.05 34.21
N ILE E 319 8.34 10.13 34.01
CA ILE E 319 8.50 8.76 34.36
C ILE E 319 9.28 8.08 33.22
N GLY E 320 10.44 7.56 33.57
CA GLY E 320 11.35 6.97 32.61
C GLY E 320 11.57 5.50 32.87
N ILE E 321 12.02 4.83 31.82
CA ILE E 321 12.36 3.42 31.85
C ILE E 321 13.61 3.27 32.73
N ALA E 322 13.57 2.34 33.68
CA ALA E 322 14.71 2.08 34.61
C ALA E 322 15.36 0.75 34.20
N GLN E 323 16.61 0.50 34.61
CA GLN E 323 17.20 -0.84 34.35
C GLN E 323 16.57 -1.86 35.27
ZN ZN F . -21.40 -44.31 -15.79
CU CU G . -16.07 -40.39 -15.23
CU CU G . -16.86 -40.06 -15.39
ZN ZN H . 11.80 -51.20 -35.73
CU CU I . 10.98 -45.91 -31.92
CU CU I . 12.18 -46.43 -32.20
ZN ZN J . -14.38 25.54 20.59
CU CU K . -10.65 30.84 21.34
ZN ZN L . -2.81 47.50 -9.98
CU CU M . -1.29 48.87 -3.66
CU CU M . -0.67 48.84 -4.48
ZN ZN N . -6.69 32.46 -31.89
CU CU O . -8.27 26.32 -33.98
CU CU O . -8.93 26.99 -33.48
ZN ZN P . 14.72 1.06 -22.61
CU CU Q . 8.94 0.63 -25.99
CU CU Q . 9.89 0.15 -26.10
C1 MLI R . 14.76 27.75 -24.28
C2 MLI R . 15.98 26.95 -24.68
C3 MLI R . 14.39 27.53 -22.82
O6 MLI R . 16.80 26.59 -23.80
O7 MLI R . 16.13 26.68 -25.89
O8 MLI R . 14.44 28.51 -22.06
O9 MLI R . 14.05 26.40 -22.43
ZN ZN S . 2.67 -7.71 -0.23
CU CU T . -0.59 -13.56 0.16
CU CU T . -0.78 -12.62 -0.37
ZN ZN U . -4.28 -26.45 33.31
CU CU V . -6.97 -28.34 27.45
CU CU V . -6.42 -28.92 28.21
ZN ZN W . 25.69 4.79 19.78
CU CU X . 25.13 9.80 24.18
CU CU X . 25.85 9.03 23.99
ZN ZN Y . -7.61 12.61 38.83
CU CU Z . -1.94 15.95 40.16
CU CU Z . -2.78 16.40 39.97
#